data_2X7B
# 
_entry.id   2X7B 
# 
_audit_conform.dict_name       mmcif_pdbx.dic 
_audit_conform.dict_version    5.383 
_audit_conform.dict_location   http://mmcif.pdb.org/dictionaries/ascii/mmcif_pdbx.dic 
# 
loop_
_database_2.database_id 
_database_2.database_code 
_database_2.pdbx_database_accession 
_database_2.pdbx_DOI 
PDB   2X7B         pdb_00002x7b 10.2210/pdb2x7b/pdb 
PDBE  EBI-43040    ?            ?                   
WWPDB D_1290043040 ?            ?                   
# 
_pdbx_database_status.status_code                     REL 
_pdbx_database_status.entry_id                        2X7B 
_pdbx_database_status.deposit_site                    PDBE 
_pdbx_database_status.process_site                    PDBE 
_pdbx_database_status.SG_entry                        . 
_pdbx_database_status.recvd_initial_deposition_date   2010-02-25 
_pdbx_database_status.pdb_format_compatible           Y 
_pdbx_database_status.status_code_sf                  REL 
_pdbx_database_status.status_code_mr                  ? 
_pdbx_database_status.status_code_cs                  ? 
_pdbx_database_status.methods_development_category    ? 
_pdbx_database_status.status_code_nmr_data            ? 
# 
loop_
_audit_author.name 
_audit_author.pdbx_ordinal 
'Oke, M.'        1 
'Carter, L.G.'   2 
'Johnson, K.A.'  3 
'Liu, H.'        4 
'Mcmahon, S.A.'  5 
'Mackay, D.'     6 
'White, M.F.'    7 
'Taylor, G.L.'   8 
'Naismith, J.H.' 9 
# 
_citation.id                        primary 
_citation.title                     'The Scottish Structural Proteomics Facility: Targets, Methods and Outputs.' 
_citation.journal_abbrev            J.Struct.Funct.Genomics 
_citation.journal_volume            11 
_citation.page_first                167 
_citation.page_last                 ? 
_citation.year                      2010 
_citation.journal_id_ASTM           ? 
_citation.country                   NE 
_citation.journal_id_ISSN           1345-711X 
_citation.journal_id_CSD            ? 
_citation.book_publisher            ? 
_citation.pdbx_database_id_PubMed   20419351 
_citation.pdbx_database_id_DOI      10.1007/S10969-010-9090-Y 
# 
loop_
_citation_author.citation_id 
_citation_author.name 
_citation_author.ordinal 
_citation_author.identifier_ORCID 
primary 'Oke, M.'             1  ? 
primary 'Carter, L.G.'        2  ? 
primary 'Johnson, K.A.'       3  ? 
primary 'Liu, H.'             4  ? 
primary 'Mcmahon, S.A.'       5  ? 
primary 'Yan, X.'             6  ? 
primary 'Kerou, M.'           7  ? 
primary 'Weikart, N.D.'       8  ? 
primary 'Kadi, N.'            9  ? 
primary 'Sheikh, M.A.'        10 ? 
primary 'Schmelz, S.'         11 ? 
primary 'Dorward, M.'         12 ? 
primary 'Zawadzki, M.'        13 ? 
primary 'Cozens, C.'          14 ? 
primary 'Falconer, H.'        15 ? 
primary 'Powers, H.'          16 ? 
primary 'Overton, I.M.'       17 ? 
primary 'Van Niekerk, C.A.J.' 18 ? 
primary 'Peng, X.'            19 ? 
primary 'Patel, P.'           20 ? 
primary 'Garrett, R.A.'       21 ? 
primary 'Prangishvili, D.'    22 ? 
primary 'Botting, C.H.'       23 ? 
primary 'Coote, P.J.'         24 ? 
primary 'Dryden, D.T.F.'      25 ? 
primary 'Barton, G.J.'        26 ? 
primary 'Schwarz-Linek, U.'   27 ? 
primary 'Challis, G.L.'       28 ? 
primary 'Taylor, G.L.'        29 ? 
primary 'White, M.F.'         30 ? 
primary 'Naismith, J.H.'      31 ? 
# 
_cell.entry_id           2X7B 
_cell.length_a           100.440 
_cell.length_b           34.610 
_cell.length_c           49.830 
_cell.angle_alpha        90.00 
_cell.angle_beta         98.00 
_cell.angle_gamma        90.00 
_cell.Z_PDB              4 
_cell.pdbx_unique_axis   ? 
# 
_symmetry.entry_id                         2X7B 
_symmetry.space_group_name_H-M             'C 1 2 1' 
_symmetry.pdbx_full_space_group_name_H-M   ? 
_symmetry.cell_setting                     ? 
_symmetry.Int_Tables_number                5 
# 
loop_
_entity.id 
_entity.type 
_entity.src_method 
_entity.pdbx_description 
_entity.formula_weight 
_entity.pdbx_number_of_molecules 
_entity.pdbx_ec 
_entity.pdbx_mutation 
_entity.pdbx_fragment 
_entity.details 
1 polymer     man 'N-ACETYLTRANSFERASE SSO0209' 19530.611 1  2.3.1.- ? ? ? 
2 non-polymer syn 'COENZYME A'                  767.534   1  ?       ? ? ? 
3 non-polymer syn 'CHLORIDE ION'                35.453    1  ?       ? ? ? 
4 water       nat water                         18.015    67 ?       ? ? ? 
# 
_entity_poly.entity_id                      1 
_entity_poly.type                           'polypeptide(L)' 
_entity_poly.nstd_linkage                   no 
_entity_poly.nstd_monomer                   no 
_entity_poly.pdbx_seq_one_letter_code       
;GMELAEKDKGRDFTLRNARMDDIDQIIKINRLTLPENYPYYFFVEHLKEYGLAFFVAIVDNSVVGYIMPRIEWGFSNIKQ
LPSLVRKGHVVSIAVLEEYRRKGIATTLLEASMKSMKNDYNAEEIYLEVRVSNYPAIALYEKLNFKKVKVLKGYYADGED
AYLMARPL
;
_entity_poly.pdbx_seq_one_letter_code_can   
;GMELAEKDKGRDFTLRNARMDDIDQIIKINRLTLPENYPYYFFVEHLKEYGLAFFVAIVDNSVVGYIMPRIEWGFSNIKQ
LPSLVRKGHVVSIAVLEEYRRKGIATTLLEASMKSMKNDYNAEEIYLEVRVSNYPAIALYEKLNFKKVKVLKGYYADGED
AYLMARPL
;
_entity_poly.pdbx_strand_id                 A 
_entity_poly.pdbx_target_identifier         ? 
# 
loop_
_entity_poly_seq.entity_id 
_entity_poly_seq.num 
_entity_poly_seq.mon_id 
_entity_poly_seq.hetero 
1 1   GLY n 
1 2   MET n 
1 3   GLU n 
1 4   LEU n 
1 5   ALA n 
1 6   GLU n 
1 7   LYS n 
1 8   ASP n 
1 9   LYS n 
1 10  GLY n 
1 11  ARG n 
1 12  ASP n 
1 13  PHE n 
1 14  THR n 
1 15  LEU n 
1 16  ARG n 
1 17  ASN n 
1 18  ALA n 
1 19  ARG n 
1 20  MET n 
1 21  ASP n 
1 22  ASP n 
1 23  ILE n 
1 24  ASP n 
1 25  GLN n 
1 26  ILE n 
1 27  ILE n 
1 28  LYS n 
1 29  ILE n 
1 30  ASN n 
1 31  ARG n 
1 32  LEU n 
1 33  THR n 
1 34  LEU n 
1 35  PRO n 
1 36  GLU n 
1 37  ASN n 
1 38  TYR n 
1 39  PRO n 
1 40  TYR n 
1 41  TYR n 
1 42  PHE n 
1 43  PHE n 
1 44  VAL n 
1 45  GLU n 
1 46  HIS n 
1 47  LEU n 
1 48  LYS n 
1 49  GLU n 
1 50  TYR n 
1 51  GLY n 
1 52  LEU n 
1 53  ALA n 
1 54  PHE n 
1 55  PHE n 
1 56  VAL n 
1 57  ALA n 
1 58  ILE n 
1 59  VAL n 
1 60  ASP n 
1 61  ASN n 
1 62  SER n 
1 63  VAL n 
1 64  VAL n 
1 65  GLY n 
1 66  TYR n 
1 67  ILE n 
1 68  MET n 
1 69  PRO n 
1 70  ARG n 
1 71  ILE n 
1 72  GLU n 
1 73  TRP n 
1 74  GLY n 
1 75  PHE n 
1 76  SER n 
1 77  ASN n 
1 78  ILE n 
1 79  LYS n 
1 80  GLN n 
1 81  LEU n 
1 82  PRO n 
1 83  SER n 
1 84  LEU n 
1 85  VAL n 
1 86  ARG n 
1 87  LYS n 
1 88  GLY n 
1 89  HIS n 
1 90  VAL n 
1 91  VAL n 
1 92  SER n 
1 93  ILE n 
1 94  ALA n 
1 95  VAL n 
1 96  LEU n 
1 97  GLU n 
1 98  GLU n 
1 99  TYR n 
1 100 ARG n 
1 101 ARG n 
1 102 LYS n 
1 103 GLY n 
1 104 ILE n 
1 105 ALA n 
1 106 THR n 
1 107 THR n 
1 108 LEU n 
1 109 LEU n 
1 110 GLU n 
1 111 ALA n 
1 112 SER n 
1 113 MET n 
1 114 LYS n 
1 115 SER n 
1 116 MET n 
1 117 LYS n 
1 118 ASN n 
1 119 ASP n 
1 120 TYR n 
1 121 ASN n 
1 122 ALA n 
1 123 GLU n 
1 124 GLU n 
1 125 ILE n 
1 126 TYR n 
1 127 LEU n 
1 128 GLU n 
1 129 VAL n 
1 130 ARG n 
1 131 VAL n 
1 132 SER n 
1 133 ASN n 
1 134 TYR n 
1 135 PRO n 
1 136 ALA n 
1 137 ILE n 
1 138 ALA n 
1 139 LEU n 
1 140 TYR n 
1 141 GLU n 
1 142 LYS n 
1 143 LEU n 
1 144 ASN n 
1 145 PHE n 
1 146 LYS n 
1 147 LYS n 
1 148 VAL n 
1 149 LYS n 
1 150 VAL n 
1 151 LEU n 
1 152 LYS n 
1 153 GLY n 
1 154 TYR n 
1 155 TYR n 
1 156 ALA n 
1 157 ASP n 
1 158 GLY n 
1 159 GLU n 
1 160 ASP n 
1 161 ALA n 
1 162 TYR n 
1 163 LEU n 
1 164 MET n 
1 165 ALA n 
1 166 ARG n 
1 167 PRO n 
1 168 LEU n 
# 
_entity_src_gen.entity_id                          1 
_entity_src_gen.pdbx_src_id                        1 
_entity_src_gen.pdbx_alt_source_flag               sample 
_entity_src_gen.pdbx_seq_type                      ? 
_entity_src_gen.pdbx_beg_seq_num                   ? 
_entity_src_gen.pdbx_end_seq_num                   ? 
_entity_src_gen.gene_src_common_name               ? 
_entity_src_gen.gene_src_genus                     ? 
_entity_src_gen.pdbx_gene_src_gene                 ? 
_entity_src_gen.gene_src_species                   ? 
_entity_src_gen.gene_src_strain                    P2 
_entity_src_gen.gene_src_tissue                    ? 
_entity_src_gen.gene_src_tissue_fraction           ? 
_entity_src_gen.gene_src_details                   ? 
_entity_src_gen.pdbx_gene_src_fragment             ? 
_entity_src_gen.pdbx_gene_src_scientific_name      'SULFOLOBUS SOLFATARICUS' 
_entity_src_gen.pdbx_gene_src_ncbi_taxonomy_id     273057 
_entity_src_gen.pdbx_gene_src_variant              ? 
_entity_src_gen.pdbx_gene_src_cell_line            ? 
_entity_src_gen.pdbx_gene_src_atcc                 ? 
_entity_src_gen.pdbx_gene_src_organ                ? 
_entity_src_gen.pdbx_gene_src_organelle            ? 
_entity_src_gen.pdbx_gene_src_cell                 ? 
_entity_src_gen.pdbx_gene_src_cellular_location    ? 
_entity_src_gen.host_org_common_name               ? 
_entity_src_gen.pdbx_host_org_scientific_name      'ESCHERICHIA COLI' 
_entity_src_gen.pdbx_host_org_ncbi_taxonomy_id     469008 
_entity_src_gen.host_org_genus                     ? 
_entity_src_gen.pdbx_host_org_gene                 ? 
_entity_src_gen.pdbx_host_org_organ                ? 
_entity_src_gen.host_org_species                   ? 
_entity_src_gen.pdbx_host_org_tissue               ? 
_entity_src_gen.pdbx_host_org_tissue_fraction      ? 
_entity_src_gen.pdbx_host_org_strain               'BL21(DE3)' 
_entity_src_gen.pdbx_host_org_variant              ? 
_entity_src_gen.pdbx_host_org_cell_line            ? 
_entity_src_gen.pdbx_host_org_atcc                 ? 
_entity_src_gen.pdbx_host_org_culture_collection   ? 
_entity_src_gen.pdbx_host_org_cell                 ? 
_entity_src_gen.pdbx_host_org_organelle            ? 
_entity_src_gen.pdbx_host_org_cellular_location    ? 
_entity_src_gen.pdbx_host_org_vector_type          PLASMID 
_entity_src_gen.pdbx_host_org_vector               ? 
_entity_src_gen.host_org_details                   ? 
_entity_src_gen.expression_system_id               ? 
_entity_src_gen.plasmid_name                       PDEST14 
_entity_src_gen.plasmid_details                    ? 
_entity_src_gen.pdbx_description                   ? 
# 
_struct_ref.id                         1 
_struct_ref.db_name                    UNP 
_struct_ref.db_code                    Y209_SULSO 
_struct_ref.entity_id                  1 
_struct_ref.pdbx_seq_one_letter_code   ? 
_struct_ref.pdbx_align_begin           ? 
_struct_ref.pdbx_db_accession          Q980R9 
_struct_ref.pdbx_db_isoform            ? 
# 
_struct_ref_seq.align_id                      1 
_struct_ref_seq.ref_id                        1 
_struct_ref_seq.pdbx_PDB_id_code              2X7B 
_struct_ref_seq.pdbx_strand_id                A 
_struct_ref_seq.seq_align_beg                 2 
_struct_ref_seq.pdbx_seq_align_beg_ins_code   ? 
_struct_ref_seq.seq_align_end                 168 
_struct_ref_seq.pdbx_seq_align_end_ins_code   ? 
_struct_ref_seq.pdbx_db_accession             Q980R9 
_struct_ref_seq.db_align_beg                  1 
_struct_ref_seq.pdbx_db_align_beg_ins_code    ? 
_struct_ref_seq.db_align_end                  167 
_struct_ref_seq.pdbx_db_align_end_ins_code    ? 
_struct_ref_seq.pdbx_auth_seq_align_beg       1 
_struct_ref_seq.pdbx_auth_seq_align_end       167 
# 
_struct_ref_seq_dif.align_id                     1 
_struct_ref_seq_dif.pdbx_pdb_id_code             2X7B 
_struct_ref_seq_dif.mon_id                       GLY 
_struct_ref_seq_dif.pdbx_pdb_strand_id           A 
_struct_ref_seq_dif.seq_num                      1 
_struct_ref_seq_dif.pdbx_pdb_ins_code            ? 
_struct_ref_seq_dif.pdbx_seq_db_name             UNP 
_struct_ref_seq_dif.pdbx_seq_db_accession_code   Q980R9 
_struct_ref_seq_dif.db_mon_id                    ? 
_struct_ref_seq_dif.pdbx_seq_db_seq_num          ? 
_struct_ref_seq_dif.details                      'expression tag' 
_struct_ref_seq_dif.pdbx_auth_seq_num            0 
_struct_ref_seq_dif.pdbx_ordinal                 1 
# 
loop_
_chem_comp.id 
_chem_comp.type 
_chem_comp.mon_nstd_flag 
_chem_comp.name 
_chem_comp.pdbx_synonyms 
_chem_comp.formula 
_chem_comp.formula_weight 
ALA 'L-peptide linking' y ALANINE         ? 'C3 H7 N O2'          89.093  
ARG 'L-peptide linking' y ARGININE        ? 'C6 H15 N4 O2 1'      175.209 
ASN 'L-peptide linking' y ASPARAGINE      ? 'C4 H8 N2 O3'         132.118 
ASP 'L-peptide linking' y 'ASPARTIC ACID' ? 'C4 H7 N O4'          133.103 
CL  non-polymer         . 'CHLORIDE ION'  ? 'Cl -1'               35.453  
COA non-polymer         . 'COENZYME A'    ? 'C21 H36 N7 O16 P3 S' 767.534 
GLN 'L-peptide linking' y GLUTAMINE       ? 'C5 H10 N2 O3'        146.144 
GLU 'L-peptide linking' y 'GLUTAMIC ACID' ? 'C5 H9 N O4'          147.129 
GLY 'peptide linking'   y GLYCINE         ? 'C2 H5 N O2'          75.067  
HIS 'L-peptide linking' y HISTIDINE       ? 'C6 H10 N3 O2 1'      156.162 
HOH non-polymer         . WATER           ? 'H2 O'                18.015  
ILE 'L-peptide linking' y ISOLEUCINE      ? 'C6 H13 N O2'         131.173 
LEU 'L-peptide linking' y LEUCINE         ? 'C6 H13 N O2'         131.173 
LYS 'L-peptide linking' y LYSINE          ? 'C6 H15 N2 O2 1'      147.195 
MET 'L-peptide linking' y METHIONINE      ? 'C5 H11 N O2 S'       149.211 
PHE 'L-peptide linking' y PHENYLALANINE   ? 'C9 H11 N O2'         165.189 
PRO 'L-peptide linking' y PROLINE         ? 'C5 H9 N O2'          115.130 
SER 'L-peptide linking' y SERINE          ? 'C3 H7 N O3'          105.093 
THR 'L-peptide linking' y THREONINE       ? 'C4 H9 N O3'          119.119 
TRP 'L-peptide linking' y TRYPTOPHAN      ? 'C11 H12 N2 O2'       204.225 
TYR 'L-peptide linking' y TYROSINE        ? 'C9 H11 N O3'         181.189 
VAL 'L-peptide linking' y VALINE          ? 'C5 H11 N O2'         117.146 
# 
_exptl.entry_id          2X7B 
_exptl.method            'X-RAY DIFFRACTION' 
_exptl.crystals_number   1 
# 
_exptl_crystal.id                    1 
_exptl_crystal.density_meas          ? 
_exptl_crystal.density_Matthews      2.21 
_exptl_crystal.density_percent_sol   44 
_exptl_crystal.description           NONE 
# 
_exptl_crystal_grow.crystal_id      1 
_exptl_crystal_grow.method          ? 
_exptl_crystal_grow.temp            ? 
_exptl_crystal_grow.temp_details    ? 
_exptl_crystal_grow.pH              5.5 
_exptl_crystal_grow.pdbx_pH_range   ? 
_exptl_crystal_grow.pdbx_details    '25% PEG3350, 0.1M BIS-TRIS PH 5.5, 0.2 M NACL' 
# 
_diffrn.id                     1 
_diffrn.ambient_temp           100 
_diffrn.ambient_temp_details   ? 
_diffrn.crystal_id             1 
# 
_diffrn_detector.diffrn_id              1 
_diffrn_detector.detector               CCD 
_diffrn_detector.type                   'ADSC CCD' 
_diffrn_detector.pdbx_collection_date   2008-07-03 
_diffrn_detector.details                MIRRORS 
# 
_diffrn_radiation.diffrn_id                        1 
_diffrn_radiation.wavelength_id                    1 
_diffrn_radiation.pdbx_monochromatic_or_laue_m_l   M 
_diffrn_radiation.monochromator                    'SI(111)' 
_diffrn_radiation.pdbx_diffrn_protocol             'SINGLE WAVELENGTH' 
_diffrn_radiation.pdbx_scattering_type             x-ray 
# 
_diffrn_radiation_wavelength.id           1 
_diffrn_radiation_wavelength.wavelength   0.939 
_diffrn_radiation_wavelength.wt           1.0 
# 
_diffrn_source.diffrn_id                   1 
_diffrn_source.source                      SYNCHROTRON 
_diffrn_source.type                        'ESRF BEAMLINE ID14-4' 
_diffrn_source.pdbx_synchrotron_site       ESRF 
_diffrn_source.pdbx_synchrotron_beamline   ID14-4 
_diffrn_source.pdbx_wavelength             0.939 
_diffrn_source.pdbx_wavelength_list        ? 
# 
_reflns.pdbx_diffrn_id               1 
_reflns.pdbx_ordinal                 1 
_reflns.entry_id                     2X7B 
_reflns.observed_criterion_sigma_I   0.0 
_reflns.observed_criterion_sigma_F   ? 
_reflns.d_resolution_low             27.84 
_reflns.d_resolution_high            1.95 
_reflns.number_obs                   11101 
_reflns.number_all                   ? 
_reflns.percent_possible_obs         91.2 
_reflns.pdbx_Rmerge_I_obs            0.05 
_reflns.pdbx_Rsym_value              ? 
_reflns.pdbx_netI_over_sigmaI        19.50 
_reflns.B_iso_Wilson_estimate        ? 
_reflns.pdbx_redundancy              3.78 
# 
_reflns_shell.pdbx_diffrn_id         1 
_reflns_shell.pdbx_ordinal           1 
_reflns_shell.d_res_high             1.95 
_reflns_shell.d_res_low              2.00 
_reflns_shell.percent_possible_all   93.8 
_reflns_shell.Rmerge_I_obs           0.22 
_reflns_shell.pdbx_Rsym_value        ? 
_reflns_shell.meanI_over_sigI_obs    8.80 
_reflns_shell.pdbx_redundancy        3.74 
# 
_refine.pdbx_refine_id                           'X-RAY DIFFRACTION' 
_refine.entry_id                                 2X7B 
_refine.pdbx_diffrn_id                           1 
_refine.pdbx_TLS_residual_ADP_flag               ? 
_refine.ls_number_reflns_obs                     11101 
_refine.ls_number_reflns_all                     ? 
_refine.pdbx_ls_sigma_I                          ? 
_refine.pdbx_ls_sigma_F                          . 
_refine.pdbx_data_cutoff_high_absF               ? 
_refine.pdbx_data_cutoff_low_absF                ? 
_refine.pdbx_data_cutoff_high_rms_absF           ? 
_refine.ls_d_res_low                             27.84 
_refine.ls_d_res_high                            1.95 
_refine.ls_percent_reflns_obs                    92.41 
_refine.ls_R_factor_obs                          0.20194 
_refine.ls_R_factor_all                          ? 
_refine.ls_R_factor_R_work                       0.19950 
_refine.ls_R_factor_R_free                       0.25009 
_refine.ls_R_factor_R_free_error                 ? 
_refine.ls_R_factor_R_free_error_details         ? 
_refine.ls_percent_reflns_R_free                 4.8 
_refine.ls_number_reflns_R_free                  556 
_refine.ls_number_parameters                     ? 
_refine.ls_number_restraints                     ? 
_refine.occupancy_min                            ? 
_refine.occupancy_max                            ? 
_refine.correlation_coeff_Fo_to_Fc               0.938 
_refine.correlation_coeff_Fo_to_Fc_free          0.913 
_refine.B_iso_mean                               19.479 
_refine.aniso_B[1][1]                            -0.01 
_refine.aniso_B[2][2]                            0.00 
_refine.aniso_B[3][3]                            0.01 
_refine.aniso_B[1][2]                            0.00 
_refine.aniso_B[1][3]                            0.01 
_refine.aniso_B[2][3]                            0.00 
_refine.solvent_model_details                    MASK 
_refine.solvent_model_param_ksol                 ? 
_refine.solvent_model_param_bsol                 ? 
_refine.pdbx_solvent_vdw_probe_radii             1.40 
_refine.pdbx_solvent_ion_probe_radii             0.80 
_refine.pdbx_solvent_shrinkage_radii             0.80 
_refine.pdbx_ls_cross_valid_method               THROUGHOUT 
_refine.details                                  
'HYDROGENS HAVE BEEN ADDED IN THE RIDING POSITIONS. THE FIRST 10 RESIDUES AND THE FINAL RESIDUE ARE DISORDERED.' 
_refine.pdbx_starting_model                      'PDB ENTRY 2OB0' 
_refine.pdbx_method_to_determine_struct          'MOLECULAR REPLACEMENT' 
_refine.pdbx_isotropic_thermal_model             ? 
_refine.pdbx_stereochemistry_target_values       'MAXIMUM LIKELIHOOD' 
_refine.pdbx_stereochem_target_val_spec_case     ? 
_refine.pdbx_R_Free_selection_details            RANDOM 
_refine.pdbx_overall_ESU_R                       0.206 
_refine.pdbx_overall_ESU_R_Free                  0.181 
_refine.overall_SU_ML                            0.117 
_refine.pdbx_overall_phase_error                 ? 
_refine.overall_SU_B                             4.026 
_refine.overall_SU_R_Cruickshank_DPI             ? 
_refine.pdbx_overall_SU_R_free_Cruickshank_DPI   ? 
_refine.pdbx_overall_SU_R_Blow_DPI               ? 
_refine.pdbx_overall_SU_R_free_Blow_DPI          ? 
# 
_refine_hist.pdbx_refine_id                   'X-RAY DIFFRACTION' 
_refine_hist.cycle_id                         LAST 
_refine_hist.pdbx_number_atoms_protein        1283 
_refine_hist.pdbx_number_atoms_nucleic_acid   0 
_refine_hist.pdbx_number_atoms_ligand         49 
_refine_hist.number_atoms_solvent             67 
_refine_hist.number_atoms_total               1399 
_refine_hist.d_res_high                       1.95 
_refine_hist.d_res_low                        27.84 
# 
loop_
_refine_ls_restr.type 
_refine_ls_restr.dev_ideal 
_refine_ls_restr.dev_ideal_target 
_refine_ls_restr.weight 
_refine_ls_restr.number 
_refine_ls_restr.pdbx_refine_id 
_refine_ls_restr.pdbx_restraint_function 
r_bond_refined_d             0.011  0.022  ? 1373 'X-RAY DIFFRACTION' ? 
r_bond_other_d               ?      ?      ? ?    'X-RAY DIFFRACTION' ? 
r_angle_refined_deg          1.426  2.014  ? 1863 'X-RAY DIFFRACTION' ? 
r_angle_other_deg            ?      ?      ? ?    'X-RAY DIFFRACTION' ? 
r_dihedral_angle_1_deg       6.308  5.000  ? 155  'X-RAY DIFFRACTION' ? 
r_dihedral_angle_2_deg       36.567 23.438 ? 64   'X-RAY DIFFRACTION' ? 
r_dihedral_angle_3_deg       14.416 15.000 ? 237  'X-RAY DIFFRACTION' ? 
r_dihedral_angle_4_deg       17.443 15.000 ? 9    'X-RAY DIFFRACTION' ? 
r_chiral_restr               0.101  0.200  ? 198  'X-RAY DIFFRACTION' ? 
r_gen_planes_refined         0.006  0.021  ? 1013 'X-RAY DIFFRACTION' ? 
r_gen_planes_other           ?      ?      ? ?    'X-RAY DIFFRACTION' ? 
r_nbd_refined                ?      ?      ? ?    'X-RAY DIFFRACTION' ? 
r_nbd_other                  ?      ?      ? ?    'X-RAY DIFFRACTION' ? 
r_nbtor_refined              ?      ?      ? ?    'X-RAY DIFFRACTION' ? 
r_nbtor_other                ?      ?      ? ?    'X-RAY DIFFRACTION' ? 
r_xyhbond_nbd_refined        ?      ?      ? ?    'X-RAY DIFFRACTION' ? 
r_xyhbond_nbd_other          ?      ?      ? ?    'X-RAY DIFFRACTION' ? 
r_metal_ion_refined          ?      ?      ? ?    'X-RAY DIFFRACTION' ? 
r_metal_ion_other            ?      ?      ? ?    'X-RAY DIFFRACTION' ? 
r_symmetry_vdw_refined       ?      ?      ? ?    'X-RAY DIFFRACTION' ? 
r_symmetry_vdw_other         ?      ?      ? ?    'X-RAY DIFFRACTION' ? 
r_symmetry_hbond_refined     ?      ?      ? ?    'X-RAY DIFFRACTION' ? 
r_symmetry_hbond_other       ?      ?      ? ?    'X-RAY DIFFRACTION' ? 
r_symmetry_metal_ion_refined ?      ?      ? ?    'X-RAY DIFFRACTION' ? 
r_symmetry_metal_ion_other   ?      ?      ? ?    'X-RAY DIFFRACTION' ? 
r_mcbond_it                  0.857  1.500  ? 779  'X-RAY DIFFRACTION' ? 
r_mcbond_other               ?      ?      ? ?    'X-RAY DIFFRACTION' ? 
r_mcangle_it                 1.630  2.000  ? 1262 'X-RAY DIFFRACTION' ? 
r_mcangle_other              ?      ?      ? ?    'X-RAY DIFFRACTION' ? 
r_scbond_it                  2.184  3.000  ? 594  'X-RAY DIFFRACTION' ? 
r_scbond_other               ?      ?      ? ?    'X-RAY DIFFRACTION' ? 
r_scangle_it                 3.673  4.500  ? 601  'X-RAY DIFFRACTION' ? 
r_scangle_other              ?      ?      ? ?    'X-RAY DIFFRACTION' ? 
r_long_range_B_refined       ?      ?      ? ?    'X-RAY DIFFRACTION' ? 
r_long_range_B_other         ?      ?      ? ?    'X-RAY DIFFRACTION' ? 
r_rigid_bond_restr           ?      ?      ? ?    'X-RAY DIFFRACTION' ? 
r_sphericity_free            ?      ?      ? ?    'X-RAY DIFFRACTION' ? 
r_sphericity_bonded          ?      ?      ? ?    'X-RAY DIFFRACTION' ? 
# 
_refine_ls_shell.pdbx_refine_id                   'X-RAY DIFFRACTION' 
_refine_ls_shell.pdbx_total_number_of_bins_used   20 
_refine_ls_shell.d_res_high                       1.950 
_refine_ls_shell.d_res_low                        2.000 
_refine_ls_shell.number_reflns_R_work             856 
_refine_ls_shell.R_factor_R_work                  0.244 
_refine_ls_shell.percent_reflns_obs               98.90 
_refine_ls_shell.R_factor_R_free                  0.292 
_refine_ls_shell.R_factor_R_free_error            ? 
_refine_ls_shell.percent_reflns_R_free            ? 
_refine_ls_shell.number_reflns_R_free             42 
_refine_ls_shell.number_reflns_all                ? 
_refine_ls_shell.R_factor_all                     ? 
# 
_struct.entry_id                  2X7B 
_struct.title                     'Crystal structure of the N-terminal acetylase Ard1 from Sulfolobus solfataricus P2' 
_struct.pdbx_model_details        ? 
_struct.pdbx_CASP_flag            ? 
_struct.pdbx_model_type_details   ? 
# 
_struct_keywords.entry_id        2X7B 
_struct_keywords.pdbx_keywords   TRANSFERASE 
_struct_keywords.text            TRANSFERASE 
# 
loop_
_struct_asym.id 
_struct_asym.pdbx_blank_PDB_chainid_flag 
_struct_asym.pdbx_modified 
_struct_asym.entity_id 
_struct_asym.details 
A N N 1 ? 
B N N 2 ? 
C N N 3 ? 
D N N 4 ? 
# 
_struct_biol.id   1 
# 
loop_
_struct_conf.conf_type_id 
_struct_conf.id 
_struct_conf.pdbx_PDB_helix_id 
_struct_conf.beg_label_comp_id 
_struct_conf.beg_label_asym_id 
_struct_conf.beg_label_seq_id 
_struct_conf.pdbx_beg_PDB_ins_code 
_struct_conf.end_label_comp_id 
_struct_conf.end_label_asym_id 
_struct_conf.end_label_seq_id 
_struct_conf.pdbx_end_PDB_ins_code 
_struct_conf.beg_auth_comp_id 
_struct_conf.beg_auth_asym_id 
_struct_conf.beg_auth_seq_id 
_struct_conf.end_auth_comp_id 
_struct_conf.end_auth_asym_id 
_struct_conf.end_auth_seq_id 
_struct_conf.pdbx_PDB_helix_class 
_struct_conf.details 
_struct_conf.pdbx_PDB_helix_length 
HELX_P HELX_P1 1 ARG A 19  ? ASP A 21  ? ARG A 18  ASP A 20  5 ? 3  
HELX_P HELX_P2 2 ASP A 22  ? LEU A 34  ? ASP A 21  LEU A 33  1 ? 13 
HELX_P HELX_P3 3 PRO A 39  ? GLY A 51  ? PRO A 38  GLY A 50  1 ? 13 
HELX_P HELX_P4 4 GLU A 97  ? ARG A 100 ? GLU A 96  ARG A 99  5 ? 4  
HELX_P HELX_P5 5 GLY A 103 ? ASP A 119 ? GLY A 102 ASP A 118 1 ? 17 
HELX_P HELX_P6 6 ASN A 133 ? LEU A 143 ? ASN A 132 LEU A 142 1 ? 11 
# 
_struct_conf_type.id          HELX_P 
_struct_conf_type.criteria    ? 
_struct_conf_type.reference   ? 
# 
_struct_sheet.id               AA 
_struct_sheet.type             ? 
_struct_sheet.number_strands   7 
_struct_sheet.details          ? 
# 
loop_
_struct_sheet_order.sheet_id 
_struct_sheet_order.range_id_1 
_struct_sheet_order.range_id_2 
_struct_sheet_order.offset 
_struct_sheet_order.sense 
AA 1 2 ? anti-parallel 
AA 2 3 ? anti-parallel 
AA 3 4 ? anti-parallel 
AA 4 5 ? parallel      
AA 5 6 ? anti-parallel 
AA 6 7 ? anti-parallel 
# 
loop_
_struct_sheet_range.sheet_id 
_struct_sheet_range.id 
_struct_sheet_range.beg_label_comp_id 
_struct_sheet_range.beg_label_asym_id 
_struct_sheet_range.beg_label_seq_id 
_struct_sheet_range.pdbx_beg_PDB_ins_code 
_struct_sheet_range.end_label_comp_id 
_struct_sheet_range.end_label_asym_id 
_struct_sheet_range.end_label_seq_id 
_struct_sheet_range.pdbx_end_PDB_ins_code 
_struct_sheet_range.beg_auth_comp_id 
_struct_sheet_range.beg_auth_asym_id 
_struct_sheet_range.beg_auth_seq_id 
_struct_sheet_range.end_auth_comp_id 
_struct_sheet_range.end_auth_asym_id 
_struct_sheet_range.end_auth_seq_id 
AA 1 THR A 14  ? ASN A 17  ? THR A 13  ASN A 16  
AA 2 PHE A 55  ? VAL A 59  ? PHE A 54  VAL A 58  
AA 3 SER A 62  ? PHE A 75  ? SER A 61  PHE A 74  
AA 4 LEU A 84  ? VAL A 95  ? LEU A 83  VAL A 94  
AA 5 GLU A 124 ? ARG A 130 ? GLU A 123 ARG A 129 
AA 6 ALA A 161 ? ARG A 166 ? ALA A 160 ARG A 165 
AA 7 LYS A 146 ? LEU A 151 ? LYS A 145 LEU A 150 
# 
loop_
_pdbx_struct_sheet_hbond.sheet_id 
_pdbx_struct_sheet_hbond.range_id_1 
_pdbx_struct_sheet_hbond.range_id_2 
_pdbx_struct_sheet_hbond.range_1_label_atom_id 
_pdbx_struct_sheet_hbond.range_1_label_comp_id 
_pdbx_struct_sheet_hbond.range_1_label_asym_id 
_pdbx_struct_sheet_hbond.range_1_label_seq_id 
_pdbx_struct_sheet_hbond.range_1_PDB_ins_code 
_pdbx_struct_sheet_hbond.range_1_auth_atom_id 
_pdbx_struct_sheet_hbond.range_1_auth_comp_id 
_pdbx_struct_sheet_hbond.range_1_auth_asym_id 
_pdbx_struct_sheet_hbond.range_1_auth_seq_id 
_pdbx_struct_sheet_hbond.range_2_label_atom_id 
_pdbx_struct_sheet_hbond.range_2_label_comp_id 
_pdbx_struct_sheet_hbond.range_2_label_asym_id 
_pdbx_struct_sheet_hbond.range_2_label_seq_id 
_pdbx_struct_sheet_hbond.range_2_PDB_ins_code 
_pdbx_struct_sheet_hbond.range_2_auth_atom_id 
_pdbx_struct_sheet_hbond.range_2_auth_comp_id 
_pdbx_struct_sheet_hbond.range_2_auth_asym_id 
_pdbx_struct_sheet_hbond.range_2_auth_seq_id 
AA 1 2 N ARG A 16  ? N ARG A 15  O VAL A 56  ? O VAL A 55  
AA 2 3 N VAL A 59  ? N VAL A 58  O SER A 62  ? O SER A 61  
AA 3 4 N GLY A 74  ? N GLY A 73  O VAL A 85  ? O VAL A 84  
AA 4 5 N GLY A 88  ? N GLY A 87  O GLU A 124 ? O GLU A 123 
AA 5 6 N VAL A 129 ? N VAL A 128 O TYR A 162 ? O TYR A 161 
AA 6 7 N ALA A 165 ? N ALA A 164 O LYS A 146 ? O LYS A 145 
# 
loop_
_struct_site.id 
_struct_site.pdbx_evidence_code 
_struct_site.pdbx_auth_asym_id 
_struct_site.pdbx_auth_comp_id 
_struct_site.pdbx_auth_seq_id 
_struct_site.pdbx_auth_ins_code 
_struct_site.pdbx_num_residues 
_struct_site.details 
AC1 Software A COA 201 ? 25 'BINDING SITE FOR RESIDUE COA A 201' 
AC2 Software A CL  202 ? 6  'BINDING SITE FOR RESIDUE CL A 202'  
# 
loop_
_struct_site_gen.id 
_struct_site_gen.site_id 
_struct_site_gen.pdbx_num_res 
_struct_site_gen.label_comp_id 
_struct_site_gen.label_asym_id 
_struct_site_gen.label_seq_id 
_struct_site_gen.pdbx_auth_ins_code 
_struct_site_gen.auth_comp_id 
_struct_site_gen.auth_asym_id 
_struct_site_gen.auth_seq_id 
_struct_site_gen.label_atom_id 
_struct_site_gen.label_alt_id 
_struct_site_gen.symmetry 
_struct_site_gen.details 
1  AC1 25 LEU A 34  ? LEU A 33   . ? 1_555 ? 
2  AC1 25 ILE A 93  ? ILE A 92   . ? 1_555 ? 
3  AC1 25 ALA A 94  ? ALA A 93   . ? 1_555 ? 
4  AC1 25 VAL A 95  ? VAL A 94   . ? 1_555 ? 
5  AC1 25 ARG A 100 ? ARG A 99   . ? 1_555 ? 
6  AC1 25 ARG A 101 ? ARG A 100  . ? 1_555 ? 
7  AC1 25 LYS A 102 ? LYS A 101  . ? 1_555 ? 
8  AC1 25 GLY A 103 ? GLY A 102  . ? 1_555 ? 
9  AC1 25 ILE A 104 ? ILE A 103  . ? 1_555 ? 
10 AC1 25 ALA A 105 ? ALA A 104  . ? 1_555 ? 
11 AC1 25 THR A 106 ? THR A 105  . ? 1_555 ? 
12 AC1 25 GLU A 128 ? GLU A 127  . ? 1_555 ? 
13 AC1 25 ASN A 133 ? ASN A 132  . ? 1_555 ? 
14 AC1 25 PRO A 135 ? PRO A 134  . ? 1_555 ? 
15 AC1 25 ALA A 138 ? ALA A 137  . ? 1_555 ? 
16 AC1 25 LEU A 139 ? LEU A 138  . ? 1_555 ? 
17 AC1 25 TYR A 140 ? TYR A 139  . ? 1_555 ? 
18 AC1 25 LYS A 142 ? LYS A 141  . ? 1_555 ? 
19 AC1 25 ARG A 166 ? ARG A 165  . ? 4_555 ? 
20 AC1 25 HOH D .   ? HOH A 2020 . ? 1_555 ? 
21 AC1 25 HOH D .   ? HOH A 2029 . ? 1_555 ? 
22 AC1 25 HOH D .   ? HOH A 2039 . ? 1_565 ? 
23 AC1 25 HOH D .   ? HOH A 2048 . ? 1_555 ? 
24 AC1 25 HOH D .   ? HOH A 2066 . ? 1_555 ? 
25 AC1 25 HOH D .   ? HOH A 2067 . ? 1_555 ? 
26 AC2 6  ARG A 130 ? ARG A 129  . ? 1_555 ? 
27 AC2 6  TYR A 155 ? TYR A 154  . ? 1_555 ? 
28 AC2 6  ALA A 156 ? ALA A 155  . ? 1_555 ? 
29 AC2 6  ASP A 157 ? ASP A 156  . ? 1_555 ? 
30 AC2 6  GLY A 158 ? GLY A 157  . ? 1_555 ? 
31 AC2 6  GLU A 159 ? GLU A 158  . ? 1_555 ? 
# 
_atom_sites.entry_id                    2X7B 
_atom_sites.fract_transf_matrix[1][1]   -0.00087563 
_atom_sites.fract_transf_matrix[1][2]   0.00990449 
_atom_sites.fract_transf_matrix[1][3]   0.00148776 
_atom_sites.fract_transf_matrix[2][1]   -0.01444519 
_atom_sites.fract_transf_matrix[2][2]   -0.00496114 
_atom_sites.fract_transf_matrix[2][3]   0.02452609 
_atom_sites.fract_transf_matrix[3][1]   0.01704609 
_atom_sites.fract_transf_matrix[3][2]   0.00277696 
_atom_sites.fract_transf_matrix[3][3]   0.01060140 
_atom_sites.fract_transf_vector[1]      0.329086 
_atom_sites.fract_transf_vector[2]      0.977748 
_atom_sites.fract_transf_vector[3]      0.271281 
# 
loop_
_atom_type.symbol 
C  
CL 
N  
O  
P  
S  
# 
loop_
_atom_site.group_PDB 
_atom_site.id 
_atom_site.type_symbol 
_atom_site.label_atom_id 
_atom_site.label_alt_id 
_atom_site.label_comp_id 
_atom_site.label_asym_id 
_atom_site.label_entity_id 
_atom_site.label_seq_id 
_atom_site.pdbx_PDB_ins_code 
_atom_site.Cartn_x 
_atom_site.Cartn_y 
_atom_site.Cartn_z 
_atom_site.occupancy 
_atom_site.B_iso_or_equiv 
_atom_site.pdbx_formal_charge 
_atom_site.auth_seq_id 
_atom_site.auth_comp_id 
_atom_site.auth_asym_id 
_atom_site.auth_atom_id 
_atom_site.pdbx_PDB_model_num 
ATOM   1    N  N   . ASP A 1 12  ? -20.188 9.921   -2.557  1.00 33.54 ? 11   ASP A N   1 
ATOM   2    C  CA  . ASP A 1 12  ? -19.167 9.243   -3.397  1.00 33.15 ? 11   ASP A CA  1 
ATOM   3    C  C   . ASP A 1 12  ? -17.799 9.924   -3.194  1.00 32.43 ? 11   ASP A C   1 
ATOM   4    O  O   . ASP A 1 12  ? -17.692 10.901  -2.443  1.00 32.73 ? 11   ASP A O   1 
ATOM   5    C  CB  . ASP A 1 12  ? -19.593 9.259   -4.861  1.00 33.25 ? 11   ASP A CB  1 
ATOM   6    C  CG  . ASP A 1 12  ? -19.212 7.991   -5.584  1.00 36.14 ? 11   ASP A CG  1 
ATOM   7    O  OD1 . ASP A 1 12  ? -19.021 8.044   -6.822  1.00 39.18 ? 11   ASP A OD1 1 
ATOM   8    O  OD2 . ASP A 1 12  ? -19.103 6.932   -4.918  1.00 37.51 ? 11   ASP A OD2 1 
ATOM   9    N  N   . PHE A 1 13  ? -16.763 9.411   -3.850  1.00 30.95 ? 12   PHE A N   1 
ATOM   10   C  CA  . PHE A 1 13  ? -15.398 9.877   -3.600  1.00 29.74 ? 12   PHE A CA  1 
ATOM   11   C  C   . PHE A 1 13  ? -14.636 10.014  -4.909  1.00 29.49 ? 12   PHE A C   1 
ATOM   12   O  O   . PHE A 1 13  ? -15.083 9.534   -5.952  1.00 29.67 ? 12   PHE A O   1 
ATOM   13   C  CB  . PHE A 1 13  ? -14.673 8.897   -2.660  1.00 29.03 ? 12   PHE A CB  1 
ATOM   14   C  CG  . PHE A 1 13  ? -14.497 7.511   -3.241  1.00 27.48 ? 12   PHE A CG  1 
ATOM   15   C  CD1 . PHE A 1 13  ? -13.377 7.199   -4.017  1.00 25.25 ? 12   PHE A CD1 1 
ATOM   16   C  CD2 . PHE A 1 13  ? -15.458 6.522   -3.024  1.00 25.61 ? 12   PHE A CD2 1 
ATOM   17   C  CE1 . PHE A 1 13  ? -13.214 5.921   -4.564  1.00 24.16 ? 12   PHE A CE1 1 
ATOM   18   C  CE2 . PHE A 1 13  ? -15.304 5.243   -3.562  1.00 24.34 ? 12   PHE A CE2 1 
ATOM   19   C  CZ  . PHE A 1 13  ? -14.175 4.947   -4.334  1.00 24.80 ? 12   PHE A CZ  1 
ATOM   20   N  N   . THR A 1 14  ? -13.481 10.664  -4.863  1.00 28.68 ? 13   THR A N   1 
ATOM   21   C  CA  . THR A 1 14  ? -12.642 10.741  -6.043  1.00 28.57 ? 13   THR A CA  1 
ATOM   22   C  C   . THR A 1 14  ? -11.187 10.436  -5.700  1.00 27.49 ? 13   THR A C   1 
ATOM   23   O  O   . THR A 1 14  ? -10.788 10.527  -4.536  1.00 27.57 ? 13   THR A O   1 
ATOM   24   C  CB  . THR A 1 14  ? -12.781 12.115  -6.765  1.00 29.03 ? 13   THR A CB  1 
ATOM   25   O  OG1 . THR A 1 14  ? -12.014 12.103  -7.977  1.00 32.03 ? 13   THR A OG1 1 
ATOM   26   C  CG2 . THR A 1 14  ? -12.333 13.273  -5.874  1.00 28.73 ? 13   THR A CG2 1 
ATOM   27   N  N   . LEU A 1 15  ? -10.407 10.071  -6.711  1.00 25.81 ? 14   LEU A N   1 
ATOM   28   C  CA  . LEU A 1 15  ? -8.981  9.838   -6.531  1.00 24.92 ? 14   LEU A CA  1 
ATOM   29   C  C   . LEU A 1 15  ? -8.148  10.855  -7.299  1.00 24.19 ? 14   LEU A C   1 
ATOM   30   O  O   . LEU A 1 15  ? -8.466  11.194  -8.434  1.00 24.51 ? 14   LEU A O   1 
ATOM   31   C  CB  . LEU A 1 15  ? -8.588  8.428   -7.001  1.00 24.97 ? 14   LEU A CB  1 
ATOM   32   C  CG  . LEU A 1 15  ? -8.429  7.323   -5.957  1.00 25.72 ? 14   LEU A CG  1 
ATOM   33   C  CD1 . LEU A 1 15  ? -9.740  6.971   -5.297  1.00 26.94 ? 14   LEU A CD1 1 
ATOM   34   C  CD2 . LEU A 1 15  ? -7.805  6.107   -6.597  1.00 25.45 ? 14   LEU A CD2 1 
ATOM   35   N  N   . ARG A 1 16  ? -7.077  11.329  -6.674  1.00 22.38 ? 15   ARG A N   1 
ATOM   36   C  CA  . ARG A 1 16  ? -6.014  12.037  -7.381  1.00 21.50 ? 15   ARG A CA  1 
ATOM   37   C  C   . ARG A 1 16  ? -4.689  11.639  -6.753  1.00 20.37 ? 15   ARG A C   1 
ATOM   38   O  O   . ARG A 1 16  ? -4.672  10.998  -5.699  1.00 18.74 ? 15   ARG A O   1 
ATOM   39   C  CB  . ARG A 1 16  ? -6.204  13.558  -7.343  1.00 21.67 ? 15   ARG A CB  1 
ATOM   40   C  CG  . ARG A 1 16  ? -6.431  14.131  -5.935  1.00 22.50 ? 15   ARG A CG  1 
ATOM   41   C  CD  . ARG A 1 16  ? -6.188  15.646  -5.895  1.00 22.20 ? 15   ARG A CD  1 
ATOM   42   N  NE  . ARG A 1 16  ? -6.377  16.187  -4.555  1.00 20.81 ? 15   ARG A NE  1 
ATOM   43   C  CZ  . ARG A 1 16  ? -5.466  16.165  -3.579  1.00 20.14 ? 15   ARG A CZ  1 
ATOM   44   N  NH1 . ARG A 1 16  ? -4.264  15.627  -3.767  1.00 18.95 ? 15   ARG A NH1 1 
ATOM   45   N  NH2 . ARG A 1 16  ? -5.757  16.697  -2.404  1.00 19.28 ? 15   ARG A NH2 1 
ATOM   46   N  N   . ASN A 1 17  ? -3.595  11.994  -7.425  1.00 19.72 ? 16   ASN A N   1 
ATOM   47   C  CA  . ASN A 1 17  ? -2.257  11.801  -6.904  1.00 19.68 ? 16   ASN A CA  1 
ATOM   48   C  C   . ASN A 1 17  ? -2.048  12.683  -5.683  1.00 19.41 ? 16   ASN A C   1 
ATOM   49   O  O   . ASN A 1 17  ? -2.541  13.811  -5.625  1.00 18.35 ? 16   ASN A O   1 
ATOM   50   C  CB  . ASN A 1 17  ? -1.188  12.075  -7.981  1.00 19.36 ? 16   ASN A CB  1 
ATOM   51   C  CG  . ASN A 1 17  ? -1.074  10.939  -8.989  1.00 20.46 ? 16   ASN A CG  1 
ATOM   52   O  OD1 . ASN A 1 17  ? -1.704  10.966  -10.044 1.00 19.71 ? 16   ASN A OD1 1 
ATOM   53   N  ND2 . ASN A 1 17  ? -0.288  9.926   -8.657  1.00 20.50 ? 16   ASN A ND2 1 
ATOM   54   N  N   . ALA A 1 18  ? -1.348  12.142  -4.692  1.00 19.66 ? 17   ALA A N   1 
ATOM   55   C  CA  . ALA A 1 18  ? -1.011  12.892  -3.499  1.00 19.96 ? 17   ALA A CA  1 
ATOM   56   C  C   . ALA A 1 18  ? -0.071  14.042  -3.858  1.00 20.94 ? 17   ALA A C   1 
ATOM   57   O  O   . ALA A 1 18  ? 0.718   13.944  -4.811  1.00 20.58 ? 17   ALA A O   1 
ATOM   58   C  CB  . ALA A 1 18  ? -0.364  11.983  -2.467  1.00 19.50 ? 17   ALA A CB  1 
ATOM   59   N  N   . ARG A 1 19  ? -0.168  15.123  -3.086  1.00 21.33 ? 18   ARG A N   1 
ATOM   60   C  CA  . ARG A 1 19  ? 0.719   16.285  -3.214  1.00 22.28 ? 18   ARG A CA  1 
ATOM   61   C  C   . ARG A 1 19  ? 1.369   16.530  -1.864  1.00 22.33 ? 18   ARG A C   1 
ATOM   62   O  O   . ARG A 1 19  ? 0.868   16.065  -0.843  1.00 21.85 ? 18   ARG A O   1 
ATOM   63   C  CB  . ARG A 1 19  ? -0.083  17.526  -3.601  1.00 21.90 ? 18   ARG A CB  1 
ATOM   64   C  CG  . ARG A 1 19  ? -0.823  17.443  -4.931  1.00 24.54 ? 18   ARG A CG  1 
ATOM   65   C  CD  . ARG A 1 19  ? -1.505  18.787  -5.254  1.00 27.77 ? 18   ARG A CD  1 
ATOM   66   N  NE  . ARG A 1 19  ? -2.227  19.312  -4.092  1.00 30.10 ? 18   ARG A NE  1 
ATOM   67   C  CZ  . ARG A 1 19  ? -3.556  19.369  -3.972  1.00 32.92 ? 18   ARG A CZ  1 
ATOM   68   N  NH1 . ARG A 1 19  ? -4.353  18.956  -4.960  1.00 32.75 ? 18   ARG A NH1 1 
ATOM   69   N  NH2 . ARG A 1 19  ? -4.095  19.858  -2.854  1.00 32.13 ? 18   ARG A NH2 1 
ATOM   70   N  N   . MET A 1 20  ? 2.468   17.281  -1.860  1.00 22.94 ? 19   MET A N   1 
ATOM   71   C  CA  . MET A 1 20  ? 3.175   17.628  -0.633  1.00 24.01 ? 19   MET A CA  1 
ATOM   72   C  C   . MET A 1 20  ? 2.245   18.133  0.480   1.00 23.77 ? 19   MET A C   1 
ATOM   73   O  O   . MET A 1 20  ? 2.398   17.758  1.640   1.00 23.30 ? 19   MET A O   1 
ATOM   74   C  CB  . MET A 1 20  ? 4.270   18.658  -0.942  1.00 25.12 ? 19   MET A CB  1 
ATOM   75   C  CG  . MET A 1 20  ? 5.213   18.956  0.205   1.00 28.83 ? 19   MET A CG  1 
ATOM   76   S  SD  . MET A 1 20  ? 6.196   17.545  0.768   1.00 38.20 ? 19   MET A SD  1 
ATOM   77   C  CE  . MET A 1 20  ? 6.768   16.826  -0.782  1.00 35.23 ? 19   MET A CE  1 
ATOM   78   N  N   . ASP A 1 21  ? 1.261   18.959  0.131   1.00 23.08 ? 20   ASP A N   1 
ATOM   79   C  CA  . ASP A 1 21  ? 0.384   19.507  1.151   1.00 23.10 ? 20   ASP A CA  1 
ATOM   80   C  C   . ASP A 1 21  ? -0.679  18.532  1.676   1.00 21.94 ? 20   ASP A C   1 
ATOM   81   O  O   . ASP A 1 21  ? -1.409  18.857  2.616   1.00 22.37 ? 20   ASP A O   1 
ATOM   82   C  CB  . ASP A 1 21  ? -0.193  20.884  0.746   1.00 24.47 ? 20   ASP A CB  1 
ATOM   83   C  CG  . ASP A 1 21  ? -1.027  20.842  -0.530  1.00 27.66 ? 20   ASP A CG  1 
ATOM   84   O  OD1 . ASP A 1 21  ? -1.602  19.779  -0.859  1.00 30.91 ? 20   ASP A OD1 1 
ATOM   85   O  OD2 . ASP A 1 21  ? -1.124  21.902  -1.196  1.00 32.24 ? 20   ASP A OD2 1 
ATOM   86   N  N   . ASP A 1 22  ? -0.737  17.334  1.093   1.00 19.67 ? 21   ASP A N   1 
ATOM   87   C  CA  . ASP A 1 22  ? -1.586  16.263  1.623   1.00 18.46 ? 21   ASP A CA  1 
ATOM   88   C  C   . ASP A 1 22  ? -0.944  15.532  2.795   1.00 17.79 ? 21   ASP A C   1 
ATOM   89   O  O   . ASP A 1 22  ? -1.624  14.802  3.538   1.00 17.62 ? 21   ASP A O   1 
ATOM   90   C  CB  . ASP A 1 22  ? -1.929  15.228  0.540   1.00 18.08 ? 21   ASP A CB  1 
ATOM   91   C  CG  . ASP A 1 22  ? -2.780  15.798  -0.585  1.00 17.61 ? 21   ASP A CG  1 
ATOM   92   O  OD1 . ASP A 1 22  ? -3.681  16.633  -0.335  1.00 18.60 ? 21   ASP A OD1 1 
ATOM   93   O  OD2 . ASP A 1 22  ? -2.561  15.393  -1.738  1.00 15.43 ? 21   ASP A OD2 1 
ATOM   94   N  N   . ILE A 1 23  ? 0.371   15.687  2.955   1.00 16.83 ? 22   ILE A N   1 
ATOM   95   C  CA  . ILE A 1 23  ? 1.085   14.857  3.926   1.00 16.20 ? 22   ILE A CA  1 
ATOM   96   C  C   . ILE A 1 23  ? 0.592   15.027  5.358   1.00 15.47 ? 22   ILE A C   1 
ATOM   97   O  O   . ILE A 1 23  ? 0.546   14.060  6.107   1.00 14.42 ? 22   ILE A O   1 
ATOM   98   C  CB  . ILE A 1 23  ? 2.600   15.067  3.898   1.00 16.42 ? 22   ILE A CB  1 
ATOM   99   C  CG1 . ILE A 1 23  ? 3.155   15.015  2.480   1.00 17.28 ? 22   ILE A CG1 1 
ATOM   100  C  CG2 . ILE A 1 23  ? 3.278   13.982  4.714   1.00 17.18 ? 22   ILE A CG2 1 
ATOM   101  C  CD1 . ILE A 1 23  ? 3.294   13.637  1.915   1.00 19.48 ? 22   ILE A CD1 1 
ATOM   102  N  N   . ASP A 1 24  ? 0.259   16.251  5.746   1.00 15.04 ? 23   ASP A N   1 
ATOM   103  C  CA  . ASP A 1 24  ? -0.317  16.463  7.069   1.00 15.67 ? 23   ASP A CA  1 
ATOM   104  C  C   . ASP A 1 24  ? -1.526  15.582  7.291   1.00 15.04 ? 23   ASP A C   1 
ATOM   105  O  O   . ASP A 1 24  ? -1.661  14.962  8.346   1.00 14.74 ? 23   ASP A O   1 
ATOM   106  C  CB  . ASP A 1 24  ? -0.711  17.924  7.262   1.00 16.99 ? 23   ASP A CB  1 
ATOM   107  C  CG  . ASP A 1 24  ? 0.482   18.830  7.226   1.00 19.53 ? 23   ASP A CG  1 
ATOM   108  O  OD1 . ASP A 1 24  ? 0.960   19.180  8.316   1.00 21.45 ? 23   ASP A OD1 1 
ATOM   109  O  OD2 . ASP A 1 24  ? 0.971   19.121  6.111   1.00 22.76 ? 23   ASP A OD2 1 
ATOM   110  N  N   . GLN A 1 25  ? -2.394  15.502  6.289   1.00 14.40 ? 24   GLN A N   1 
ATOM   111  C  CA  . GLN A 1 25  ? -3.598  14.718  6.453   1.00 14.94 ? 24   GLN A CA  1 
ATOM   112  C  C   . GLN A 1 25  ? -3.298  13.216  6.343   1.00 13.84 ? 24   GLN A C   1 
ATOM   113  O  O   . GLN A 1 25  ? -3.870  12.399  7.062   1.00 12.92 ? 24   GLN A O   1 
ATOM   114  C  CB  . GLN A 1 25  ? -4.670  15.137  5.454   1.00 15.24 ? 24   GLN A CB  1 
ATOM   115  C  CG  . GLN A 1 25  ? -5.980  14.360  5.639   1.00 20.64 ? 24   GLN A CG  1 
ATOM   116  C  CD  . GLN A 1 25  ? -6.527  14.355  7.076   1.00 26.27 ? 24   GLN A CD  1 
ATOM   117  O  OE1 . GLN A 1 25  ? -7.210  13.407  7.482   1.00 30.43 ? 24   GLN A OE1 1 
ATOM   118  N  NE2 . GLN A 1 25  ? -6.250  15.418  7.836   1.00 28.54 ? 24   GLN A NE2 1 
ATOM   119  N  N   . ILE A 1 26  ? -2.382  12.863  5.456   1.00 13.46 ? 25   ILE A N   1 
ATOM   120  C  CA  . ILE A 1 26  ? -1.940  11.469  5.329   1.00 13.60 ? 25   ILE A CA  1 
ATOM   121  C  C   . ILE A 1 26  ? -1.383  10.938  6.660   1.00 13.90 ? 25   ILE A C   1 
ATOM   122  O  O   . ILE A 1 26  ? -1.789  9.860   7.117   1.00 14.05 ? 25   ILE A O   1 
ATOM   123  C  CB  . ILE A 1 26  ? -0.911  11.321  4.202   1.00 12.60 ? 25   ILE A CB  1 
ATOM   124  C  CG1 . ILE A 1 26  ? -1.618  11.449  2.842   1.00 12.69 ? 25   ILE A CG1 1 
ATOM   125  C  CG2 . ILE A 1 26  ? -0.221  9.946   4.274   1.00 13.39 ? 25   ILE A CG2 1 
ATOM   126  C  CD1 . ILE A 1 26  ? -0.664  11.694  1.675   1.00 14.37 ? 25   ILE A CD1 1 
ATOM   127  N  N   . ILE A 1 27  ? -0.499  11.713  7.298   1.00 13.98 ? 26   ILE A N   1 
ATOM   128  C  CA  . ILE A 1 27  ? 0.032   11.342  8.613   1.00 15.09 ? 26   ILE A CA  1 
ATOM   129  C  C   . ILE A 1 27  ? -1.063  11.223  9.678   1.00 14.76 ? 26   ILE A C   1 
ATOM   130  O  O   . ILE A 1 27  ? -1.036  10.289  10.478  1.00 15.01 ? 26   ILE A O   1 
ATOM   131  C  CB  . ILE A 1 27  ? 1.189   12.272  9.077   1.00 15.41 ? 26   ILE A CB  1 
ATOM   132  C  CG1 . ILE A 1 27  ? 2.521   11.697  8.637   1.00 17.74 ? 26   ILE A CG1 1 
ATOM   133  C  CG2 . ILE A 1 27  ? 1.276   12.379  10.592  1.00 16.96 ? 26   ILE A CG2 1 
ATOM   134  C  CD1 . ILE A 1 27  ? 3.196   12.518  7.608   1.00 21.86 ? 26   ILE A CD1 1 
ATOM   135  N  N   . LYS A 1 28  ? -2.024  12.143  9.684   1.00 15.28 ? 27   LYS A N   1 
ATOM   136  C  CA  . LYS A 1 28  ? -3.142  12.065  10.648  1.00 16.03 ? 27   LYS A CA  1 
ATOM   137  C  C   . LYS A 1 28  ? -3.912  10.738  10.489  1.00 15.78 ? 27   LYS A C   1 
ATOM   138  O  O   . LYS A 1 28  ? -4.236  10.066  11.478  1.00 16.34 ? 27   LYS A O   1 
ATOM   139  C  CB  . LYS A 1 28  ? -4.083  13.261  10.486  1.00 16.35 ? 27   LYS A CB  1 
ATOM   140  C  CG  . LYS A 1 28  ? -5.291  13.249  11.438  1.00 19.91 ? 27   LYS A CG  1 
ATOM   141  C  CD  . LYS A 1 28  ? -6.523  13.812  10.739  1.00 25.06 ? 27   LYS A CD  1 
ATOM   142  C  CE  . LYS A 1 28  ? -7.847  13.318  11.353  1.00 29.55 ? 27   LYS A CE  1 
ATOM   143  N  NZ  . LYS A 1 28  ? -8.886  13.131  10.270  1.00 31.12 ? 27   LYS A NZ  1 
ATOM   144  N  N   . ILE A 1 29  ? -4.199  10.357  9.244   1.00 15.54 ? 28   ILE A N   1 
ATOM   145  C  CA  . ILE A 1 29  ? -4.892  9.085   8.951   1.00 15.40 ? 28   ILE A CA  1 
ATOM   146  C  C   . ILE A 1 29  ? -4.043  7.878   9.390   1.00 15.85 ? 28   ILE A C   1 
ATOM   147  O  O   . ILE A 1 29  ? -4.540  6.940   10.052  1.00 15.18 ? 28   ILE A O   1 
ATOM   148  C  CB  . ILE A 1 29  ? -5.219  8.982   7.424   1.00 15.22 ? 28   ILE A CB  1 
ATOM   149  C  CG1 . ILE A 1 29  ? -6.265  10.024  7.015   1.00 15.45 ? 28   ILE A CG1 1 
ATOM   150  C  CG2 . ILE A 1 29  ? -5.646  7.558   7.029   1.00 14.81 ? 28   ILE A CG2 1 
ATOM   151  C  CD1 . ILE A 1 29  ? -6.483  10.113  5.487   1.00 14.75 ? 28   ILE A CD1 1 
ATOM   152  N  N   . ASN A 1 30  ? -2.765  7.902   9.003   1.00 16.07 ? 29   ASN A N   1 
ATOM   153  C  CA  . ASN A 1 30  ? -1.803  6.879   9.398   1.00 16.77 ? 29   ASN A CA  1 
ATOM   154  C  C   . ASN A 1 30  ? -1.798  6.667   10.923  1.00 16.83 ? 29   ASN A C   1 
ATOM   155  O  O   . ASN A 1 30  ? -1.866  5.544   11.405  1.00 15.68 ? 29   ASN A O   1 
ATOM   156  C  CB  . ASN A 1 30  ? -0.389  7.245   8.897   1.00 16.27 ? 29   ASN A CB  1 
ATOM   157  C  CG  . ASN A 1 30  ? 0.656   6.221   9.292   1.00 17.58 ? 29   ASN A CG  1 
ATOM   158  O  OD1 . ASN A 1 30  ? 1.494   6.470   10.165  1.00 19.26 ? 29   ASN A OD1 1 
ATOM   159  N  ND2 . ASN A 1 30  ? 0.607   5.051   8.658   1.00 15.25 ? 29   ASN A ND2 1 
ATOM   160  N  N   . ARG A 1 31  ? -1.736  7.756   11.682  1.00 17.96 ? 30   ARG A N   1 
ATOM   161  C  CA  . ARG A 1 31  ? -1.632  7.636   13.131  1.00 19.03 ? 30   ARG A CA  1 
ATOM   162  C  C   . ARG A 1 31  ? -2.941  7.189   13.792  1.00 19.21 ? 30   ARG A C   1 
ATOM   163  O  O   . ARG A 1 31  ? -2.928  6.600   14.875  1.00 19.62 ? 30   ARG A O   1 
ATOM   164  C  CB  . ARG A 1 31  ? -1.104  8.934   13.725  1.00 19.87 ? 30   ARG A CB  1 
ATOM   165  C  CG  . ARG A 1 31  ? 0.371   9.089   13.461  1.00 22.77 ? 30   ARG A CG  1 
ATOM   166  C  CD  . ARG A 1 31  ? 0.860   10.425  13.918  1.00 28.28 ? 30   ARG A CD  1 
ATOM   167  N  NE  . ARG A 1 31  ? 2.246   10.625  13.507  1.00 32.94 ? 30   ARG A NE  1 
ATOM   168  C  CZ  . ARG A 1 31  ? 2.943   11.736  13.747  1.00 35.54 ? 30   ARG A CZ  1 
ATOM   169  N  NH1 . ARG A 1 31  ? 2.379   12.759  14.388  1.00 35.59 ? 30   ARG A NH1 1 
ATOM   170  N  NH2 . ARG A 1 31  ? 4.204   11.828  13.335  1.00 35.97 ? 30   ARG A NH2 1 
ATOM   171  N  N   . LEU A 1 32  ? -4.067  7.459   13.142  1.00 19.37 ? 31   LEU A N   1 
ATOM   172  C  CA  . LEU A 1 32  ? -5.373  7.013   13.657  1.00 20.09 ? 31   LEU A CA  1 
ATOM   173  C  C   . LEU A 1 32  ? -5.674  5.532   13.347  1.00 20.01 ? 31   LEU A C   1 
ATOM   174  O  O   . LEU A 1 32  ? -6.449  4.890   14.059  1.00 19.70 ? 31   LEU A O   1 
ATOM   175  C  CB  . LEU A 1 32  ? -6.497  7.911   13.123  1.00 20.29 ? 31   LEU A CB  1 
ATOM   176  C  CG  . LEU A 1 32  ? -7.944  7.711   13.588  1.00 23.98 ? 31   LEU A CG  1 
ATOM   177  C  CD1 . LEU A 1 32  ? -8.070  7.664   15.115  1.00 25.47 ? 31   LEU A CD1 1 
ATOM   178  C  CD2 . LEU A 1 32  ? -8.839  8.818   13.019  1.00 26.59 ? 31   LEU A CD2 1 
ATOM   179  N  N   . THR A 1 33  ? -5.051  4.993   12.306  1.00 19.94 ? 32   THR A N   1 
ATOM   180  C  CA  . THR A 1 33  ? -5.470  3.712   11.741  1.00 20.56 ? 32   THR A CA  1 
ATOM   181  C  C   . THR A 1 33  ? -4.446  2.588   11.901  1.00 21.55 ? 32   THR A C   1 
ATOM   182  O  O   . THR A 1 33  ? -4.804  1.402   11.817  1.00 20.98 ? 32   THR A O   1 
ATOM   183  C  CB  . THR A 1 33  ? -5.810  3.859   10.231  1.00 20.75 ? 32   THR A CB  1 
ATOM   184  O  OG1 . THR A 1 33  ? -4.685  4.428   9.548   1.00 20.80 ? 32   THR A OG1 1 
ATOM   185  C  CG2 . THR A 1 33  ? -7.040  4.744   10.017  1.00 20.25 ? 32   THR A CG2 1 
ATOM   186  N  N   . LEU A 1 34  ? -3.184  2.960   12.123  1.00 22.25 ? 33   LEU A N   1 
ATOM   187  C  CA  . LEU A 1 34  ? -2.060  2.014   12.066  1.00 23.51 ? 33   LEU A CA  1 
ATOM   188  C  C   . LEU A 1 34  ? -1.027  2.302   13.153  1.00 24.39 ? 33   LEU A C   1 
ATOM   189  O  O   . LEU A 1 34  ? -0.819  3.463   13.501  1.00 24.28 ? 33   LEU A O   1 
ATOM   190  C  CB  . LEU A 1 34  ? -1.385  2.082   10.684  1.00 23.37 ? 33   LEU A CB  1 
ATOM   191  C  CG  . LEU A 1 34  ? -2.169  1.526   9.474   1.00 23.23 ? 33   LEU A CG  1 
ATOM   192  C  CD1 . LEU A 1 34  ? -1.653  2.139   8.162   1.00 20.76 ? 33   LEU A CD1 1 
ATOM   193  C  CD2 . LEU A 1 34  ? -2.120  -0.001  9.435   1.00 22.02 ? 33   LEU A CD2 1 
ATOM   194  N  N   . PRO A 1 35  ? -0.377  1.251   13.697  1.00 25.04 ? 34   PRO A N   1 
ATOM   195  C  CA  . PRO A 1 35  ? 0.606   1.473   14.752  1.00 26.03 ? 34   PRO A CA  1 
ATOM   196  C  C   . PRO A 1 35  ? 2.010   1.819   14.223  1.00 26.85 ? 34   PRO A C   1 
ATOM   197  O  O   . PRO A 1 35  ? 2.837   2.348   14.971  1.00 27.47 ? 34   PRO A O   1 
ATOM   198  C  CB  . PRO A 1 35  ? 0.625   0.133   15.503  1.00 25.96 ? 34   PRO A CB  1 
ATOM   199  C  CG  . PRO A 1 35  ? 0.259   -0.871  14.494  1.00 25.61 ? 34   PRO A CG  1 
ATOM   200  C  CD  . PRO A 1 35  ? -0.609  -0.188  13.457  1.00 25.61 ? 34   PRO A CD  1 
ATOM   201  N  N   . GLU A 1 36  ? 2.261   1.523   12.951  1.00 27.42 ? 35   GLU A N   1 
ATOM   202  C  CA  . GLU A 1 36  ? 3.544   1.831   12.323  1.00 27.91 ? 35   GLU A CA  1 
ATOM   203  C  C   . GLU A 1 36  ? 3.518   3.292   11.907  1.00 27.41 ? 35   GLU A C   1 
ATOM   204  O  O   . GLU A 1 36  ? 3.037   3.641   10.835  1.00 27.62 ? 35   GLU A O   1 
ATOM   205  C  CB  . GLU A 1 36  ? 3.824   0.916   11.126  1.00 27.92 ? 35   GLU A CB  1 
ATOM   206  C  CG  . GLU A 1 36  ? 4.193   -0.535  11.510  1.00 29.40 ? 35   GLU A CG  1 
ATOM   207  C  CD  . GLU A 1 36  ? 2.991   -1.361  11.983  1.00 30.09 ? 35   GLU A CD  1 
ATOM   208  O  OE1 . GLU A 1 36  ? 1.947   -1.347  11.307  1.00 32.44 ? 35   GLU A OE1 1 
ATOM   209  O  OE2 . GLU A 1 36  ? 3.100   -2.037  13.025  1.00 31.47 ? 35   GLU A OE2 1 
ATOM   210  N  N   . ASN A 1 37  ? 4.023   4.140   12.784  1.00 27.51 ? 36   ASN A N   1 
ATOM   211  C  CA  . ASN A 1 37  ? 3.947   5.575   12.565  1.00 27.46 ? 36   ASN A CA  1 
ATOM   212  C  C   . ASN A 1 37  ? 5.272   6.157   12.072  1.00 27.09 ? 36   ASN A C   1 
ATOM   213  O  O   . ASN A 1 37  ? 6.082   6.688   12.839  1.00 27.48 ? 36   ASN A O   1 
ATOM   214  C  CB  . ASN A 1 37  ? 3.334   6.269   13.786  1.00 27.69 ? 36   ASN A CB  1 
ATOM   215  C  CG  . ASN A 1 37  ? 1.891   5.787   14.056  1.00 27.65 ? 36   ASN A CG  1 
ATOM   216  O  OD1 . ASN A 1 37  ? 1.155   5.448   13.118  1.00 25.08 ? 36   ASN A OD1 1 
ATOM   217  N  ND2 . ASN A 1 37  ? 1.498   5.744   15.332  1.00 28.55 ? 36   ASN A ND2 1 
ATOM   218  N  N   . TYR A 1 38  ? 5.458   6.006   10.761  1.00 26.55 ? 37   TYR A N   1 
ATOM   219  C  CA  . TYR A 1 38  ? 6.597   6.520   10.015  1.00 26.15 ? 37   TYR A CA  1 
ATOM   220  C  C   . TYR A 1 38  ? 6.751   8.035   10.155  1.00 24.97 ? 37   TYR A C   1 
ATOM   221  O  O   . TYR A 1 38  ? 5.756   8.751   10.222  1.00 24.52 ? 37   TYR A O   1 
ATOM   222  C  CB  . TYR A 1 38  ? 6.436   6.193   8.533   1.00 26.53 ? 37   TYR A CB  1 
ATOM   223  C  CG  . TYR A 1 38  ? 6.403   4.712   8.196   1.00 29.94 ? 37   TYR A CG  1 
ATOM   224  C  CD1 . TYR A 1 38  ? 7.530   3.903   8.396   1.00 30.70 ? 37   TYR A CD1 1 
ATOM   225  C  CD2 . TYR A 1 38  ? 5.258   4.133   7.624   1.00 32.09 ? 37   TYR A CD2 1 
ATOM   226  C  CE1 . TYR A 1 38  ? 7.515   2.540   8.064   1.00 33.10 ? 37   TYR A CE1 1 
ATOM   227  C  CE2 . TYR A 1 38  ? 5.224   2.771   7.291   1.00 33.67 ? 37   TYR A CE2 1 
ATOM   228  C  CZ  . TYR A 1 38  ? 6.358   1.982   7.518   1.00 33.79 ? 37   TYR A CZ  1 
ATOM   229  O  OH  . TYR A 1 38  ? 6.340   0.646   7.178   1.00 34.36 ? 37   TYR A OH  1 
ATOM   230  N  N   . PRO A 1 39  ? 8.008   8.517   10.186  1.00 23.82 ? 38   PRO A N   1 
ATOM   231  C  CA  . PRO A 1 39  ? 8.263   9.946   10.262  1.00 23.01 ? 38   PRO A CA  1 
ATOM   232  C  C   . PRO A 1 39  ? 7.777   10.613  8.992   1.00 22.33 ? 38   PRO A C   1 
ATOM   233  O  O   . PRO A 1 39  ? 7.681   9.961   7.959   1.00 21.40 ? 38   PRO A O   1 
ATOM   234  C  CB  . PRO A 1 39  ? 9.796   10.027  10.357  1.00 22.84 ? 38   PRO A CB  1 
ATOM   235  C  CG  . PRO A 1 39  ? 10.287  8.727   9.822   1.00 23.41 ? 38   PRO A CG  1 
ATOM   236  C  CD  . PRO A 1 39  ? 9.259   7.738   10.241  1.00 23.76 ? 38   PRO A CD  1 
ATOM   237  N  N   . TYR A 1 40  ? 7.476   11.906  9.082   1.00 21.70 ? 39   TYR A N   1 
ATOM   238  C  CA  . TYR A 1 40  ? 7.048   12.672  7.931   1.00 21.63 ? 39   TYR A CA  1 
ATOM   239  C  C   . TYR A 1 40  ? 8.003   12.543  6.746   1.00 20.90 ? 39   TYR A C   1 
ATOM   240  O  O   . TYR A 1 40  ? 7.540   12.422  5.609   1.00 20.26 ? 39   TYR A O   1 
ATOM   241  C  CB  A TYR A 1 40  ? 6.765   14.121  8.298   0.65 22.42 ? 39   TYR A CB  1 
ATOM   242  C  CB  B TYR A 1 40  ? 6.985   14.168  8.300   0.35 21.37 ? 39   TYR A CB  1 
ATOM   243  C  CG  A TYR A 1 40  ? 6.258   14.955  7.146   0.65 24.69 ? 39   TYR A CG  1 
ATOM   244  C  CG  B TYR A 1 40  ? 5.773   14.632  9.095   0.35 20.70 ? 39   TYR A CG  1 
ATOM   245  C  CD1 A TYR A 1 40  ? 7.071   15.213  6.053   0.65 27.27 ? 39   TYR A CD1 1 
ATOM   246  C  CD1 B TYR A 1 40  ? 4.767   15.377  8.490   0.35 20.41 ? 39   TYR A CD1 1 
ATOM   247  C  CD2 A TYR A 1 40  ? 4.978   15.510  7.158   0.65 26.33 ? 39   TYR A CD2 1 
ATOM   248  C  CD2 B TYR A 1 40  ? 5.658   14.368  10.454  0.35 21.03 ? 39   TYR A CD2 1 
ATOM   249  C  CE1 A TYR A 1 40  ? 6.631   15.984  4.987   0.65 29.49 ? 39   TYR A CE1 1 
ATOM   250  C  CE1 B TYR A 1 40  ? 3.666   15.820  9.208   0.35 20.17 ? 39   TYR A CE1 1 
ATOM   251  C  CE2 A TYR A 1 40  ? 4.533   16.310  6.092   0.65 28.42 ? 39   TYR A CE2 1 
ATOM   252  C  CE2 B TYR A 1 40  ? 4.561   14.809  11.180  0.35 20.84 ? 39   TYR A CE2 1 
ATOM   253  C  CZ  A TYR A 1 40  ? 5.379   16.543  5.013   0.65 29.67 ? 39   TYR A CZ  1 
ATOM   254  C  CZ  B TYR A 1 40  ? 3.573   15.533  10.552  0.35 19.89 ? 39   TYR A CZ  1 
ATOM   255  O  OH  A TYR A 1 40  ? 5.000   17.324  3.944   0.65 32.83 ? 39   TYR A OH  1 
ATOM   256  O  OH  B TYR A 1 40  ? 2.489   15.970  11.271  0.35 19.99 ? 39   TYR A OH  1 
ATOM   257  N  N   . TYR A 1 41  ? 9.323   12.551  6.986   1.00 20.60 ? 40   TYR A N   1 
ATOM   258  C  CA  . TYR A 1 41  ? 10.274  12.508  5.865   1.00 20.24 ? 40   TYR A CA  1 
ATOM   259  C  C   . TYR A 1 41  ? 10.173  11.225  5.056   1.00 19.07 ? 40   TYR A C   1 
ATOM   260  O  O   . TYR A 1 41  ? 10.507  11.199  3.866   1.00 18.04 ? 40   TYR A O   1 
ATOM   261  C  CB  . TYR A 1 41  ? 11.737  12.751  6.282   1.00 21.51 ? 40   TYR A CB  1 
ATOM   262  C  CG  . TYR A 1 41  ? 12.284  11.891  7.405   1.00 25.22 ? 40   TYR A CG  1 
ATOM   263  C  CD1 . TYR A 1 41  ? 12.930  10.679  7.140   1.00 29.27 ? 40   TYR A CD1 1 
ATOM   264  C  CD2 . TYR A 1 41  ? 12.194  12.318  8.733   1.00 29.21 ? 40   TYR A CD2 1 
ATOM   265  C  CE1 . TYR A 1 41  ? 13.451  9.889   8.182   1.00 31.27 ? 40   TYR A CE1 1 
ATOM   266  C  CE2 . TYR A 1 41  ? 12.711  11.547  9.782   1.00 32.36 ? 40   TYR A CE2 1 
ATOM   267  C  CZ  . TYR A 1 41  ? 13.337  10.330  9.495   1.00 32.67 ? 40   TYR A CZ  1 
ATOM   268  O  OH  . TYR A 1 41  ? 13.845  9.574   10.534  1.00 34.62 ? 40   TYR A OH  1 
ATOM   269  N  N   . PHE A 1 42  ? 9.710   10.169  5.719   1.00 18.26 ? 41   PHE A N   1 
ATOM   270  C  CA  . PHE A 1 42  ? 9.525   8.867   5.091   1.00 17.39 ? 41   PHE A CA  1 
ATOM   271  C  C   . PHE A 1 42  ? 8.412   8.949   4.034   1.00 16.79 ? 41   PHE A C   1 
ATOM   272  O  O   . PHE A 1 42  ? 8.574   8.482   2.892   1.00 15.70 ? 41   PHE A O   1 
ATOM   273  C  CB  . PHE A 1 42  ? 9.179   7.845   6.167   1.00 17.24 ? 41   PHE A CB  1 
ATOM   274  C  CG  . PHE A 1 42  ? 8.913   6.454   5.636   1.00 19.43 ? 41   PHE A CG  1 
ATOM   275  C  CD1 . PHE A 1 42  ? 9.965   5.564   5.424   1.00 21.69 ? 41   PHE A CD1 1 
ATOM   276  C  CD2 . PHE A 1 42  ? 7.608   6.037   5.360   1.00 20.50 ? 41   PHE A CD2 1 
ATOM   277  C  CE1 . PHE A 1 42  ? 9.714   4.252   4.956   1.00 20.94 ? 41   PHE A CE1 1 
ATOM   278  C  CE2 . PHE A 1 42  ? 7.354   4.747   4.894   1.00 21.12 ? 41   PHE A CE2 1 
ATOM   279  C  CZ  . PHE A 1 42  ? 8.417   3.856   4.692   1.00 20.10 ? 41   PHE A CZ  1 
ATOM   280  N  N   . PHE A 1 43  ? 7.292   9.561   4.418   1.00 15.72 ? 42   PHE A N   1 
ATOM   281  C  CA  . PHE A 1 43  ? 6.219   9.838   3.465   1.00 15.95 ? 42   PHE A CA  1 
ATOM   282  C  C   . PHE A 1 43  ? 6.693   10.700  2.306   1.00 15.44 ? 42   PHE A C   1 
ATOM   283  O  O   . PHE A 1 43  ? 6.360   10.418  1.163   1.00 14.89 ? 42   PHE A O   1 
ATOM   284  C  CB  . PHE A 1 43  ? 5.025   10.496  4.164   1.00 15.85 ? 42   PHE A CB  1 
ATOM   285  C  CG  . PHE A 1 43  ? 4.243   9.558   5.025   1.00 15.72 ? 42   PHE A CG  1 
ATOM   286  C  CD1 . PHE A 1 43  ? 3.147   8.873   4.507   1.00 14.60 ? 42   PHE A CD1 1 
ATOM   287  C  CD2 . PHE A 1 43  ? 4.602   9.347   6.359   1.00 16.45 ? 42   PHE A CD2 1 
ATOM   288  C  CE1 . PHE A 1 43  ? 2.427   8.003   5.306   1.00 15.24 ? 42   PHE A CE1 1 
ATOM   289  C  CE2 . PHE A 1 43  ? 3.879   8.477   7.162   1.00 16.14 ? 42   PHE A CE2 1 
ATOM   290  C  CZ  . PHE A 1 43  ? 2.783   7.813   6.645   1.00 14.54 ? 42   PHE A CZ  1 
ATOM   291  N  N   . VAL A 1 44  ? 7.481   11.738  2.603   1.00 16.31 ? 43   VAL A N   1 
ATOM   292  C  CA  . VAL A 1 44  ? 7.996   12.649  1.567   1.00 16.91 ? 43   VAL A CA  1 
ATOM   293  C  C   . VAL A 1 44  ? 8.886   11.933  0.558   1.00 17.09 ? 43   VAL A C   1 
ATOM   294  O  O   . VAL A 1 44  ? 8.763   12.166  -0.641  1.00 17.27 ? 43   VAL A O   1 
ATOM   295  C  CB  . VAL A 1 44  ? 8.764   13.867  2.167   1.00 16.74 ? 43   VAL A CB  1 
ATOM   296  C  CG1 . VAL A 1 44  ? 9.212   14.828  1.068   1.00 18.69 ? 43   VAL A CG1 1 
ATOM   297  C  CG2 . VAL A 1 44  ? 7.890   14.591  3.132   1.00 18.24 ? 43   VAL A CG2 1 
ATOM   298  N  N   . GLU A 1 45  ? 9.786   11.065  1.031   1.00 18.27 ? 44   GLU A N   1 
ATOM   299  C  CA  . GLU A 1 45  ? 10.651  10.315  0.113   1.00 19.37 ? 44   GLU A CA  1 
ATOM   300  C  C   . GLU A 1 45  ? 9.821   9.516   -0.923  1.00 18.48 ? 44   GLU A C   1 
ATOM   301  O  O   . GLU A 1 45  ? 10.110  9.537   -2.111  1.00 18.62 ? 44   GLU A O   1 
ATOM   302  C  CB  . GLU A 1 45  ? 11.643  9.436   0.895   1.00 20.04 ? 44   GLU A CB  1 
ATOM   303  C  CG  . GLU A 1 45  ? 12.325  8.302   0.090   1.00 25.33 ? 44   GLU A CG  1 
ATOM   304  C  CD  . GLU A 1 45  ? 13.420  8.772   -0.890  1.00 31.87 ? 44   GLU A CD  1 
ATOM   305  O  OE1 . GLU A 1 45  ? 13.868  9.947   -0.816  1.00 33.41 ? 44   GLU A OE1 1 
ATOM   306  O  OE2 . GLU A 1 45  ? 13.840  7.946   -1.744  1.00 34.69 ? 44   GLU A OE2 1 
ATOM   307  N  N   . HIS A 1 46  ? 8.772   8.835   -0.471  1.00 18.46 ? 45   HIS A N   1 
ATOM   308  C  CA  . HIS A 1 46  ? 7.919   8.064   -1.371  1.00 17.70 ? 45   HIS A CA  1 
ATOM   309  C  C   . HIS A 1 46  ? 7.111   8.903   -2.354  1.00 18.04 ? 45   HIS A C   1 
ATOM   310  O  O   . HIS A 1 46  ? 6.890   8.497   -3.501  1.00 17.57 ? 45   HIS A O   1 
ATOM   311  C  CB  . HIS A 1 46  ? 7.019   7.118   -0.582  1.00 17.77 ? 45   HIS A CB  1 
ATOM   312  C  CG  . HIS A 1 46  ? 7.771   5.999   0.057   1.00 16.65 ? 45   HIS A CG  1 
ATOM   313  N  ND1 . HIS A 1 46  ? 8.387   6.122   1.282   1.00 18.78 ? 45   HIS A ND1 1 
ATOM   314  C  CD2 . HIS A 1 46  ? 8.057   4.753   -0.388  1.00 17.65 ? 45   HIS A CD2 1 
ATOM   315  C  CE1 . HIS A 1 46  ? 9.002   4.989   1.576   1.00 19.82 ? 45   HIS A CE1 1 
ATOM   316  N  NE2 . HIS A 1 46  ? 8.819   4.143   0.579   1.00 18.44 ? 45   HIS A NE2 1 
ATOM   317  N  N   . LEU A 1 47  ? 6.659   10.068  -1.897  1.00 18.03 ? 46   LEU A N   1 
ATOM   318  C  CA  . LEU A 1 47  ? 5.970   11.001  -2.761  1.00 18.79 ? 46   LEU A CA  1 
ATOM   319  C  C   . LEU A 1 47  ? 6.919   11.533  -3.842  1.00 18.67 ? 46   LEU A C   1 
ATOM   320  O  O   . LEU A 1 47  ? 6.523   11.655  -4.998  1.00 17.78 ? 46   LEU A O   1 
ATOM   321  C  CB  . LEU A 1 47  ? 5.373   12.156  -1.940  1.00 19.16 ? 46   LEU A CB  1 
ATOM   322  C  CG  . LEU A 1 47  ? 4.512   13.160  -2.717  1.00 21.78 ? 46   LEU A CG  1 
ATOM   323  C  CD1 . LEU A 1 47  ? 3.284   12.485  -3.283  1.00 23.77 ? 46   LEU A CD1 1 
ATOM   324  C  CD2 . LEU A 1 47  ? 4.105   14.307  -1.822  1.00 25.99 ? 46   LEU A CD2 1 
ATOM   325  N  N   . LYS A 1 48  ? 8.161   11.824  -3.452  1.00 19.29 ? 47   LYS A N   1 
ATOM   326  C  CA  . LYS A 1 48  ? 9.161   12.379  -4.365  1.00 20.91 ? 47   LYS A CA  1 
ATOM   327  C  C   . LYS A 1 48  ? 9.525   11.384  -5.450  1.00 21.43 ? 47   LYS A C   1 
ATOM   328  O  O   . LYS A 1 48  ? 9.579   11.746  -6.612  1.00 22.02 ? 47   LYS A O   1 
ATOM   329  C  CB  . LYS A 1 48  ? 10.437  12.769  -3.608  1.00 21.40 ? 47   LYS A CB  1 
ATOM   330  C  CG  . LYS A 1 48  ? 11.450  13.571  -4.450  1.00 24.83 ? 47   LYS A CG  1 
ATOM   331  C  CD  . LYS A 1 48  ? 12.770  13.767  -3.700  1.00 30.28 ? 47   LYS A CD  1 
ATOM   332  C  CE  . LYS A 1 48  ? 13.493  15.040  -4.137  1.00 33.54 ? 47   LYS A CE  1 
ATOM   333  N  NZ  . LYS A 1 48  ? 13.115  16.245  -3.300  1.00 35.58 ? 47   LYS A NZ  1 
ATOM   334  N  N   . GLU A 1 49  ? 9.769   10.130  -5.060  1.00 21.50 ? 48   GLU A N   1 
ATOM   335  C  CA  . GLU A 1 49  ? 10.344  9.126   -5.949  1.00 21.65 ? 48   GLU A CA  1 
ATOM   336  C  C   . GLU A 1 49  ? 9.311   8.295   -6.699  1.00 21.00 ? 48   GLU A C   1 
ATOM   337  O  O   . GLU A 1 49  ? 9.548   7.891   -7.841  1.00 20.38 ? 48   GLU A O   1 
ATOM   338  C  CB  . GLU A 1 49  ? 11.255  8.191   -5.153  1.00 22.16 ? 48   GLU A CB  1 
ATOM   339  C  CG  . GLU A 1 49  ? 12.481  8.861   -4.589  1.00 26.25 ? 48   GLU A CG  1 
ATOM   340  C  CD  . GLU A 1 49  ? 13.317  9.549   -5.662  1.00 31.13 ? 48   GLU A CD  1 
ATOM   341  O  OE1 . GLU A 1 49  ? 13.672  8.872   -6.657  1.00 32.68 ? 48   GLU A OE1 1 
ATOM   342  O  OE2 . GLU A 1 49  ? 13.617  10.763  -5.506  1.00 34.26 ? 48   GLU A OE2 1 
ATOM   343  N  N   . TYR A 1 50  ? 8.171   8.026   -6.061  1.00 19.93 ? 49   TYR A N   1 
ATOM   344  C  CA  . TYR A 1 50  ? 7.182   7.130   -6.644  1.00 19.46 ? 49   TYR A CA  1 
ATOM   345  C  C   . TYR A 1 50  ? 5.804   7.756   -6.691  1.00 18.89 ? 49   TYR A C   1 
ATOM   346  O  O   . TYR A 1 50  ? 4.793   7.057   -6.606  1.00 18.60 ? 49   TYR A O   1 
ATOM   347  C  CB  . TYR A 1 50  ? 7.143   5.815   -5.850  1.00 19.92 ? 49   TYR A CB  1 
ATOM   348  C  CG  . TYR A 1 50  ? 8.497   5.361   -5.376  1.00 20.45 ? 49   TYR A CG  1 
ATOM   349  C  CD1 . TYR A 1 50  ? 9.440   4.837   -6.272  1.00 22.36 ? 49   TYR A CD1 1 
ATOM   350  C  CD2 . TYR A 1 50  ? 8.850   5.480   -4.044  1.00 21.13 ? 49   TYR A CD2 1 
ATOM   351  C  CE1 . TYR A 1 50  ? 10.709  4.432   -5.827  1.00 23.75 ? 49   TYR A CE1 1 
ATOM   352  C  CE2 . TYR A 1 50  ? 10.101  5.075   -3.591  1.00 24.01 ? 49   TYR A CE2 1 
ATOM   353  C  CZ  . TYR A 1 50  ? 11.021  4.555   -4.481  1.00 24.46 ? 49   TYR A CZ  1 
ATOM   354  O  OH  . TYR A 1 50  ? 12.254  4.167   -3.987  1.00 27.50 ? 49   TYR A OH  1 
ATOM   355  N  N   . GLY A 1 51  ? 5.775   9.077   -6.847  1.00 18.54 ? 50   GLY A N   1 
ATOM   356  C  CA  . GLY A 1 51  ? 4.559   9.874   -6.718  1.00 17.20 ? 50   GLY A CA  1 
ATOM   357  C  C   . GLY A 1 51  ? 3.414   9.526   -7.627  1.00 17.06 ? 50   GLY A C   1 
ATOM   358  O  O   . GLY A 1 51  ? 2.247   9.693   -7.256  1.00 16.61 ? 50   GLY A O   1 
ATOM   359  N  N   . LEU A 1 52  ? 3.741   9.048   -8.826  1.00 16.61 ? 51   LEU A N   1 
ATOM   360  C  CA  . LEU A 1 52  ? 2.737   8.721   -9.825  1.00 16.54 ? 51   LEU A CA  1 
ATOM   361  C  C   . LEU A 1 52  ? 1.821   7.585   -9.349  1.00 15.74 ? 51   LEU A C   1 
ATOM   362  O  O   . LEU A 1 52  ? 0.698   7.449   -9.813  1.00 15.63 ? 51   LEU A O   1 
ATOM   363  C  CB  . LEU A 1 52  ? 3.407   8.384   -11.168 1.00 17.03 ? 51   LEU A CB  1 
ATOM   364  C  CG  . LEU A 1 52  ? 4.121   9.572   -11.839 1.00 19.53 ? 51   LEU A CG  1 
ATOM   365  C  CD1 . LEU A 1 52  ? 5.161   9.121   -12.874 1.00 19.47 ? 51   LEU A CD1 1 
ATOM   366  C  CD2 . LEU A 1 52  ? 3.086   10.513  -12.461 1.00 21.28 ? 51   LEU A CD2 1 
ATOM   367  N  N   . ALA A 1 53  ? 2.303   6.793   -8.397  1.00 14.73 ? 52   ALA A N   1 
ATOM   368  C  CA  . ALA A 1 53  ? 1.540   5.644   -7.906  1.00 13.59 ? 52   ALA A CA  1 
ATOM   369  C  C   . ALA A 1 53  ? 1.072   5.869   -6.478  1.00 12.42 ? 52   ALA A C   1 
ATOM   370  O  O   . ALA A 1 53  ? 0.518   4.968   -5.866  1.00 12.81 ? 52   ALA A O   1 
ATOM   371  C  CB  . ALA A 1 53  ? 2.353   4.366   -8.016  1.00 12.64 ? 52   ALA A CB  1 
ATOM   372  N  N   . PHE A 1 54  ? 1.305   7.077   -5.968  1.00 11.97 ? 53   PHE A N   1 
ATOM   373  C  CA  . PHE A 1 54  ? 0.915   7.504   -4.618  1.00 11.37 ? 53   PHE A CA  1 
ATOM   374  C  C   . PHE A 1 54  ? -0.400  8.270   -4.776  1.00 11.81 ? 53   PHE A C   1 
ATOM   375  O  O   . PHE A 1 54  ? -0.404  9.388   -5.298  1.00 11.79 ? 53   PHE A O   1 
ATOM   376  C  CB  . PHE A 1 54  ? 2.018   8.429   -4.051  1.00 11.28 ? 53   PHE A CB  1 
ATOM   377  C  CG  . PHE A 1 54  ? 2.023   8.592   -2.528  1.00 10.68 ? 53   PHE A CG  1 
ATOM   378  C  CD1 . PHE A 1 54  ? 0.836   8.638   -1.785  1.00 9.02  ? 53   PHE A CD1 1 
ATOM   379  C  CD2 . PHE A 1 54  ? 3.227   8.772   -1.855  1.00 11.91 ? 53   PHE A CD2 1 
ATOM   380  C  CE1 . PHE A 1 54  ? 0.840   8.832   -0.406  1.00 10.46 ? 53   PHE A CE1 1 
ATOM   381  C  CE2 . PHE A 1 54  ? 3.260   8.971   -0.450  1.00 9.36  ? 53   PHE A CE2 1 
ATOM   382  C  CZ  . PHE A 1 54  ? 2.074   8.985   0.273   1.00 12.82 ? 53   PHE A CZ  1 
ATOM   383  N  N   . PHE A 1 55  ? -1.505  7.668   -4.340  1.00 12.42 ? 54   PHE A N   1 
ATOM   384  C  CA  . PHE A 1 55  ? -2.842  8.264   -4.498  1.00 13.77 ? 54   PHE A CA  1 
ATOM   385  C  C   . PHE A 1 55  ? -3.525  8.604   -3.165  1.00 13.83 ? 54   PHE A C   1 
ATOM   386  O  O   . PHE A 1 55  ? -3.311  7.937   -2.150  1.00 12.97 ? 54   PHE A O   1 
ATOM   387  C  CB  . PHE A 1 55  ? -3.769  7.313   -5.295  1.00 14.36 ? 54   PHE A CB  1 
ATOM   388  C  CG  . PHE A 1 55  ? -3.456  7.238   -6.764  1.00 17.17 ? 54   PHE A CG  1 
ATOM   389  C  CD1 . PHE A 1 55  ? -4.124  8.065   -7.677  1.00 18.20 ? 54   PHE A CD1 1 
ATOM   390  C  CD2 . PHE A 1 55  ? -2.487  6.348   -7.244  1.00 18.35 ? 54   PHE A CD2 1 
ATOM   391  C  CE1 . PHE A 1 55  ? -3.827  8.012   -9.039  1.00 18.44 ? 54   PHE A CE1 1 
ATOM   392  C  CE2 . PHE A 1 55  ? -2.192  6.276   -8.611  1.00 18.32 ? 54   PHE A CE2 1 
ATOM   393  C  CZ  . PHE A 1 55  ? -2.858  7.117   -9.508  1.00 19.95 ? 54   PHE A CZ  1 
ATOM   394  N  N   . VAL A 1 56  ? -4.384  9.627   -3.194  1.00 14.45 ? 55   VAL A N   1 
ATOM   395  C  CA  . VAL A 1 56  ? -5.327  9.884   -2.102  1.00 14.40 ? 55   VAL A CA  1 
ATOM   396  C  C   . VAL A 1 56  ? -6.769  9.778   -2.609  1.00 15.34 ? 55   VAL A C   1 
ATOM   397  O  O   . VAL A 1 56  ? -7.045  9.991   -3.804  1.00 16.26 ? 55   VAL A O   1 
ATOM   398  C  CB  . VAL A 1 56  ? -5.087  11.265  -1.421  1.00 14.33 ? 55   VAL A CB  1 
ATOM   399  C  CG1 . VAL A 1 56  ? -3.769  11.260  -0.623  1.00 12.15 ? 55   VAL A CG1 1 
ATOM   400  C  CG2 . VAL A 1 56  ? -5.102  12.390  -2.451  1.00 13.42 ? 55   VAL A CG2 1 
ATOM   401  N  N   . ALA A 1 57  ? -7.659  9.391   -1.703  1.00 15.48 ? 56   ALA A N   1 
ATOM   402  C  CA  . ALA A 1 57  ? -9.100  9.429   -1.922  1.00 16.47 ? 56   ALA A CA  1 
ATOM   403  C  C   . ALA A 1 57  ? -9.624  10.700  -1.260  1.00 17.31 ? 56   ALA A C   1 
ATOM   404  O  O   . ALA A 1 57  ? -9.266  10.999  -0.114  1.00 16.95 ? 56   ALA A O   1 
ATOM   405  C  CB  . ALA A 1 57  ? -9.776  8.207   -1.319  1.00 15.44 ? 56   ALA A CB  1 
ATOM   406  N  N   . ILE A 1 58  ? -10.464 11.418  -2.006  1.00 18.77 ? 57   ILE A N   1 
ATOM   407  C  CA  . ILE A 1 58  ? -10.992 12.720  -1.618  1.00 20.89 ? 57   ILE A CA  1 
ATOM   408  C  C   . ILE A 1 58  ? -12.506 12.651  -1.483  1.00 22.56 ? 57   ILE A C   1 
ATOM   409  O  O   . ILE A 1 58  ? -13.204 12.174  -2.374  1.00 22.62 ? 57   ILE A O   1 
ATOM   410  C  CB  . ILE A 1 58  ? -10.616 13.801  -2.666  1.00 21.15 ? 57   ILE A CB  1 
ATOM   411  C  CG1 . ILE A 1 58  ? -9.094  13.926  -2.799  1.00 21.01 ? 57   ILE A CG1 1 
ATOM   412  C  CG2 . ILE A 1 58  ? -11.255 15.170  -2.323  1.00 21.64 ? 57   ILE A CG2 1 
ATOM   413  C  CD1 . ILE A 1 58  ? -8.395  14.352  -1.507  1.00 19.74 ? 57   ILE A CD1 1 
ATOM   414  N  N   . VAL A 1 59  ? -12.987 13.083  -0.330  1.00 24.72 ? 58   VAL A N   1 
ATOM   415  C  CA  . VAL A 1 59  ? -14.401 13.312  -0.091  1.00 27.47 ? 58   VAL A CA  1 
ATOM   416  C  C   . VAL A 1 59  ? -14.490 14.750  0.423   1.00 28.78 ? 58   VAL A C   1 
ATOM   417  O  O   . VAL A 1 59  ? -13.879 15.088  1.452   1.00 29.63 ? 58   VAL A O   1 
ATOM   418  C  CB  . VAL A 1 59  ? -15.010 12.308  0.944   1.00 26.85 ? 58   VAL A CB  1 
ATOM   419  C  CG1 . VAL A 1 59  ? -16.498 12.605  1.197   1.00 28.40 ? 58   VAL A CG1 1 
ATOM   420  C  CG2 . VAL A 1 59  ? -14.855 10.870  0.479   1.00 26.71 ? 58   VAL A CG2 1 
ATOM   421  N  N   . ASP A 1 60  ? -15.199 15.598  -0.325  1.00 30.10 ? 59   ASP A N   1 
ATOM   422  C  CA  . ASP A 1 60  ? -15.472 16.984  0.089   1.00 30.97 ? 59   ASP A CA  1 
ATOM   423  C  C   . ASP A 1 60  ? -14.216 17.795  0.357   1.00 31.20 ? 59   ASP A C   1 
ATOM   424  O  O   . ASP A 1 60  ? -14.068 18.418  1.422   1.00 31.54 ? 59   ASP A O   1 
ATOM   425  C  CB  . ASP A 1 60  ? -16.386 17.002  1.317   1.00 31.62 ? 59   ASP A CB  1 
ATOM   426  C  CG  . ASP A 1 60  ? -17.844 16.817  0.951   1.00 33.32 ? 59   ASP A CG  1 
ATOM   427  O  OD1 . ASP A 1 60  ? -18.606 16.261  1.770   0.50 33.66 ? 59   ASP A OD1 1 
ATOM   428  O  OD2 . ASP A 1 60  ? -18.217 17.211  -0.180  1.00 37.55 ? 59   ASP A OD2 1 
ATOM   429  N  N   . ASN A 1 61  ? -13.321 17.777  -0.628  1.00 31.12 ? 60   ASN A N   1 
ATOM   430  C  CA  . ASN A 1 61  ? -12.013 18.431  -0.546  1.00 31.46 ? 60   ASN A CA  1 
ATOM   431  C  C   . ASN A 1 61  ? -11.085 18.056  0.614   1.00 30.37 ? 60   ASN A C   1 
ATOM   432  O  O   . ASN A 1 61  ? -10.111 18.758  0.872   1.00 31.42 ? 60   ASN A O   1 
ATOM   433  C  CB  . ASN A 1 61  ? -12.125 19.957  -0.701  1.00 32.07 ? 60   ASN A CB  1 
ATOM   434  C  CG  . ASN A 1 61  ? -12.103 20.386  -2.151  1.00 34.86 ? 60   ASN A CG  1 
ATOM   435  O  OD1 . ASN A 1 61  ? -13.062 20.147  -2.902  1.00 37.11 ? 60   ASN A OD1 1 
ATOM   436  N  ND2 . ASN A 1 61  ? -11.004 21.028  -2.563  1.00 37.52 ? 60   ASN A ND2 1 
ATOM   437  N  N   . SER A 1 62  ? -11.368 16.954  1.303   1.00 28.59 ? 61   SER A N   1 
ATOM   438  C  CA  . SER A 1 62  ? -10.384 16.413  2.230   1.00 26.75 ? 61   SER A CA  1 
ATOM   439  C  C   . SER A 1 62  ? -10.027 14.949  1.966   1.00 24.84 ? 61   SER A C   1 
ATOM   440  O  O   . SER A 1 62  ? -10.805 14.170  1.394   1.00 23.96 ? 61   SER A O   1 
ATOM   441  C  CB  . SER A 1 62  ? -10.790 16.637  3.679   1.00 27.19 ? 61   SER A CB  1 
ATOM   442  O  OG  . SER A 1 62  ? -12.143 16.312  3.855   1.00 29.72 ? 61   SER A OG  1 
ATOM   443  N  N   . VAL A 1 63  ? -8.814  14.609  2.366   1.00 22.54 ? 62   VAL A N   1 
ATOM   444  C  CA  . VAL A 1 63  ? -8.262  13.281  2.164   1.00 20.29 ? 62   VAL A CA  1 
ATOM   445  C  C   . VAL A 1 63  ? -8.860  12.351  3.210   1.00 18.82 ? 62   VAL A C   1 
ATOM   446  O  O   . VAL A 1 63  ? -8.821  12.644  4.408   1.00 18.82 ? 62   VAL A O   1 
ATOM   447  C  CB  . VAL A 1 63  ? -6.725  13.330  2.295   1.00 20.19 ? 62   VAL A CB  1 
ATOM   448  C  CG1 . VAL A 1 63  ? -6.132  11.932  2.251   1.00 19.42 ? 62   VAL A CG1 1 
ATOM   449  C  CG2 . VAL A 1 63  ? -6.117  14.242  1.217   1.00 18.82 ? 62   VAL A CG2 1 
ATOM   450  N  N   . VAL A 1 64  ? -9.418  11.233  2.758   1.00 17.37 ? 63   VAL A N   1 
ATOM   451  C  CA  . VAL A 1 64  ? -9.972  10.232  3.669   1.00 15.78 ? 63   VAL A CA  1 
ATOM   452  C  C   . VAL A 1 64  ? -9.274  8.878   3.549   1.00 14.84 ? 63   VAL A C   1 
ATOM   453  O  O   . VAL A 1 64  ? -9.591  7.944   4.270   1.00 14.95 ? 63   VAL A O   1 
ATOM   454  C  CB  . VAL A 1 64  ? -11.505 10.043  3.460   1.00 15.96 ? 63   VAL A CB  1 
ATOM   455  C  CG1 . VAL A 1 64  ? -12.223 11.382  3.618   1.00 17.21 ? 63   VAL A CG1 1 
ATOM   456  C  CG2 . VAL A 1 64  ? -11.792 9.424   2.110   1.00 15.32 ? 63   VAL A CG2 1 
ATOM   457  N  N   . GLY A 1 65  ? -8.352  8.762   2.602   1.00 13.48 ? 64   GLY A N   1 
ATOM   458  C  CA  . GLY A 1 65  ? -7.634  7.521   2.393   1.00 12.15 ? 64   GLY A CA  1 
ATOM   459  C  C   . GLY A 1 65  ? -6.411  7.787   1.530   1.00 12.01 ? 64   GLY A C   1 
ATOM   460  O  O   . GLY A 1 65  ? -6.344  8.804   0.844   1.00 11.86 ? 64   GLY A O   1 
ATOM   461  N  N   . TYR A 1 66  ? -5.453  6.865   1.566   1.00 11.70 ? 65   TYR A N   1 
ATOM   462  C  CA  . TYR A 1 66  ? -4.247  6.994   0.763   1.00 11.00 ? 65   TYR A CA  1 
ATOM   463  C  C   . TYR A 1 66  ? -3.631  5.633   0.558   1.00 11.02 ? 65   TYR A C   1 
ATOM   464  O  O   . TYR A 1 66  ? -3.881  4.684   1.324   1.00 11.05 ? 65   TYR A O   1 
ATOM   465  C  CB  . TYR A 1 66  ? -3.223  7.899   1.463   1.00 11.17 ? 65   TYR A CB  1 
ATOM   466  C  CG  . TYR A 1 66  ? -2.557  7.239   2.645   1.00 10.81 ? 65   TYR A CG  1 
ATOM   467  C  CD1 . TYR A 1 66  ? -1.377  6.507   2.478   1.00 11.91 ? 65   TYR A CD1 1 
ATOM   468  C  CD2 . TYR A 1 66  ? -3.119  7.306   3.925   1.00 12.28 ? 65   TYR A CD2 1 
ATOM   469  C  CE1 . TYR A 1 66  ? -0.772  5.869   3.548   1.00 13.02 ? 65   TYR A CE1 1 
ATOM   470  C  CE2 . TYR A 1 66  ? -2.510  6.662   5.013   1.00 12.15 ? 65   TYR A CE2 1 
ATOM   471  C  CZ  . TYR A 1 66  ? -1.342  5.944   4.802   1.00 14.31 ? 65   TYR A CZ  1 
ATOM   472  O  OH  . TYR A 1 66  ? -0.695  5.321   5.853   1.00 17.87 ? 65   TYR A OH  1 
ATOM   473  N  N   . ILE A 1 67  ? -2.792  5.555   -0.469  1.00 10.90 ? 66   ILE A N   1 
ATOM   474  C  CA  . ILE A 1 67  ? -1.939  4.409   -0.671  1.00 10.44 ? 66   ILE A CA  1 
ATOM   475  C  C   . ILE A 1 67  ? -0.534  4.913   -0.955  1.00 10.19 ? 66   ILE A C   1 
ATOM   476  O  O   . ILE A 1 67  ? -0.349  5.744   -1.847  1.00 11.03 ? 66   ILE A O   1 
ATOM   477  C  CB  . ILE A 1 67  ? -2.475  3.475   -1.797  1.00 9.75  ? 66   ILE A CB  1 
ATOM   478  C  CG1 . ILE A 1 67  ? -1.608  2.211   -1.881  1.00 11.43 ? 66   ILE A CG1 1 
ATOM   479  C  CG2 . ILE A 1 67  ? -2.658  4.222   -3.163  1.00 8.32  ? 66   ILE A CG2 1 
ATOM   480  C  CD1 . ILE A 1 67  ? -2.241  1.099   -2.709  1.00 14.63 ? 66   ILE A CD1 1 
ATOM   481  N  N   . MET A 1 68  ? 0.427   4.447   -0.164  1.00 9.53  ? 67   MET A N   1 
ATOM   482  C  CA  . MET A 1 68  ? 1.831   4.800   -0.338  1.00 9.76  ? 67   MET A CA  1 
ATOM   483  C  C   . MET A 1 68  ? 2.602   3.649   -0.966  1.00 9.57  ? 67   MET A C   1 
ATOM   484  O  O   . MET A 1 68  ? 2.688   2.565   -0.404  1.00 9.26  ? 67   MET A O   1 
ATOM   485  C  CB  . MET A 1 68  ? 2.475   5.193   0.988   1.00 9.98  ? 67   MET A CB  1 
ATOM   486  C  CG  . MET A 1 68  ? 3.931   5.688   0.826   1.00 12.66 ? 67   MET A CG  1 
ATOM   487  S  SD  . MET A 1 68  ? 4.595   6.558   2.266   1.00 15.84 ? 67   MET A SD  1 
ATOM   488  C  CE  . MET A 1 68  ? 4.201   5.434   3.604   1.00 15.23 ? 67   MET A CE  1 
ATOM   489  N  N   . PRO A 1 69  ? 3.173   3.895   -2.150  1.00 10.01 ? 68   PRO A N   1 
ATOM   490  C  CA  . PRO A 1 69  ? 3.801   2.839   -2.900  1.00 9.85  ? 68   PRO A CA  1 
ATOM   491  C  C   . PRO A 1 69  ? 5.327   2.950   -2.856  1.00 10.01 ? 68   PRO A C   1 
ATOM   492  O  O   . PRO A 1 69  ? 5.879   4.022   -2.546  1.00 9.51  ? 68   PRO A O   1 
ATOM   493  C  CB  . PRO A 1 69  ? 3.335   3.159   -4.311  1.00 9.20  ? 68   PRO A CB  1 
ATOM   494  C  CG  . PRO A 1 69  ? 3.454   4.673   -4.348  1.00 10.24 ? 68   PRO A CG  1 
ATOM   495  C  CD  . PRO A 1 69  ? 2.962   5.098   -2.985  1.00 9.47  ? 68   PRO A CD  1 
ATOM   496  N  N   . ARG A 1 70  ? 6.006   1.855   -3.165  1.00 10.35 ? 69   ARG A N   1 
ATOM   497  C  CA  . ARG A 1 70  ? 7.452   1.922   -3.450  1.00 12.08 ? 69   ARG A CA  1 
ATOM   498  C  C   . ARG A 1 70  ? 7.735   1.026   -4.657  1.00 12.64 ? 69   ARG A C   1 
ATOM   499  O  O   . ARG A 1 70  ? 7.047   0.023   -4.857  1.00 13.25 ? 69   ARG A O   1 
ATOM   500  C  CB  . ARG A 1 70  ? 8.303   1.477   -2.251  1.00 11.46 ? 69   ARG A CB  1 
ATOM   501  C  CG  . ARG A 1 70  ? 9.837   1.693   -2.440  1.00 14.72 ? 69   ARG A CG  1 
ATOM   502  C  CD  . ARG A 1 70  ? 10.640  0.954   -1.376  1.00 19.06 ? 69   ARG A CD  1 
ATOM   503  N  NE  . ARG A 1 70  ? 10.348  1.510   -0.078  1.00 24.16 ? 69   ARG A NE  1 
ATOM   504  C  CZ  . ARG A 1 70  ? 10.223  0.842   1.066   1.00 22.79 ? 69   ARG A CZ  1 
ATOM   505  N  NH1 . ARG A 1 70  ? 10.372  -0.484  1.149   1.00 22.36 ? 69   ARG A NH1 1 
ATOM   506  N  NH2 . ARG A 1 70  ? 9.928   1.543   2.147   1.00 22.46 ? 69   ARG A NH2 1 
ATOM   507  N  N   . ILE A 1 71  ? 8.730   1.405   -5.453  1.00 13.68 ? 70   ILE A N   1 
ATOM   508  C  CA  . ILE A 1 71  ? 9.127   0.650   -6.644  1.00 14.68 ? 70   ILE A CA  1 
ATOM   509  C  C   . ILE A 1 71  ? 10.537  0.181   -6.364  1.00 14.46 ? 70   ILE A C   1 
ATOM   510  O  O   . ILE A 1 71  ? 11.386  0.986   -6.001  1.00 14.75 ? 70   ILE A O   1 
ATOM   511  C  CB  . ILE A 1 71  ? 9.123   1.547   -7.901  1.00 15.29 ? 70   ILE A CB  1 
ATOM   512  C  CG1 . ILE A 1 71  ? 7.688   1.972   -8.246  1.00 17.21 ? 70   ILE A CG1 1 
ATOM   513  C  CG2 . ILE A 1 71  ? 9.866   0.874   -9.088  1.00 17.48 ? 70   ILE A CG2 1 
ATOM   514  C  CD1 . ILE A 1 71  ? 6.705   0.804   -8.504  1.00 16.45 ? 70   ILE A CD1 1 
ATOM   515  N  N   . GLU A 1 72  ? 10.767  -1.124  -6.489  1.00 13.84 ? 71   GLU A N   1 
ATOM   516  C  CA  . GLU A 1 72  ? 12.007  -1.724  -6.072  1.00 13.30 ? 71   GLU A CA  1 
ATOM   517  C  C   . GLU A 1 72  ? 12.548  -2.595  -7.207  1.00 13.27 ? 71   GLU A C   1 
ATOM   518  O  O   . GLU A 1 72  ? 11.816  -2.965  -8.125  1.00 13.04 ? 71   GLU A O   1 
ATOM   519  C  CB  . GLU A 1 72  ? 11.780  -2.592  -4.817  1.00 13.06 ? 71   GLU A CB  1 
ATOM   520  C  CG  . GLU A 1 72  ? 11.259  -1.814  -3.605  1.00 12.80 ? 71   GLU A CG  1 
ATOM   521  C  CD  . GLU A 1 72  ? 10.753  -2.711  -2.486  1.00 12.75 ? 71   GLU A CD  1 
ATOM   522  O  OE1 . GLU A 1 72  ? 10.592  -3.932  -2.719  1.00 9.49  ? 71   GLU A OE1 1 
ATOM   523  O  OE2 . GLU A 1 72  ? 10.494  -2.187  -1.374  1.00 13.15 ? 71   GLU A OE2 1 
ATOM   524  N  N   . TRP A 1 73  ? 13.840  -2.891  -7.128  1.00 12.99 ? 72   TRP A N   1 
ATOM   525  C  CA  . TRP A 1 73  ? 14.469  -3.861  -8.005  1.00 12.64 ? 72   TRP A CA  1 
ATOM   526  C  C   . TRP A 1 73  ? 15.219  -4.849  -7.116  1.00 11.95 ? 72   TRP A C   1 
ATOM   527  O  O   . TRP A 1 73  ? 15.963  -4.460  -6.220  1.00 10.86 ? 72   TRP A O   1 
ATOM   528  C  CB  . TRP A 1 73  ? 15.400  -3.169  -9.031  1.00 13.18 ? 72   TRP A CB  1 
ATOM   529  C  CG  . TRP A 1 73  ? 16.080  -4.164  -9.958  1.00 12.56 ? 72   TRP A CG  1 
ATOM   530  C  CD1 . TRP A 1 73  ? 15.545  -4.758  -11.057 1.00 11.60 ? 72   TRP A CD1 1 
ATOM   531  C  CD2 . TRP A 1 73  ? 17.395  -4.682  -9.818  1.00 13.22 ? 72   TRP A CD2 1 
ATOM   532  N  NE1 . TRP A 1 73  ? 16.446  -5.622  -11.616 1.00 12.74 ? 72   TRP A NE1 1 
ATOM   533  C  CE2 . TRP A 1 73  ? 17.599  -5.590  -10.879 1.00 12.73 ? 72   TRP A CE2 1 
ATOM   534  C  CE3 . TRP A 1 73  ? 18.433  -4.459  -8.907  1.00 13.90 ? 72   TRP A CE3 1 
ATOM   535  C  CZ2 . TRP A 1 73  ? 18.797  -6.273  -11.053 1.00 15.18 ? 72   TRP A CZ2 1 
ATOM   536  C  CZ3 . TRP A 1 73  ? 19.625  -5.149  -9.074  1.00 14.84 ? 72   TRP A CZ3 1 
ATOM   537  C  CH2 . TRP A 1 73  ? 19.797  -6.044  -10.134 1.00 16.09 ? 72   TRP A CH2 1 
ATOM   538  N  N   . GLY A 1 74  ? 14.981  -6.135  -7.338  1.00 10.97 ? 73   GLY A N   1 
ATOM   539  C  CA  . GLY A 1 74  ? 15.635  -7.159  -6.541  1.00 11.48 ? 73   GLY A CA  1 
ATOM   540  C  C   . GLY A 1 74  ? 15.020  -8.521  -6.804  1.00 12.42 ? 73   GLY A C   1 
ATOM   541  O  O   . GLY A 1 74  ? 14.356  -8.727  -7.824  1.00 12.47 ? 73   GLY A O   1 
ATOM   542  N  N   . PHE A 1 75  ? 15.222  -9.450  -5.885  1.00 12.79 ? 74   PHE A N   1 
ATOM   543  C  CA  . PHE A 1 75  ? 14.730  -10.814 -6.075  1.00 14.28 ? 74   PHE A CA  1 
ATOM   544  C  C   . PHE A 1 75  ? 13.211  -10.928 -6.034  1.00 14.84 ? 74   PHE A C   1 
ATOM   545  O  O   . PHE A 1 75  ? 12.543  -10.221 -5.279  1.00 14.09 ? 74   PHE A O   1 
ATOM   546  C  CB  . PHE A 1 75  ? 15.349  -11.737 -5.031  1.00 14.72 ? 74   PHE A CB  1 
ATOM   547  C  CG  . PHE A 1 75  ? 16.784  -11.989 -5.275  1.00 15.85 ? 74   PHE A CG  1 
ATOM   548  C  CD1 . PHE A 1 75  ? 17.181  -12.837 -6.318  1.00 16.68 ? 74   PHE A CD1 1 
ATOM   549  C  CD2 . PHE A 1 75  ? 17.753  -11.354 -4.510  1.00 15.64 ? 74   PHE A CD2 1 
ATOM   550  C  CE1 . PHE A 1 75  ? 18.539  -13.061 -6.566  1.00 17.98 ? 74   PHE A CE1 1 
ATOM   551  C  CE2 . PHE A 1 75  ? 19.102  -11.577 -4.754  1.00 16.90 ? 74   PHE A CE2 1 
ATOM   552  C  CZ  . PHE A 1 75  ? 19.491  -12.431 -5.783  1.00 17.05 ? 74   PHE A CZ  1 
ATOM   553  N  N   . SER A 1 76  ? 12.681  -11.805 -6.881  1.00 15.87 ? 75   SER A N   1 
ATOM   554  C  CA  . SER A 1 76  ? 11.252  -12.044 -6.962  1.00 16.86 ? 75   SER A CA  1 
ATOM   555  C  C   . SER A 1 76  ? 10.715  -12.729 -5.690  1.00 18.48 ? 75   SER A C   1 
ATOM   556  O  O   . SER A 1 76  ? 11.407  -13.544 -5.051  1.00 17.91 ? 75   SER A O   1 
ATOM   557  C  CB  . SER A 1 76  ? 10.928  -12.856 -8.217  1.00 16.90 ? 75   SER A CB  1 
ATOM   558  O  OG  . SER A 1 76  ? 9.541   -13.108 -8.334  1.00 16.45 ? 75   SER A OG  1 
ATOM   559  N  N   . ASN A 1 77  ? 9.496   -12.354 -5.311  1.00 20.01 ? 76   ASN A N   1 
ATOM   560  C  CA  . ASN A 1 77  ? 8.777   -13.027 -4.217  1.00 22.43 ? 76   ASN A CA  1 
ATOM   561  C  C   . ASN A 1 77  ? 7.886   -14.132 -4.759  1.00 23.83 ? 76   ASN A C   1 
ATOM   562  O  O   . ASN A 1 77  ? 7.230   -14.832 -3.991  1.00 24.74 ? 76   ASN A O   1 
ATOM   563  C  CB  . ASN A 1 77  ? 7.948   -12.016 -3.416  1.00 21.75 ? 76   ASN A CB  1 
ATOM   564  C  CG  . ASN A 1 77  ? 8.814   -11.017 -2.689  1.00 21.58 ? 76   ASN A CG  1 
ATOM   565  O  OD1 . ASN A 1 77  ? 8.827   -9.826  -3.017  1.00 23.57 ? 76   ASN A OD1 1 
ATOM   566  N  ND2 . ASN A 1 77  ? 9.581   -11.498 -1.737  1.00 19.38 ? 76   ASN A ND2 1 
ATOM   567  N  N   . ILE A 1 78  ? 7.866   -14.278 -6.084  1.00 26.29 ? 77   ILE A N   1 
ATOM   568  C  CA  . ILE A 1 78  ? 6.944   -15.201 -6.761  1.00 28.98 ? 77   ILE A CA  1 
ATOM   569  C  C   . ILE A 1 78  ? 7.647   -16.369 -7.458  1.00 30.79 ? 77   ILE A C   1 
ATOM   570  O  O   . ILE A 1 78  ? 7.228   -17.525 -7.313  1.00 31.20 ? 77   ILE A O   1 
ATOM   571  C  CB  . ILE A 1 78  ? 5.991   -14.459 -7.738  1.00 28.98 ? 77   ILE A CB  1 
ATOM   572  C  CG1 . ILE A 1 78  ? 4.926   -13.700 -6.943  1.00 29.17 ? 77   ILE A CG1 1 
ATOM   573  C  CG2 . ILE A 1 78  ? 5.295   -15.443 -8.704  1.00 29.95 ? 77   ILE A CG2 1 
ATOM   574  C  CD1 . ILE A 1 78  ? 4.205   -12.683 -7.743  1.00 28.82 ? 77   ILE A CD1 1 
ATOM   575  N  N   . LYS A 1 79  ? 8.705   -16.071 -8.212  1.00 32.87 ? 78   LYS A N   1 
ATOM   576  C  CA  . LYS A 1 79  ? 9.496   -17.120 -8.877  1.00 34.92 ? 78   LYS A CA  1 
ATOM   577  C  C   . LYS A 1 79  ? 10.143  -18.079 -7.861  1.00 36.00 ? 78   LYS A C   1 
ATOM   578  O  O   . LYS A 1 79  ? 10.569  -17.659 -6.767  1.00 36.37 ? 78   LYS A O   1 
ATOM   579  C  CB  . LYS A 1 79  ? 10.575  -16.520 -9.797  1.00 34.99 ? 78   LYS A CB  1 
ATOM   580  C  CG  . LYS A 1 79  ? 10.134  -15.333 -10.645 1.00 35.79 ? 78   LYS A CG  1 
ATOM   581  C  CD  . LYS A 1 79  ? 9.403   -15.701 -11.904 1.00 38.40 ? 78   LYS A CD  1 
ATOM   582  C  CE  . LYS A 1 79  ? 9.242   -14.452 -12.761 1.00 40.39 ? 78   LYS A CE  1 
ATOM   583  N  NZ  . LYS A 1 79  ? 8.506   -14.737 -14.020 1.00 41.23 ? 78   LYS A NZ  1 
ATOM   584  N  N   . GLN A 1 80  ? 10.203  -19.361 -8.237  1.00 37.31 ? 79   GLN A N   1 
ATOM   585  C  CA  . GLN A 1 80  ? 10.825  -20.423 -7.425  1.00 37.99 ? 79   GLN A CA  1 
ATOM   586  C  C   . GLN A 1 80  ? 12.348  -20.261 -7.367  1.00 37.65 ? 79   GLN A C   1 
ATOM   587  O  O   . GLN A 1 80  ? 12.936  -20.137 -6.283  1.00 38.04 ? 79   GLN A O   1 
ATOM   588  C  CB  . GLN A 1 80  ? 10.473  -21.808 -7.995  1.00 38.60 ? 79   GLN A CB  1 
ATOM   589  C  CG  . GLN A 1 80  ? 9.082   -22.343 -7.615  1.00 41.67 ? 79   GLN A CG  1 
ATOM   590  C  CD  . GLN A 1 80  ? 7.921   -21.584 -8.274  1.00 45.06 ? 79   GLN A CD  1 
ATOM   591  O  OE1 . GLN A 1 80  ? 8.095   -20.883 -9.288  1.00 45.90 ? 79   GLN A OE1 1 
ATOM   592  N  NE2 . GLN A 1 80  ? 6.723   -21.732 -7.699  1.00 45.64 ? 79   GLN A NE2 1 
ATOM   593  N  N   . LEU A 1 81  ? 12.979  -20.272 -8.540  1.00 36.67 ? 80   LEU A N   1 
ATOM   594  C  CA  . LEU A 1 81  ? 14.422  -20.076 -8.638  1.00 35.79 ? 80   LEU A CA  1 
ATOM   595  C  C   . LEU A 1 81  ? 14.686  -18.577 -8.492  1.00 34.27 ? 80   LEU A C   1 
ATOM   596  O  O   . LEU A 1 81  ? 13.902  -17.773 -8.997  1.00 34.45 ? 80   LEU A O   1 
ATOM   597  C  CB  . LEU A 1 81  ? 14.942  -20.593 -9.989  1.00 36.31 ? 80   LEU A CB  1 
ATOM   598  C  CG  . LEU A 1 81  ? 14.442  -21.962 -10.481 1.00 37.57 ? 80   LEU A CG  1 
ATOM   599  C  CD1 . LEU A 1 81  ? 14.108  -21.916 -11.976 1.00 39.76 ? 80   LEU A CD1 1 
ATOM   600  C  CD2 . LEU A 1 81  ? 15.424  -23.091 -10.168 1.00 39.08 ? 80   LEU A CD2 1 
ATOM   601  N  N   . PRO A 1 82  ? 15.778  -18.195 -7.791  1.00 32.88 ? 81   PRO A N   1 
ATOM   602  C  CA  . PRO A 1 82  ? 16.095  -16.775 -7.609  1.00 31.29 ? 81   PRO A CA  1 
ATOM   603  C  C   . PRO A 1 82  ? 16.156  -16.013 -8.936  1.00 29.54 ? 81   PRO A C   1 
ATOM   604  O  O   . PRO A 1 82  ? 16.817  -16.444 -9.900  1.00 29.71 ? 81   PRO A O   1 
ATOM   605  C  CB  . PRO A 1 82  ? 17.450  -16.805 -6.899  1.00 31.38 ? 81   PRO A CB  1 
ATOM   606  C  CG  . PRO A 1 82  ? 17.393  -18.075 -6.111  1.00 32.10 ? 81   PRO A CG  1 
ATOM   607  C  CD  . PRO A 1 82  ? 16.693  -19.055 -7.016  1.00 32.97 ? 81   PRO A CD  1 
ATOM   608  N  N   . SER A 1 83  ? 15.459  -14.885 -8.969  1.00 27.00 ? 82   SER A N   1 
ATOM   609  C  CA  . SER A 1 83  ? 15.155  -14.205 -10.218 1.00 24.88 ? 82   SER A CA  1 
ATOM   610  C  C   . SER A 1 83  ? 15.001  -12.706 -9.936  1.00 22.33 ? 82   SER A C   1 
ATOM   611  O  O   . SER A 1 83  ? 14.177  -12.314 -9.115  1.00 21.81 ? 82   SER A O   1 
ATOM   612  C  CB  . SER A 1 83  ? 13.864  -14.835 -10.788 1.00 25.24 ? 82   SER A CB  1 
ATOM   613  O  OG  . SER A 1 83  ? 13.372  -14.135 -11.905 1.00 28.60 ? 82   SER A OG  1 
ATOM   614  N  N   . LEU A 1 84  ? 15.790  -11.867 -10.610 1.00 19.83 ? 83   LEU A N   1 
ATOM   615  C  CA  . LEU A 1 84  ? 15.769  -10.409 -10.339 1.00 17.78 ? 83   LEU A CA  1 
ATOM   616  C  C   . LEU A 1 84  ? 14.716  -9.714  -11.183 1.00 16.75 ? 83   LEU A C   1 
ATOM   617  O  O   . LEU A 1 84  ? 14.649  -9.940  -12.392 1.00 15.76 ? 83   LEU A O   1 
ATOM   618  C  CB  . LEU A 1 84  ? 17.146  -9.789  -10.574 1.00 17.92 ? 83   LEU A CB  1 
ATOM   619  C  CG  . LEU A 1 84  ? 18.249  -10.200 -9.596  1.00 17.56 ? 83   LEU A CG  1 
ATOM   620  C  CD1 . LEU A 1 84  ? 19.613  -9.747  -10.100 1.00 19.17 ? 83   LEU A CD1 1 
ATOM   621  C  CD2 . LEU A 1 84  ? 17.973  -9.627  -8.238  1.00 16.72 ? 83   LEU A CD2 1 
ATOM   622  N  N   . VAL A 1 85  ? 13.886  -8.883  -10.542 1.00 14.76 ? 84   VAL A N   1 
ATOM   623  C  CA  . VAL A 1 85  ? 12.725  -8.285  -11.187 1.00 12.77 ? 84   VAL A CA  1 
ATOM   624  C  C   . VAL A 1 85  ? 12.488  -6.879  -10.672 1.00 12.76 ? 84   VAL A C   1 
ATOM   625  O  O   . VAL A 1 85  ? 12.939  -6.517  -9.579  1.00 11.92 ? 84   VAL A O   1 
ATOM   626  C  CB  . VAL A 1 85  ? 11.423  -9.107  -10.929 1.00 12.70 ? 84   VAL A CB  1 
ATOM   627  C  CG1 . VAL A 1 85  ? 11.587  -10.577 -11.413 1.00 13.42 ? 84   VAL A CG1 1 
ATOM   628  C  CG2 . VAL A 1 85  ? 11.030  -9.050  -9.431  1.00 11.48 ? 84   VAL A CG2 1 
ATOM   629  N  N   . ARG A 1 86  ? 11.745  -6.106  -11.448 1.00 12.06 ? 85   ARG A N   1 
ATOM   630  C  CA  . ARG A 1 86  ? 11.264  -4.825  -10.968 1.00 13.07 ? 85   ARG A CA  1 
ATOM   631  C  C   . ARG A 1 86  ? 9.951   -5.128  -10.260 1.00 12.69 ? 85   ARG A C   1 
ATOM   632  O  O   . ARG A 1 86  ? 9.057   -5.724  -10.859 1.00 12.95 ? 85   ARG A O   1 
ATOM   633  C  CB  . ARG A 1 86  ? 11.050  -3.876  -12.150 1.00 13.12 ? 85   ARG A CB  1 
ATOM   634  C  CG  . ARG A 1 86  ? 10.954  -2.424  -11.779 1.00 16.58 ? 85   ARG A CG  1 
ATOM   635  C  CD  . ARG A 1 86  ? 11.613  -1.522  -12.867 1.00 18.98 ? 85   ARG A CD  1 
ATOM   636  N  NE  . ARG A 1 86  ? 13.078  -1.645  -12.908 1.00 21.04 ? 85   ARG A NE  1 
ATOM   637  C  CZ  . ARG A 1 86  ? 13.937  -0.920  -12.188 1.00 21.46 ? 85   ARG A CZ  1 
ATOM   638  N  NH1 . ARG A 1 86  ? 13.485  -0.010  -11.333 1.00 22.06 ? 85   ARG A NH1 1 
ATOM   639  N  NH2 . ARG A 1 86  ? 15.258  -1.111  -12.316 1.00 17.54 ? 85   ARG A NH2 1 
ATOM   640  N  N   . LYS A 1 87  ? 9.831   -4.721  -8.994  1.00 12.38 ? 86   LYS A N   1 
ATOM   641  C  CA  . LYS A 1 87  ? 8.645   -5.052  -8.201  1.00 12.47 ? 86   LYS A CA  1 
ATOM   642  C  C   . LYS A 1 87  ? 8.038   -3.843  -7.484  1.00 11.35 ? 86   LYS A C   1 
ATOM   643  O  O   . LYS A 1 87  ? 8.758   -2.960  -6.999  1.00 12.56 ? 86   LYS A O   1 
ATOM   644  C  CB  . LYS A 1 87  ? 8.973   -6.179  -7.208  1.00 12.91 ? 86   LYS A CB  1 
ATOM   645  C  CG  . LYS A 1 87  ? 10.215  -5.910  -6.387  1.00 12.64 ? 86   LYS A CG  1 
ATOM   646  C  CD  . LYS A 1 87  ? 10.693  -7.124  -5.618  1.00 13.10 ? 86   LYS A CD  1 
ATOM   647  C  CE  . LYS A 1 87  ? 11.952  -6.749  -4.849  1.00 12.03 ? 86   LYS A CE  1 
ATOM   648  N  NZ  . LYS A 1 87  ? 12.441  -7.809  -3.986  1.00 13.13 ? 86   LYS A NZ  1 
ATOM   649  N  N   . GLY A 1 88  ? 6.709   -3.798  -7.457  1.00 10.87 ? 87   GLY A N   1 
ATOM   650  C  CA  . GLY A 1 88  ? 5.969   -2.749  -6.740  1.00 9.63  ? 87   GLY A CA  1 
ATOM   651  C  C   . GLY A 1 88  ? 5.722   -3.223  -5.321  1.00 10.00 ? 87   GLY A C   1 
ATOM   652  O  O   . GLY A 1 88  ? 5.490   -4.401  -5.090  1.00 9.18  ? 87   GLY A O   1 
ATOM   653  N  N   . HIS A 1 89  ? 5.744   -2.299  -4.374  1.00 9.27  ? 88   HIS A N   1 
ATOM   654  C  CA  . HIS A 1 89  ? 5.595   -2.657  -2.970  1.00 10.00 ? 88   HIS A CA  1 
ATOM   655  C  C   . HIS A 1 89  ? 4.569   -1.696  -2.386  1.00 9.90  ? 88   HIS A C   1 
ATOM   656  O  O   . HIS A 1 89  ? 4.763   -0.475  -2.418  1.00 11.22 ? 88   HIS A O   1 
ATOM   657  C  CB  . HIS A 1 89  ? 6.954   -2.508  -2.272  1.00 9.69  ? 88   HIS A CB  1 
ATOM   658  C  CG  . HIS A 1 89  ? 6.982   -2.987  -0.851  1.00 11.74 ? 88   HIS A CG  1 
ATOM   659  N  ND1 . HIS A 1 89  ? 8.148   -3.008  -0.109  1.00 13.40 ? 88   HIS A ND1 1 
ATOM   660  C  CD2 . HIS A 1 89  ? 6.016   -3.519  -0.061  1.00 11.88 ? 88   HIS A CD2 1 
ATOM   661  C  CE1 . HIS A 1 89  ? 7.889   -3.512  1.087   1.00 16.78 ? 88   HIS A CE1 1 
ATOM   662  N  NE2 . HIS A 1 89  ? 6.599   -3.815  1.148   1.00 15.01 ? 88   HIS A NE2 1 
ATOM   663  N  N   . VAL A 1 90  ? 3.447   -2.226  -1.917  1.00 10.43 ? 89   VAL A N   1 
ATOM   664  C  CA  . VAL A 1 90  ? 2.472   -1.405  -1.198  1.00 10.05 ? 89   VAL A CA  1 
ATOM   665  C  C   . VAL A 1 90  ? 3.039   -1.205  0.215   1.00 9.91  ? 89   VAL A C   1 
ATOM   666  O  O   . VAL A 1 90  ? 3.107   -2.149  0.987   1.00 10.55 ? 89   VAL A O   1 
ATOM   667  C  CB  . VAL A 1 90  ? 1.068   -2.082  -1.128  1.00 9.32  ? 89   VAL A CB  1 
ATOM   668  C  CG1 . VAL A 1 90  ? 0.073   -1.166  -0.382  1.00 10.28 ? 89   VAL A CG1 1 
ATOM   669  C  CG2 . VAL A 1 90  ? 0.543   -2.400  -2.546  1.00 9.92  ? 89   VAL A CG2 1 
ATOM   670  N  N   . VAL A 1 91  ? 3.446   0.019   0.544   1.00 10.30 ? 90   VAL A N   1 
ATOM   671  C  CA  . VAL A 1 91  ? 4.098   0.280   1.830   1.00 10.73 ? 90   VAL A CA  1 
ATOM   672  C  C   . VAL A 1 91  ? 3.046   0.517   2.908   1.00 11.63 ? 90   VAL A C   1 
ATOM   673  O  O   . VAL A 1 91  ? 3.188   0.034   4.028   1.00 11.76 ? 90   VAL A O   1 
ATOM   674  C  CB  . VAL A 1 91  ? 5.069   1.504   1.777   1.00 11.06 ? 90   VAL A CB  1 
ATOM   675  C  CG1 . VAL A 1 91  ? 5.809   1.678   3.123   1.00 11.17 ? 90   VAL A CG1 1 
ATOM   676  C  CG2 . VAL A 1 91  ? 6.076   1.350   0.633   1.00 11.89 ? 90   VAL A CG2 1 
ATOM   677  N  N   . SER A 1 92  ? 1.982   1.235   2.554   1.00 11.71 ? 91   SER A N   1 
ATOM   678  C  CA  . SER A 1 92  ? 0.973   1.637   3.528   1.00 12.66 ? 91   SER A CA  1 
ATOM   679  C  C   . SER A 1 92  ? -0.309  2.003   2.796   1.00 12.45 ? 91   SER A C   1 
ATOM   680  O  O   . SER A 1 92  ? -0.275  2.690   1.752   1.00 11.48 ? 91   SER A O   1 
ATOM   681  C  CB  . SER A 1 92  ? 1.478   2.853   4.332   1.00 12.80 ? 91   SER A CB  1 
ATOM   682  O  OG  . SER A 1 92  ? 0.624   3.092   5.446   1.00 16.68 ? 91   SER A OG  1 
ATOM   683  N  N   . ILE A 1 93  ? -1.438  1.537   3.336   1.00 11.67 ? 92   ILE A N   1 
ATOM   684  C  CA  . ILE A 1 93  ? -2.752  1.893   2.805   1.00 11.64 ? 92   ILE A CA  1 
ATOM   685  C  C   . ILE A 1 93  ? -3.748  1.988   3.961   1.00 11.70 ? 92   ILE A C   1 
ATOM   686  O  O   . ILE A 1 93  ? -3.782  1.127   4.841   1.00 11.21 ? 92   ILE A O   1 
ATOM   687  C  CB  . ILE A 1 93  ? -3.250  0.920   1.683   1.00 10.82 ? 92   ILE A CB  1 
ATOM   688  C  CG1 . ILE A 1 93  ? -4.562  1.440   1.071   1.00 12.09 ? 92   ILE A CG1 1 
ATOM   689  C  CG2 . ILE A 1 93  ? -3.446  -0.498  2.206   1.00 11.62 ? 92   ILE A CG2 1 
ATOM   690  C  CD1 . ILE A 1 93  ? -5.028  0.670   -0.158  1.00 14.56 ? 92   ILE A CD1 1 
ATOM   691  N  N   . ALA A 1 94  ? -4.531  3.057   3.977   1.00 12.07 ? 93   ALA A N   1 
ATOM   692  C  CA  . ALA A 1 94  ? -5.489  3.251   5.043   1.00 12.50 ? 93   ALA A CA  1 
ATOM   693  C  C   . ALA A 1 94  ? -6.665  4.101   4.585   1.00 13.19 ? 93   ALA A C   1 
ATOM   694  O  O   . ALA A 1 94  ? -6.526  4.967   3.720   1.00 12.71 ? 93   ALA A O   1 
ATOM   695  C  CB  . ALA A 1 94  ? -4.807  3.869   6.261   1.00 11.98 ? 93   ALA A CB  1 
ATOM   696  N  N   . VAL A 1 95  ? -7.830  3.820   5.158   1.00 13.73 ? 94   VAL A N   1 
ATOM   697  C  CA  . VAL A 1 95  ? -9.063  4.567   4.886   1.00 14.93 ? 94   VAL A CA  1 
ATOM   698  C  C   . VAL A 1 95  ? -9.659  4.901   6.254   1.00 16.06 ? 94   VAL A C   1 
ATOM   699  O  O   . VAL A 1 95  ? -9.681  4.039   7.164   1.00 15.80 ? 94   VAL A O   1 
ATOM   700  C  CB  . VAL A 1 95  ? -10.069 3.755   4.008   1.00 15.17 ? 94   VAL A CB  1 
ATOM   701  C  CG1 . VAL A 1 95  ? -11.365 4.547   3.728   1.00 14.40 ? 94   VAL A CG1 1 
ATOM   702  C  CG2 . VAL A 1 95  ? -9.423  3.318   2.680   1.00 16.09 ? 94   VAL A CG2 1 
ATOM   703  N  N   . LEU A 1 96  ? -10.108 6.149   6.412   1.00 16.74 ? 95   LEU A N   1 
ATOM   704  C  CA  . LEU A 1 96  ? -10.780 6.566   7.641   1.00 19.08 ? 95   LEU A CA  1 
ATOM   705  C  C   . LEU A 1 96  ? -12.014 5.722   7.875   1.00 19.86 ? 95   LEU A C   1 
ATOM   706  O  O   . LEU A 1 96  ? -12.737 5.413   6.940   1.00 20.27 ? 95   LEU A O   1 
ATOM   707  C  CB  . LEU A 1 96  ? -11.174 8.041   7.590   1.00 18.64 ? 95   LEU A CB  1 
ATOM   708  C  CG  . LEU A 1 96  ? -10.049 9.057   7.738   1.00 18.39 ? 95   LEU A CG  1 
ATOM   709  C  CD1 . LEU A 1 96  ? -10.554 10.484  7.423   1.00 19.40 ? 95   LEU A CD1 1 
ATOM   710  C  CD2 . LEU A 1 96  ? -9.350  8.974   9.106   1.00 18.77 ? 95   LEU A CD2 1 
ATOM   711  N  N   . GLU A 1 97  ? -12.229 5.374   9.140   1.00 22.58 ? 96   GLU A N   1 
ATOM   712  C  CA  . GLU A 1 97  ? -13.325 4.510   9.587   1.00 24.76 ? 96   GLU A CA  1 
ATOM   713  C  C   . GLU A 1 97  ? -14.679 4.793   8.909   1.00 25.51 ? 96   GLU A C   1 
ATOM   714  O  O   . GLU A 1 97  ? -15.315 3.869   8.383   1.00 25.37 ? 96   GLU A O   1 
ATOM   715  C  CB  . GLU A 1 97  ? -13.477 4.642   11.108  1.00 25.52 ? 96   GLU A CB  1 
ATOM   716  C  CG  . GLU A 1 97  ? -13.621 3.331   11.864  1.00 29.18 ? 96   GLU A CG  1 
ATOM   717  C  CD  . GLU A 1 97  ? -14.870 2.572   11.487  1.00 34.01 ? 96   GLU A CD  1 
ATOM   718  O  OE1 . GLU A 1 97  ? -14.900 1.992   10.375  1.00 36.40 ? 96   GLU A OE1 1 
ATOM   719  O  OE2 . GLU A 1 97  ? -15.816 2.534   12.311  1.00 37.10 ? 96   GLU A OE2 1 
ATOM   720  N  N   . GLU A 1 98  ? -15.100 6.063   8.912   1.00 26.31 ? 97   GLU A N   1 
ATOM   721  C  CA  . GLU A 1 98  ? -16.420 6.474   8.377   1.00 27.51 ? 97   GLU A CA  1 
ATOM   722  C  C   . GLU A 1 98  ? -16.600 6.159   6.901   1.00 27.46 ? 97   GLU A C   1 
ATOM   723  O  O   . GLU A 1 98  ? -17.724 6.024   6.413   1.00 27.55 ? 97   GLU A O   1 
ATOM   724  C  CB  . GLU A 1 98  ? -16.672 7.976   8.589   1.00 27.87 ? 97   GLU A CB  1 
ATOM   725  C  CG  . GLU A 1 98  ? -16.237 8.515   9.943   1.00 30.19 ? 97   GLU A CG  1 
ATOM   726  C  CD  . GLU A 1 98  ? -14.784 8.961   9.933   1.00 33.08 ? 97   GLU A CD  1 
ATOM   727  O  OE1 . GLU A 1 98  ? -14.492 10.057  9.379   1.00 35.12 ? 97   GLU A OE1 1 
ATOM   728  O  OE2 . GLU A 1 98  ? -13.943 8.216   10.484  1.00 32.60 ? 97   GLU A OE2 1 
ATOM   729  N  N   . TYR A 1 99  ? -15.482 6.036   6.189   1.00 27.34 ? 98   TYR A N   1 
ATOM   730  C  CA  . TYR A 1 99  ? -15.512 5.901   4.744   1.00 26.91 ? 98   TYR A CA  1 
ATOM   731  C  C   . TYR A 1 99  ? -15.154 4.499   4.249   1.00 26.34 ? 98   TYR A C   1 
ATOM   732  O  O   . TYR A 1 99  ? -14.980 4.289   3.050   1.00 26.21 ? 98   TYR A O   1 
ATOM   733  C  CB  . TYR A 1 99  ? -14.610 6.973   4.117   1.00 27.53 ? 98   TYR A CB  1 
ATOM   734  C  CG  . TYR A 1 99  ? -15.001 8.375   4.551   1.00 28.18 ? 98   TYR A CG  1 
ATOM   735  C  CD1 . TYR A 1 99  ? -16.075 9.039   3.954   1.00 29.33 ? 98   TYR A CD1 1 
ATOM   736  C  CD2 . TYR A 1 99  ? -14.316 9.017   5.581   1.00 29.24 ? 98   TYR A CD2 1 
ATOM   737  C  CE1 . TYR A 1 99  ? -16.443 10.319  4.368   1.00 30.18 ? 98   TYR A CE1 1 
ATOM   738  C  CE2 . TYR A 1 99  ? -14.671 10.283  5.996   1.00 30.09 ? 98   TYR A CE2 1 
ATOM   739  C  CZ  . TYR A 1 99  ? -15.729 10.931  5.388   1.00 31.02 ? 98   TYR A CZ  1 
ATOM   740  O  OH  . TYR A 1 99  ? -16.066 12.196  5.818   1.00 32.65 ? 98   TYR A OH  1 
ATOM   741  N  N   . ARG A 1 100 ? -15.075 3.551   5.179   1.00 25.57 ? 99   ARG A N   1 
ATOM   742  C  CA  . ARG A 1 100 ? -14.762 2.158   4.865   1.00 25.44 ? 99   ARG A CA  1 
ATOM   743  C  C   . ARG A 1 100 ? -15.944 1.414   4.229   1.00 26.05 ? 99   ARG A C   1 
ATOM   744  O  O   . ARG A 1 100 ? -17.094 1.841   4.369   1.00 26.36 ? 99   ARG A O   1 
ATOM   745  C  CB  . ARG A 1 100 ? -14.264 1.426   6.115   1.00 24.73 ? 99   ARG A CB  1 
ATOM   746  C  CG  . ARG A 1 100 ? -12.812 1.715   6.436   1.00 23.70 ? 99   ARG A CG  1 
ATOM   747  C  CD  . ARG A 1 100 ? -12.337 1.072   7.721   1.00 21.08 ? 99   ARG A CD  1 
ATOM   748  N  NE  . ARG A 1 100 ? -11.153 1.777   8.201   1.00 20.13 ? 99   ARG A NE  1 
ATOM   749  C  CZ  . ARG A 1 100 ? -10.577 1.600   9.385   1.00 21.97 ? 99   ARG A CZ  1 
ATOM   750  N  NH1 . ARG A 1 100 ? -11.043 0.702   10.258  1.00 20.54 ? 99   ARG A NH1 1 
ATOM   751  N  NH2 . ARG A 1 100 ? -9.513  2.329   9.700   1.00 22.06 ? 99   ARG A NH2 1 
ATOM   752  N  N   . ARG A 1 101 ? -15.643 0.299   3.555   1.00 26.04 ? 100  ARG A N   1 
ATOM   753  C  CA  . ARG A 1 101 ? -16.610 -0.503  2.773   1.00 26.23 ? 100  ARG A CA  1 
ATOM   754  C  C   . ARG A 1 101 ? -17.346 0.295   1.678   1.00 25.97 ? 100  ARG A C   1 
ATOM   755  O  O   . ARG A 1 101 ? -18.493 -0.008  1.360   1.00 25.88 ? 100  ARG A O   1 
ATOM   756  C  CB  . ARG A 1 101 ? -17.646 -1.247  3.659   1.00 26.37 ? 100  ARG A CB  1 
ATOM   757  C  CG  . ARG A 1 101 ? -17.139 -2.249  4.701   1.00 27.42 ? 100  ARG A CG  1 
ATOM   758  C  CD  . ARG A 1 101 ? -16.161 -3.299  4.187   1.00 28.58 ? 100  ARG A CD  1 
ATOM   759  N  NE  . ARG A 1 101 ? -16.714 -4.502  3.543   1.00 27.50 ? 100  ARG A NE  1 
ATOM   760  C  CZ  . ARG A 1 101 ? -17.158 -5.600  4.161   1.00 25.80 ? 100  ARG A CZ  1 
ATOM   761  N  NH1 . ARG A 1 101 ? -17.207 -5.675  5.481   1.00 25.82 ? 100  ARG A NH1 1 
ATOM   762  N  NH2 . ARG A 1 101 ? -17.581 -6.635  3.439   1.00 24.29 ? 100  ARG A NH2 1 
ATOM   763  N  N   . LYS A 1 102 ? -16.707 1.315   1.119   1.00 25.33 ? 101  LYS A N   1 
ATOM   764  C  CA  . LYS A 1 102 ? -17.275 2.047   -0.019  1.00 25.09 ? 101  LYS A CA  1 
ATOM   765  C  C   . LYS A 1 102 ? -16.509 1.744   -1.309  1.00 24.20 ? 101  LYS A C   1 
ATOM   766  O  O   . LYS A 1 102 ? -16.821 2.296   -2.377  1.00 23.95 ? 101  LYS A O   1 
ATOM   767  C  CB  . LYS A 1 102 ? -17.289 3.560   0.242   1.00 25.44 ? 101  LYS A CB  1 
ATOM   768  C  CG  . LYS A 1 102 ? -18.305 4.038   1.297   1.00 27.80 ? 101  LYS A CG  1 
ATOM   769  C  CD  . LYS A 1 102 ? -18.254 5.570   1.559   1.00 31.26 ? 101  LYS A CD  1 
ATOM   770  C  CE  . LYS A 1 102 ? -18.135 6.447   0.267   1.00 31.51 ? 101  LYS A CE  1 
ATOM   771  N  NZ  . LYS A 1 102 ? -19.279 6.354   -0.729  1.00 32.50 ? 101  LYS A NZ  1 
ATOM   772  N  N   . GLY A 1 103 ? -15.511 0.861   -1.210  1.00 22.99 ? 102  GLY A N   1 
ATOM   773  C  CA  . GLY A 1 103 ? -14.647 0.535   -2.348  1.00 21.00 ? 102  GLY A CA  1 
ATOM   774  C  C   . GLY A 1 103 ? -13.457 1.467   -2.516  1.00 20.05 ? 102  GLY A C   1 
ATOM   775  O  O   . GLY A 1 103 ? -12.833 1.492   -3.578  1.00 20.33 ? 102  GLY A O   1 
ATOM   776  N  N   . ILE A 1 104 ? -13.139 2.234   -1.478  1.00 18.82 ? 103  ILE A N   1 
ATOM   777  C  CA  . ILE A 1 104 ? -12.081 3.236   -1.586  1.00 17.86 ? 103  ILE A CA  1 
ATOM   778  C  C   . ILE A 1 104 ? -10.709 2.548   -1.688  1.00 16.86 ? 103  ILE A C   1 
ATOM   779  O  O   . ILE A 1 104 ? -9.945  2.824   -2.600  1.00 15.49 ? 103  ILE A O   1 
ATOM   780  C  CB  . ILE A 1 104 ? -12.083 4.233   -0.411  1.00 17.86 ? 103  ILE A CB  1 
ATOM   781  C  CG1 . ILE A 1 104 ? -13.322 5.119   -0.445  1.00 17.96 ? 103  ILE A CG1 1 
ATOM   782  C  CG2 . ILE A 1 104 ? -10.845 5.141   -0.475  1.00 18.05 ? 103  ILE A CG2 1 
ATOM   783  C  CD1 . ILE A 1 104 ? -13.405 6.116   0.714   1.00 17.51 ? 103  ILE A CD1 1 
ATOM   784  N  N   . ALA A 1 105 ? -10.412 1.644   -0.762  1.00 16.49 ? 104  ALA A N   1 
ATOM   785  C  CA  . ALA A 1 105 ? -9.109  0.953   -0.790  1.00 16.20 ? 104  ALA A CA  1 
ATOM   786  C  C   . ALA A 1 105 ? -8.903  0.168   -2.085  1.00 15.75 ? 104  ALA A C   1 
ATOM   787  O  O   . ALA A 1 105 ? -7.809  0.195   -2.657  1.00 15.37 ? 104  ALA A O   1 
ATOM   788  C  CB  . ALA A 1 105 ? -8.936  0.058   0.416   1.00 16.44 ? 104  ALA A CB  1 
ATOM   789  N  N   . THR A 1 106 ? -9.968  -0.481  -2.570  1.00 15.85 ? 105  THR A N   1 
ATOM   790  C  CA  . THR A 1 106 ? -9.929  -1.204  -3.837  1.00 15.10 ? 105  THR A CA  1 
ATOM   791  C  C   . THR A 1 106 ? -9.538  -0.273  -4.959  1.00 14.88 ? 105  THR A C   1 
ATOM   792  O  O   . THR A 1 106 ? -8.648  -0.591  -5.745  1.00 14.66 ? 105  THR A O   1 
ATOM   793  C  CB  . THR A 1 106 ? -11.295 -1.838  -4.198  1.00 15.88 ? 105  THR A CB  1 
ATOM   794  O  OG1 . THR A 1 106 ? -11.620 -2.838  -3.233  1.00 16.34 ? 105  THR A OG1 1 
ATOM   795  C  CG2 . THR A 1 106 ? -11.248 -2.473  -5.601  1.00 15.79 ? 105  THR A CG2 1 
ATOM   796  N  N   . THR A 1 107 ? -10.207 0.878   -5.017  1.00 15.18 ? 106  THR A N   1 
ATOM   797  C  CA  . THR A 1 107 ? -9.939  1.894   -6.031  1.00 15.60 ? 106  THR A CA  1 
ATOM   798  C  C   . THR A 1 107 ? -8.505  2.420   -5.917  1.00 14.83 ? 106  THR A C   1 
ATOM   799  O  O   . THR A 1 107 ? -7.831  2.617   -6.936  1.00 15.02 ? 106  THR A O   1 
ATOM   800  C  CB  . THR A 1 107 ? -10.949 3.064   -5.941  1.00 15.86 ? 106  THR A CB  1 
ATOM   801  O  OG1 . THR A 1 107 ? -12.289 2.540   -6.000  1.00 20.14 ? 106  THR A OG1 1 
ATOM   802  C  CG2 . THR A 1 107 ? -10.766 4.033   -7.078  1.00 15.14 ? 106  THR A CG2 1 
ATOM   803  N  N   . LEU A 1 108 ? -8.046  2.656   -4.690  1.00 13.27 ? 107  LEU A N   1 
ATOM   804  C  CA  . LEU A 1 108 ? -6.677  3.164   -4.488  1.00 13.43 ? 107  LEU A CA  1 
ATOM   805  C  C   . LEU A 1 108 ? -5.647  2.154   -4.965  1.00 13.70 ? 107  LEU A C   1 
ATOM   806  O  O   . LEU A 1 108 ? -4.692  2.486   -5.700  1.00 13.73 ? 107  LEU A O   1 
ATOM   807  C  CB  . LEU A 1 108 ? -6.425  3.491   -3.011  1.00 13.39 ? 107  LEU A CB  1 
ATOM   808  C  CG  . LEU A 1 108 ? -7.141  4.681   -2.394  1.00 14.24 ? 107  LEU A CG  1 
ATOM   809  C  CD1 . LEU A 1 108 ? -6.995  4.621   -0.866  1.00 12.90 ? 107  LEU A CD1 1 
ATOM   810  C  CD2 . LEU A 1 108 ? -6.575  5.994   -2.926  1.00 14.25 ? 107  LEU A CD2 1 
ATOM   811  N  N   . LEU A 1 109 ? -5.838  0.912   -4.532  1.00 13.67 ? 108  LEU A N   1 
ATOM   812  C  CA  . LEU A 1 109 ? -4.984  -0.172  -4.962  1.00 14.68 ? 108  LEU A CA  1 
ATOM   813  C  C   . LEU A 1 109 ? -4.951  -0.355  -6.467  1.00 14.28 ? 108  LEU A C   1 
ATOM   814  O  O   . LEU A 1 109 ? -3.885  -0.489  -7.017  1.00 13.56 ? 108  LEU A O   1 
ATOM   815  C  CB  . LEU A 1 109 ? -5.389  -1.486  -4.304  1.00 15.11 ? 108  LEU A CB  1 
ATOM   816  C  CG  . LEU A 1 109 ? -4.593  -1.839  -3.060  1.00 18.59 ? 108  LEU A CG  1 
ATOM   817  C  CD1 . LEU A 1 109 ? -5.282  -2.996  -2.336  1.00 20.06 ? 108  LEU A CD1 1 
ATOM   818  C  CD2 . LEU A 1 109 ? -3.136  -2.203  -3.469  1.00 18.03 ? 108  LEU A CD2 1 
ATOM   819  N  N   . GLU A 1 110 ? -6.112  -0.369  -7.126  1.00 14.74 ? 109  GLU A N   1 
ATOM   820  C  CA  . GLU A 1 110 ? -6.146  -0.589  -8.572  1.00 16.02 ? 109  GLU A CA  1 
ATOM   821  C  C   . GLU A 1 110 ? -5.394  0.514   -9.285  1.00 15.69 ? 109  GLU A C   1 
ATOM   822  O  O   . GLU A 1 110 ? -4.580  0.235   -10.177 1.00 16.45 ? 109  GLU A O   1 
ATOM   823  C  CB  . GLU A 1 110 ? -7.586  -0.762  -9.087  1.00 16.85 ? 109  GLU A CB  1 
ATOM   824  C  CG  . GLU A 1 110 ? -8.226  -2.056  -8.556  1.00 21.22 ? 109  GLU A CG  1 
ATOM   825  C  CD  . GLU A 1 110 ? -9.492  -2.476  -9.281  1.00 27.32 ? 109  GLU A CD  1 
ATOM   826  O  OE1 . GLU A 1 110 ? -10.376 -1.615  -9.499  1.00 31.07 ? 109  GLU A OE1 1 
ATOM   827  O  OE2 . GLU A 1 110 ? -9.605  -3.680  -9.615  1.00 29.74 ? 109  GLU A OE2 1 
ATOM   828  N  N   . ALA A 1 111 ? -5.626  1.756   -8.860  1.00 15.46 ? 110  ALA A N   1 
ATOM   829  C  CA  . ALA A 1 111 ? -4.924  2.918   -9.401  1.00 14.57 ? 110  ALA A CA  1 
ATOM   830  C  C   . ALA A 1 111 ? -3.403  2.878   -9.167  1.00 14.31 ? 110  ALA A C   1 
ATOM   831  O  O   . ALA A 1 111 ? -2.619  3.199   -10.073 1.00 13.50 ? 110  ALA A O   1 
ATOM   832  C  CB  . ALA A 1 111 ? -5.524  4.215   -8.829  1.00 15.11 ? 110  ALA A CB  1 
ATOM   833  N  N   . SER A 1 112 ? -2.990  2.501   -7.957  1.00 13.27 ? 111  SER A N   1 
ATOM   834  C  CA  . SER A 1 112 ? -1.568  2.452   -7.630  1.00 13.20 ? 111  SER A CA  1 
ATOM   835  C  C   . SER A 1 112 ? -0.874  1.344   -8.412  1.00 13.12 ? 111  SER A C   1 
ATOM   836  O  O   . SER A 1 112 ? 0.220   1.540   -8.936  1.00 12.77 ? 111  SER A O   1 
ATOM   837  C  CB  . SER A 1 112 ? -1.351  2.241   -6.121  1.00 12.72 ? 111  SER A CB  1 
ATOM   838  O  OG  . SER A 1 112 ? 0.023   2.377   -5.771  1.00 11.49 ? 111  SER A OG  1 
ATOM   839  N  N   . MET A 1 113 ? -1.516  0.186   -8.491  1.00 12.81 ? 112  MET A N   1 
ATOM   840  C  CA  . MET A 1 113 ? -0.931  -0.936  -9.198  1.00 13.46 ? 112  MET A CA  1 
ATOM   841  C  C   . MET A 1 113 ? -0.760  -0.633  -10.685 1.00 13.39 ? 112  MET A C   1 
ATOM   842  O  O   . MET A 1 113 ? 0.268   -0.973  -11.268 1.00 12.16 ? 112  MET A O   1 
ATOM   843  C  CB  . MET A 1 113 ? -1.734  -2.218  -8.966  1.00 12.60 ? 112  MET A CB  1 
ATOM   844  C  CG  . MET A 1 113 ? -1.700  -2.682  -7.499  1.00 14.57 ? 112  MET A CG  1 
ATOM   845  S  SD  . MET A 1 113 ? -2.299  -4.363  -7.305  1.00 19.59 ? 112  MET A SD  1 
ATOM   846  C  CE  . MET A 1 113 ? -4.037  -4.177  -7.752  1.00 19.59 ? 112  MET A CE  1 
ATOM   847  N  N   . LYS A 1 114 ? -1.754  0.022   -11.279 1.00 14.28 ? 113  LYS A N   1 
ATOM   848  C  CA  . LYS A 1 114 ? -1.655  0.437   -12.674 1.00 16.01 ? 113  LYS A CA  1 
ATOM   849  C  C   . LYS A 1 114 ? -0.400  1.262   -12.930 1.00 15.95 ? 113  LYS A C   1 
ATOM   850  O  O   . LYS A 1 114 ? 0.343   1.032   -13.892 1.00 16.42 ? 113  LYS A O   1 
ATOM   851  C  CB  . LYS A 1 114 ? -2.895  1.228   -13.100 1.00 16.47 ? 113  LYS A CB  1 
ATOM   852  C  CG  . LYS A 1 114 ? -2.906  1.568   -14.603 1.00 19.66 ? 113  LYS A CG  1 
ATOM   853  C  CD  . LYS A 1 114 ? -3.999  2.595   -14.941 1.00 25.18 ? 113  LYS A CD  1 
ATOM   854  C  CE  . LYS A 1 114 ? -4.134  2.819   -16.452 1.00 27.45 ? 113  LYS A CE  1 
ATOM   855  N  NZ  . LYS A 1 114 ? -5.515  3.303   -16.778 1.00 29.32 ? 113  LYS A NZ  1 
ATOM   856  N  N   . SER A 1 115 ? -0.168  2.225   -12.053 1.00 16.26 ? 114  SER A N   1 
ATOM   857  C  CA  . SER A 1 115 ? 0.972   3.106   -12.176 1.00 16.33 ? 114  SER A CA  1 
ATOM   858  C  C   . SER A 1 115 ? 2.277   2.373   -11.892 1.00 16.17 ? 114  SER A C   1 
ATOM   859  O  O   . SER A 1 115 ? 3.279   2.581   -12.597 1.00 15.74 ? 114  SER A O   1 
ATOM   860  C  CB  . SER A 1 115 ? 0.799   4.318   -11.253 1.00 15.69 ? 114  SER A CB  1 
ATOM   861  O  OG  . SER A 1 115 ? 2.009   5.044   -11.214 1.00 18.74 ? 114  SER A OG  1 
ATOM   862  N  N   . MET A 1 116 ? 2.283   1.515   -10.867 1.00 15.81 ? 115  MET A N   1 
ATOM   863  C  CA  . MET A 1 116 ? 3.472   0.702   -10.583 1.00 16.29 ? 115  MET A CA  1 
ATOM   864  C  C   . MET A 1 116 ? 3.966   -0.022  -11.847 1.00 17.21 ? 115  MET A C   1 
ATOM   865  O  O   . MET A 1 116 ? 5.148   0.005   -12.163 1.00 17.16 ? 115  MET A O   1 
ATOM   866  C  CB  . MET A 1 116 ? 3.182   -0.320  -9.485  1.00 16.11 ? 115  MET A CB  1 
ATOM   867  C  CG  . MET A 1 116 ? 3.072   0.287   -8.090  1.00 16.36 ? 115  MET A CG  1 
ATOM   868  S  SD  . MET A 1 116 ? 2.600   -1.001  -6.949  1.00 19.16 ? 115  MET A SD  1 
ATOM   869  C  CE  . MET A 1 116 ? 2.615   -0.158  -5.372  1.00 20.37 ? 115  MET A CE  1 
ATOM   870  N  N   . LYS A 1 117 ? 3.037   -0.650  -12.559 1.00 18.40 ? 116  LYS A N   1 
ATOM   871  C  CA  . LYS A 1 117 ? 3.336   -1.327  -13.821 1.00 20.23 ? 116  LYS A CA  1 
ATOM   872  C  C   . LYS A 1 117 ? 3.656   -0.344  -14.949 1.00 20.35 ? 116  LYS A C   1 
ATOM   873  O  O   . LYS A 1 117 ? 4.686   -0.475  -15.601 1.00 20.53 ? 116  LYS A O   1 
ATOM   874  C  CB  . LYS A 1 117 ? 2.180   -2.263  -14.215 1.00 20.38 ? 116  LYS A CB  1 
ATOM   875  C  CG  . LYS A 1 117 ? 2.042   -3.478  -13.273 1.00 23.50 ? 116  LYS A CG  1 
ATOM   876  C  CD  . LYS A 1 117 ? 0.870   -4.413  -13.647 1.00 28.70 ? 116  LYS A CD  1 
ATOM   877  C  CE  . LYS A 1 117 ? 1.207   -5.357  -14.820 1.00 30.59 ? 116  LYS A CE  1 
ATOM   878  N  NZ  . LYS A 1 117 ? -0.017  -5.766  -15.604 1.00 31.74 ? 116  LYS A NZ  1 
ATOM   879  N  N   . ASN A 1 118 ? 2.803   0.660   -15.145 1.00 21.30 ? 117  ASN A N   1 
ATOM   880  C  CA  . ASN A 1 118 ? 2.894   1.529   -16.330 1.00 22.65 ? 117  ASN A CA  1 
ATOM   881  C  C   . ASN A 1 118 ? 3.838   2.717   -16.287 1.00 22.54 ? 117  ASN A C   1 
ATOM   882  O  O   . ASN A 1 118 ? 4.365   3.132   -17.332 1.00 23.12 ? 117  ASN A O   1 
ATOM   883  C  CB  . ASN A 1 118 ? 1.506   1.964   -16.784 1.00 23.98 ? 117  ASN A CB  1 
ATOM   884  C  CG  . ASN A 1 118 ? 0.737   0.827   -17.399 1.00 26.90 ? 117  ASN A CG  1 
ATOM   885  O  OD1 . ASN A 1 118 ? 1.321   -0.027  -18.073 1.00 32.34 ? 117  ASN A OD1 1 
ATOM   886  N  ND2 . ASN A 1 118 ? -0.574  0.798   -17.175 1.00 30.99 ? 117  ASN A ND2 1 
ATOM   887  N  N   . ASP A 1 119 ? 4.043   3.279   -15.104 1.00 21.39 ? 118  ASP A N   1 
ATOM   888  C  CA  . ASP A 1 119 ? 4.965   4.391   -14.953 1.00 21.09 ? 118  ASP A CA  1 
ATOM   889  C  C   . ASP A 1 119 ? 6.315   3.873   -14.523 1.00 19.97 ? 118  ASP A C   1 
ATOM   890  O  O   . ASP A 1 119 ? 7.331   4.424   -14.903 1.00 20.30 ? 118  ASP A O   1 
ATOM   891  C  CB  . ASP A 1 119 ? 4.432   5.424   -13.939 1.00 21.29 ? 118  ASP A CB  1 
ATOM   892  C  CG  . ASP A 1 119 ? 3.166   6.107   -14.422 1.00 23.17 ? 118  ASP A CG  1 
ATOM   893  O  OD1 . ASP A 1 119 ? 3.173   6.598   -15.569 1.00 27.13 ? 118  ASP A OD1 1 
ATOM   894  O  OD2 . ASP A 1 119 ? 2.164   6.151   -13.677 1.00 22.28 ? 118  ASP A OD2 1 
ATOM   895  N  N   . TYR A 1 120 ? 6.325   2.790   -13.750 1.00 18.31 ? 119  TYR A N   1 
ATOM   896  C  CA  . TYR A 1 120 ? 7.560   2.314   -13.134 1.00 17.13 ? 119  TYR A CA  1 
ATOM   897  C  C   . TYR A 1 120 ? 8.008   0.892   -13.495 1.00 16.23 ? 119  TYR A C   1 
ATOM   898  O  O   . TYR A 1 120 ? 8.974   0.409   -12.918 1.00 16.18 ? 119  TYR A O   1 
ATOM   899  C  CB  . TYR A 1 120 ? 7.478   2.467   -11.613 1.00 16.81 ? 119  TYR A CB  1 
ATOM   900  C  CG  . TYR A 1 120 ? 7.156   3.867   -11.148 1.00 16.13 ? 119  TYR A CG  1 
ATOM   901  C  CD1 . TYR A 1 120 ? 8.145   4.856   -11.118 1.00 17.39 ? 119  TYR A CD1 1 
ATOM   902  C  CD2 . TYR A 1 120 ? 5.871   4.206   -10.718 1.00 14.66 ? 119  TYR A CD2 1 
ATOM   903  C  CE1 . TYR A 1 120 ? 7.859   6.159   -10.686 1.00 17.05 ? 119  TYR A CE1 1 
ATOM   904  C  CE2 . TYR A 1 120 ? 5.571   5.510   -10.276 1.00 15.16 ? 119  TYR A CE2 1 
ATOM   905  C  CZ  . TYR A 1 120 ? 6.565   6.477   -10.273 1.00 15.93 ? 119  TYR A CZ  1 
ATOM   906  O  OH  . TYR A 1 120 ? 6.303   7.745   -9.816  1.00 15.49 ? 119  TYR A OH  1 
ATOM   907  N  N   . ASN A 1 121 ? 7.318   0.242   -14.439 1.00 15.39 ? 120  ASN A N   1 
ATOM   908  C  CA  . ASN A 1 121 ? 7.735   -1.066  -14.979 1.00 15.34 ? 120  ASN A CA  1 
ATOM   909  C  C   . ASN A 1 121 ? 7.754   -2.231  -13.972 1.00 16.22 ? 120  ASN A C   1 
ATOM   910  O  O   . ASN A 1 121 ? 8.478   -3.211  -14.165 1.00 15.82 ? 120  ASN A O   1 
ATOM   911  C  CB  . ASN A 1 121 ? 9.081   -0.936  -15.730 1.00 15.76 ? 120  ASN A CB  1 
ATOM   912  C  CG  . ASN A 1 121 ? 8.971   -0.071  -16.992 1.00 14.87 ? 120  ASN A CG  1 
ATOM   913  O  OD1 . ASN A 1 121 ? 7.870   0.189   -17.466 1.00 15.59 ? 120  ASN A OD1 1 
ATOM   914  N  ND2 . ASN A 1 121 ? 10.118  0.370   -17.537 1.00 17.18 ? 120  ASN A ND2 1 
ATOM   915  N  N   . ALA A 1 122 ? 6.947   -2.130  -12.911 1.00 16.40 ? 121  ALA A N   1 
ATOM   916  C  CA  . ALA A 1 122 ? 6.779   -3.238  -11.956 1.00 17.20 ? 121  ALA A CA  1 
ATOM   917  C  C   . ALA A 1 122 ? 6.165   -4.454  -12.641 1.00 17.99 ? 121  ALA A C   1 
ATOM   918  O  O   . ALA A 1 122 ? 5.264   -4.312  -13.463 1.00 18.46 ? 121  ALA A O   1 
ATOM   919  C  CB  . ALA A 1 122 ? 5.925   -2.813  -10.781 1.00 16.34 ? 121  ALA A CB  1 
ATOM   920  N  N   . GLU A 1 123 ? 6.682   -5.633  -12.306 1.00 19.63 ? 122  GLU A N   1 
ATOM   921  C  CA  . GLU A 1 123 ? 6.303   -6.912  -12.929 1.00 20.76 ? 122  GLU A CA  1 
ATOM   922  C  C   . GLU A 1 123 ? 5.520   -7.781  -11.950 1.00 20.31 ? 122  GLU A C   1 
ATOM   923  O  O   . GLU A 1 123 ? 4.848   -8.745  -12.336 1.00 21.85 ? 122  GLU A O   1 
ATOM   924  C  CB  . GLU A 1 123 ? 7.576   -7.639  -13.358 1.00 21.70 ? 122  GLU A CB  1 
ATOM   925  C  CG  . GLU A 1 123 ? 7.406   -8.934  -14.174 1.00 25.21 ? 122  GLU A CG  1 
ATOM   926  C  CD  . GLU A 1 123 ? 8.735   -9.694  -14.305 1.00 29.59 ? 122  GLU A CD  1 
ATOM   927  O  OE1 . GLU A 1 123 ? 8.842   -10.811 -13.736 1.00 30.04 ? 122  GLU A OE1 1 
ATOM   928  O  OE2 . GLU A 1 123 ? 9.673   -9.163  -14.962 1.00 31.68 ? 122  GLU A OE2 1 
ATOM   929  N  N   . GLU A 1 124 ? 5.632   -7.458  -10.676 1.00 18.66 ? 123  GLU A N   1 
ATOM   930  C  CA  . GLU A 1 124 ? 4.888   -8.153  -9.624  1.00 16.92 ? 123  GLU A CA  1 
ATOM   931  C  C   . GLU A 1 124 ? 4.755   -7.121  -8.535  1.00 15.31 ? 123  GLU A C   1 
ATOM   932  O  O   . GLU A 1 124 ? 5.469   -6.115  -8.545  1.00 15.00 ? 123  GLU A O   1 
ATOM   933  C  CB  . GLU A 1 124 ? 5.638   -9.397  -9.119  1.00 16.94 ? 123  GLU A CB  1 
ATOM   934  C  CG  . GLU A 1 124 ? 7.025   -9.134  -8.488  1.00 16.90 ? 123  GLU A CG  1 
ATOM   935  C  CD  . GLU A 1 124 ? 7.777   -10.433 -8.133  1.00 17.56 ? 123  GLU A CD  1 
ATOM   936  O  OE1 . GLU A 1 124 ? 8.116   -11.224 -9.056  1.00 18.78 ? 123  GLU A OE1 1 
ATOM   937  O  OE2 . GLU A 1 124 ? 8.043   -10.662 -6.934  1.00 14.51 ? 123  GLU A OE2 1 
ATOM   938  N  N   . ILE A 1 125 ? 3.827   -7.354  -7.617  1.00 13.54 ? 124  ILE A N   1 
ATOM   939  C  CA  . ILE A 1 125 ? 3.517   -6.403  -6.550  1.00 12.36 ? 124  ILE A CA  1 
ATOM   940  C  C   . ILE A 1 125 ? 3.435   -7.214  -5.268  1.00 11.53 ? 124  ILE A C   1 
ATOM   941  O  O   . ILE A 1 125 ? 2.972   -8.344  -5.279  1.00 10.23 ? 124  ILE A O   1 
ATOM   942  C  CB  . ILE A 1 125 ? 2.184   -5.648  -6.840  1.00 12.69 ? 124  ILE A CB  1 
ATOM   943  C  CG1 . ILE A 1 125 ? 2.326   -4.875  -8.161  1.00 14.79 ? 124  ILE A CG1 1 
ATOM   944  C  CG2 . ILE A 1 125 ? 1.791   -4.671  -5.681  1.00 12.50 ? 124  ILE A CG2 1 
ATOM   945  C  CD1 . ILE A 1 125 ? 1.097   -4.821  -8.953  1.00 17.67 ? 124  ILE A CD1 1 
ATOM   946  N  N   . TYR A 1 126 ? 3.925   -6.658  -4.166  1.00 10.17 ? 125  TYR A N   1 
ATOM   947  C  CA  . TYR A 1 126 ? 3.837   -7.388  -2.922  1.00 8.79  ? 125  TYR A CA  1 
ATOM   948  C  C   . TYR A 1 126 ? 3.601   -6.445  -1.749  1.00 9.16  ? 125  TYR A C   1 
ATOM   949  O  O   . TYR A 1 126 ? 3.683   -5.219  -1.882  1.00 7.64  ? 125  TYR A O   1 
ATOM   950  C  CB  . TYR A 1 126 ? 5.080   -8.278  -2.714  1.00 8.55  ? 125  TYR A CB  1 
ATOM   951  C  CG  . TYR A 1 126 ? 6.337   -7.553  -2.281  1.00 7.69  ? 125  TYR A CG  1 
ATOM   952  C  CD1 . TYR A 1 126 ? 6.773   -7.630  -0.974  1.00 7.96  ? 125  TYR A CD1 1 
ATOM   953  C  CD2 . TYR A 1 126 ? 7.084   -6.772  -3.189  1.00 8.28  ? 125  TYR A CD2 1 
ATOM   954  C  CE1 . TYR A 1 126 ? 7.932   -6.958  -0.552  1.00 9.01  ? 125  TYR A CE1 1 
ATOM   955  C  CE2 . TYR A 1 126 ? 8.246   -6.097  -2.787  1.00 8.10  ? 125  TYR A CE2 1 
ATOM   956  C  CZ  . TYR A 1 126 ? 8.662   -6.199  -1.462  1.00 9.06  ? 125  TYR A CZ  1 
ATOM   957  O  OH  . TYR A 1 126 ? 9.795   -5.574  -1.026  1.00 9.90  ? 125  TYR A OH  1 
ATOM   958  N  N   . LEU A 1 127 ? 3.294   -7.045  -0.604  1.00 9.49  ? 126  LEU A N   1 
ATOM   959  C  CA  . LEU A 1 127 ? 3.005   -6.294  0.613   1.00 10.36 ? 126  LEU A CA  1 
ATOM   960  C  C   . LEU A 1 127 ? 3.172   -7.229  1.800   1.00 10.36 ? 126  LEU A C   1 
ATOM   961  O  O   . LEU A 1 127 ? 3.390   -8.419  1.622   1.00 9.77  ? 126  LEU A O   1 
ATOM   962  C  CB  . LEU A 1 127 ? 1.578   -5.706  0.569   1.00 10.25 ? 126  LEU A CB  1 
ATOM   963  C  CG  . LEU A 1 127 ? 0.408   -6.663  0.294   1.00 11.62 ? 126  LEU A CG  1 
ATOM   964  C  CD1 . LEU A 1 127 ? -0.040  -7.399  1.577   1.00 10.70 ? 126  LEU A CD1 1 
ATOM   965  C  CD2 . LEU A 1 127 ? -0.735  -5.835  -0.266  1.00 13.14 ? 126  LEU A CD2 1 
ATOM   966  N  N   . GLU A 1 128 ? 3.073   -6.673  3.002   1.00 11.63 ? 127  GLU A N   1 
ATOM   967  C  CA  . GLU A 1 128 ? 3.037   -7.454  4.241   1.00 12.61 ? 127  GLU A CA  1 
ATOM   968  C  C   . GLU A 1 128 ? 1.807   -7.018  5.018   1.00 11.88 ? 127  GLU A C   1 
ATOM   969  O  O   . GLU A 1 128 ? 1.432   -5.835  5.002   1.00 11.10 ? 127  GLU A O   1 
ATOM   970  C  CB  . GLU A 1 128 ? 4.270   -7.194  5.119   1.00 13.86 ? 127  GLU A CB  1 
ATOM   971  C  CG  . GLU A 1 128 ? 5.611   -7.329  4.433   1.00 17.38 ? 127  GLU A CG  1 
ATOM   972  C  CD  . GLU A 1 128 ? 5.932   -6.109  3.556   1.00 21.45 ? 127  GLU A CD  1 
ATOM   973  O  OE1 . GLU A 1 128 ? 5.626   -4.958  3.943   1.00 22.13 ? 127  GLU A OE1 1 
ATOM   974  O  OE2 . GLU A 1 128 ? 6.485   -6.321  2.459   1.00 27.26 ? 127  GLU A OE2 1 
ATOM   975  N  N   . VAL A 1 129 ? 1.195   -7.962  5.719   1.00 11.84 ? 128  VAL A N   1 
ATOM   976  C  CA  . VAL A 1 129 ? -0.024  -7.685  6.460   1.00 11.77 ? 128  VAL A CA  1 
ATOM   977  C  C   . VAL A 1 129 ? -0.049  -8.529  7.733   1.00 11.88 ? 128  VAL A C   1 
ATOM   978  O  O   . VAL A 1 129 ? 0.388   -9.683  7.719   1.00 12.10 ? 128  VAL A O   1 
ATOM   979  C  CB  . VAL A 1 129 ? -1.279  -7.936  5.566   1.00 12.18 ? 128  VAL A CB  1 
ATOM   980  C  CG1 . VAL A 1 129 ? -1.318  -9.350  5.038   1.00 10.87 ? 128  VAL A CG1 1 
ATOM   981  C  CG2 . VAL A 1 129 ? -2.587  -7.599  6.297   1.00 11.41 ? 128  VAL A CG2 1 
ATOM   982  N  N   . ARG A 1 130 ? -0.574  -7.970  8.825   1.00 11.94 ? 129  ARG A N   1 
ATOM   983  C  CA  . ARG A 1 130 ? -0.724  -8.736  10.091  1.00 12.16 ? 129  ARG A CA  1 
ATOM   984  C  C   . ARG A 1 130 ? -1.619  -9.912  9.842   1.00 11.75 ? 129  ARG A C   1 
ATOM   985  O  O   . ARG A 1 130 ? -2.610  -9.772  9.135   1.00 11.79 ? 129  ARG A O   1 
ATOM   986  C  CB  . ARG A 1 130 ? -1.325  -7.868  11.209  1.00 12.60 ? 129  ARG A CB  1 
ATOM   987  C  CG  . ARG A 1 130 ? -0.432  -6.794  11.703  1.00 13.79 ? 129  ARG A CG  1 
ATOM   988  C  CD  . ARG A 1 130 ? -1.086  -5.859  12.737  1.00 14.10 ? 129  ARG A CD  1 
ATOM   989  N  NE  . ARG A 1 130 ? -0.099  -4.867  13.171  1.00 16.60 ? 129  ARG A NE  1 
ATOM   990  C  CZ  . ARG A 1 130 ? 0.717   -5.004  14.220  1.00 17.14 ? 129  ARG A CZ  1 
ATOM   991  N  NH1 . ARG A 1 130 ? 0.656   -6.085  14.987  1.00 13.65 ? 129  ARG A NH1 1 
ATOM   992  N  NH2 . ARG A 1 130 ? 1.604   -4.050  14.505  1.00 15.84 ? 129  ARG A NH2 1 
ATOM   993  N  N   . VAL A 1 131 ? -1.279  -11.082 10.393  1.00 12.30 ? 130  VAL A N   1 
ATOM   994  C  CA  . VAL A 1 131 ? -2.090  -12.288 10.156  1.00 12.50 ? 130  VAL A CA  1 
ATOM   995  C  C   . VAL A 1 131 ? -3.508  -12.153 10.715  1.00 13.49 ? 130  VAL A C   1 
ATOM   996  O  O   . VAL A 1 131 ? -4.408  -12.888 10.316  1.00 13.81 ? 130  VAL A O   1 
ATOM   997  C  CB  . VAL A 1 131 ? -1.425  -13.601 10.694  1.00 12.40 ? 130  VAL A CB  1 
ATOM   998  C  CG1 . VAL A 1 131 ? -0.097  -13.901 9.962   1.00 12.49 ? 130  VAL A CG1 1 
ATOM   999  C  CG2 . VAL A 1 131 ? -1.229  -13.548 12.259  1.00 13.01 ? 130  VAL A CG2 1 
ATOM   1000 N  N   . SER A 1 132 ? -3.691  -11.217 11.649  1.00 13.97 ? 131  SER A N   1 
ATOM   1001 C  CA  . SER A 1 132 ? -4.990  -10.980 12.275  1.00 14.41 ? 131  SER A CA  1 
ATOM   1002 C  C   . SER A 1 132 ? -5.821  -9.947  11.507  1.00 14.87 ? 131  SER A C   1 
ATOM   1003 O  O   . SER A 1 132 ? -6.998  -9.762  11.807  1.00 14.77 ? 131  SER A O   1 
ATOM   1004 C  CB  . SER A 1 132 ? -4.815  -10.484 13.700  1.00 13.68 ? 131  SER A CB  1 
ATOM   1005 O  OG  . SER A 1 132 ? -4.223  -9.192  13.682  1.00 13.85 ? 131  SER A OG  1 
ATOM   1006 N  N   . ASN A 1 133 ? -5.208  -9.276  10.522  1.00 14.70 ? 132  ASN A N   1 
ATOM   1007 C  CA  . ASN A 1 133 ? -5.884  -8.224  9.792   1.00 15.10 ? 132  ASN A CA  1 
ATOM   1008 C  C   . ASN A 1 133 ? -6.787  -8.777  8.686   1.00 15.54 ? 132  ASN A C   1 
ATOM   1009 O  O   . ASN A 1 133 ? -6.495  -8.643  7.499   1.00 14.59 ? 132  ASN A O   1 
ATOM   1010 C  CB  . ASN A 1 133 ? -4.867  -7.244  9.207   1.00 14.84 ? 132  ASN A CB  1 
ATOM   1011 C  CG  . ASN A 1 133 ? -5.505  -5.953  8.734   1.00 15.28 ? 132  ASN A CG  1 
ATOM   1012 O  OD1 . ASN A 1 133 ? -6.735  -5.856  8.623   1.00 14.70 ? 132  ASN A OD1 1 
ATOM   1013 N  ND2 . ASN A 1 133 ? -4.667  -4.968  8.390   1.00 12.86 ? 132  ASN A ND2 1 
ATOM   1014 N  N   . TYR A 1 134 ? -7.887  -9.396  9.089   1.00 16.10 ? 133  TYR A N   1 
ATOM   1015 C  CA  . TYR A 1 134 ? -8.767  -10.051 8.133   1.00 17.36 ? 133  TYR A CA  1 
ATOM   1016 C  C   . TYR A 1 134 ? -9.398  -9.123  7.079   1.00 16.13 ? 133  TYR A C   1 
ATOM   1017 O  O   . TYR A 1 134 ? -9.562  -9.568  5.960   1.00 16.23 ? 133  TYR A O   1 
ATOM   1018 C  CB  . TYR A 1 134 ? -9.828  -10.920 8.823   1.00 18.93 ? 133  TYR A CB  1 
ATOM   1019 C  CG  . TYR A 1 134 ? -9.282  -12.103 9.581   1.00 24.54 ? 133  TYR A CG  1 
ATOM   1020 C  CD1 . TYR A 1 134 ? -9.051  -13.325 8.940   1.00 28.90 ? 133  TYR A CD1 1 
ATOM   1021 C  CD2 . TYR A 1 134 ? -9.023  -12.017 10.966  1.00 28.59 ? 133  TYR A CD2 1 
ATOM   1022 C  CE1 . TYR A 1 134 ? -8.550  -14.436 9.658   1.00 31.78 ? 133  TYR A CE1 1 
ATOM   1023 C  CE2 . TYR A 1 134 ? -8.530  -13.113 11.682  1.00 29.94 ? 133  TYR A CE2 1 
ATOM   1024 C  CZ  . TYR A 1 134 ? -8.297  -14.317 11.027  1.00 32.41 ? 133  TYR A CZ  1 
ATOM   1025 O  OH  . TYR A 1 134 ? -7.808  -15.406 11.738  1.00 34.59 ? 133  TYR A OH  1 
ATOM   1026 N  N   . PRO A 1 135 ? -9.745  -7.855  7.434   1.00 15.10 ? 134  PRO A N   1 
ATOM   1027 C  CA  . PRO A 1 135 ? -10.334 -6.986  6.409   1.00 15.40 ? 134  PRO A CA  1 
ATOM   1028 C  C   . PRO A 1 135 ? -9.377  -6.746  5.243   1.00 14.85 ? 134  PRO A C   1 
ATOM   1029 O  O   . PRO A 1 135 ? -9.793  -6.747  4.082   1.00 15.45 ? 134  PRO A O   1 
ATOM   1030 C  CB  . PRO A 1 135 ? -10.596 -5.673  7.170   1.00 15.06 ? 134  PRO A CB  1 
ATOM   1031 C  CG  . PRO A 1 135 ? -10.831 -6.123  8.592   1.00 14.95 ? 134  PRO A CG  1 
ATOM   1032 C  CD  . PRO A 1 135 ? -9.825  -7.226  8.772   1.00 15.09 ? 134  PRO A CD  1 
ATOM   1033 N  N   . ALA A 1 136 ? -8.101  -6.566  5.563   1.00 14.45 ? 135  ALA A N   1 
ATOM   1034 C  CA  . ALA A 1 136 ? -7.090  -6.236  4.553   1.00 13.48 ? 135  ALA A CA  1 
ATOM   1035 C  C   . ALA A 1 136 ? -6.697  -7.483  3.762   1.00 12.74 ? 135  ALA A C   1 
ATOM   1036 O  O   . ALA A 1 136 ? -6.551  -7.439  2.541   1.00 12.70 ? 135  ALA A O   1 
ATOM   1037 C  CB  . ALA A 1 136 ? -5.862  -5.585  5.221   1.00 13.28 ? 135  ALA A CB  1 
ATOM   1038 N  N   . ILE A 1 137 ? -6.525  -8.595  4.460   1.00 13.00 ? 136  ILE A N   1 
ATOM   1039 C  CA  . ILE A 1 137 ? -6.255  -9.866  3.801   1.00 13.14 ? 136  ILE A CA  1 
ATOM   1040 C  C   . ILE A 1 137 ? -7.348  -10.158 2.757   1.00 13.59 ? 136  ILE A C   1 
ATOM   1041 O  O   . ILE A 1 137 ? -7.040  -10.527 1.610   1.00 14.02 ? 136  ILE A O   1 
ATOM   1042 C  CB  . ILE A 1 137 ? -6.129  -11.017 4.804   1.00 12.76 ? 136  ILE A CB  1 
ATOM   1043 C  CG1 . ILE A 1 137 ? -4.920  -10.803 5.736   1.00 12.52 ? 136  ILE A CG1 1 
ATOM   1044 C  CG2 . ILE A 1 137 ? -6.013  -12.360 4.067   1.00 13.55 ? 136  ILE A CG2 1 
ATOM   1045 C  CD1 . ILE A 1 137 ? -4.969  -11.659 6.997   1.00 13.71 ? 136  ILE A CD1 1 
ATOM   1046 N  N   . ALA A 1 138 ? -8.612  -9.992  3.155   1.00 14.38 ? 137  ALA A N   1 
ATOM   1047 C  CA  . ALA A 1 138 ? -9.743  -10.117 2.222   1.00 14.82 ? 137  ALA A CA  1 
ATOM   1048 C  C   . ALA A 1 138 ? -9.641  -9.141  1.039   1.00 14.64 ? 137  ALA A C   1 
ATOM   1049 O  O   . ALA A 1 138 ? -9.807  -9.547  -0.098  1.00 15.88 ? 137  ALA A O   1 
ATOM   1050 C  CB  . ALA A 1 138 ? -11.065 -9.950  2.955   1.00 15.38 ? 137  ALA A CB  1 
ATOM   1051 N  N   . LEU A 1 139 ? -9.373  -7.864  1.303   1.00 14.86 ? 138  LEU A N   1 
ATOM   1052 C  CA  . LEU A 1 139 ? -9.139  -6.893  0.229   1.00 14.84 ? 138  LEU A CA  1 
ATOM   1053 C  C   . LEU A 1 139 ? -8.083  -7.401  -0.759  1.00 14.15 ? 138  LEU A C   1 
ATOM   1054 O  O   . LEU A 1 139 ? -8.353  -7.491  -1.959  1.00 14.11 ? 138  LEU A O   1 
ATOM   1055 C  CB  . LEU A 1 139 ? -8.766  -5.510  0.794   1.00 15.49 ? 138  LEU A CB  1 
ATOM   1056 C  CG  . LEU A 1 139 ? -8.060  -4.426  -0.054  1.00 17.18 ? 138  LEU A CG  1 
ATOM   1057 C  CD1 . LEU A 1 139 ? -8.954  -3.768  -1.095  1.00 18.08 ? 138  LEU A CD1 1 
ATOM   1058 C  CD2 . LEU A 1 139 ? -7.414  -3.350  0.836   1.00 18.85 ? 138  LEU A CD2 1 
ATOM   1059 N  N   . TYR A 1 140 ? -6.913  -7.784  -0.251  1.00 13.02 ? 139  TYR A N   1 
ATOM   1060 C  CA  . TYR A 1 140 ? -5.793  -8.183  -1.115  1.00 13.04 ? 139  TYR A CA  1 
ATOM   1061 C  C   . TYR A 1 140 ? -6.093  -9.452  -1.918  1.00 13.12 ? 139  TYR A C   1 
ATOM   1062 O  O   . TYR A 1 140 ? -5.761  -9.541  -3.104  1.00 12.92 ? 139  TYR A O   1 
ATOM   1063 C  CB  . TYR A 1 140 ? -4.510  -8.361  -0.293  1.00 12.26 ? 139  TYR A CB  1 
ATOM   1064 C  CG  . TYR A 1 140 ? -4.119  -7.160  0.519   1.00 11.01 ? 139  TYR A CG  1 
ATOM   1065 C  CD1 . TYR A 1 140 ? -4.340  -5.875  0.044   1.00 10.62 ? 139  TYR A CD1 1 
ATOM   1066 C  CD2 . TYR A 1 140 ? -3.508  -7.312  1.764   1.00 11.66 ? 139  TYR A CD2 1 
ATOM   1067 C  CE1 . TYR A 1 140 ? -3.985  -4.767  0.790   1.00 12.10 ? 139  TYR A CE1 1 
ATOM   1068 C  CE2 . TYR A 1 140 ? -3.144  -6.204  2.520   1.00 13.28 ? 139  TYR A CE2 1 
ATOM   1069 C  CZ  . TYR A 1 140 ? -3.382  -4.943  2.025   1.00 12.88 ? 139  TYR A CZ  1 
ATOM   1070 O  OH  . TYR A 1 140 ? -2.996  -3.855  2.762   1.00 15.97 ? 139  TYR A OH  1 
ATOM   1071 N  N   . GLU A 1 141 ? -6.734  -10.430 -1.281  1.00 14.03 ? 140  GLU A N   1 
ATOM   1072 C  CA  . GLU A 1 141 ? -7.074  -11.668 -1.997  1.00 15.99 ? 140  GLU A CA  1 
ATOM   1073 C  C   . GLU A 1 141 ? -8.094  -11.430 -3.127  1.00 16.58 ? 140  GLU A C   1 
ATOM   1074 O  O   . GLU A 1 141 ? -8.017  -12.073 -4.166  1.00 17.34 ? 140  GLU A O   1 
ATOM   1075 C  CB  . GLU A 1 141 ? -7.505  -12.798 -1.058  1.00 15.84 ? 140  GLU A CB  1 
ATOM   1076 C  CG  . GLU A 1 141 ? -6.307  -13.453 -0.368  1.00 18.91 ? 140  GLU A CG  1 
ATOM   1077 C  CD  . GLU A 1 141 ? -6.703  -14.479 0.681   1.00 23.59 ? 140  GLU A CD  1 
ATOM   1078 O  OE1 . GLU A 1 141 ? -5.795  -15.105 1.258   1.00 25.22 ? 140  GLU A OE1 1 
ATOM   1079 O  OE2 . GLU A 1 141 ? -7.910  -14.658 0.940   1.00 25.42 ? 140  GLU A OE2 1 
ATOM   1080 N  N   . LYS A 1 142 ? -9.016  -10.500 -2.912  1.00 17.49 ? 141  LYS A N   1 
ATOM   1081 C  CA  . LYS A 1 142 ? -9.921  -10.023 -3.975  1.00 18.83 ? 141  LYS A CA  1 
ATOM   1082 C  C   . LYS A 1 142 ? -9.153  -9.477  -5.186  1.00 18.75 ? 141  LYS A C   1 
ATOM   1083 O  O   . LYS A 1 142 ? -9.566  -9.663  -6.356  1.00 18.64 ? 141  LYS A O   1 
ATOM   1084 C  CB  . LYS A 1 142 ? -10.833 -8.937  -3.413  1.00 19.61 ? 141  LYS A CB  1 
ATOM   1085 C  CG  . LYS A 1 142 ? -12.097 -8.649  -4.233  1.00 24.45 ? 141  LYS A CG  1 
ATOM   1086 C  CD  . LYS A 1 142 ? -13.285 -8.290  -3.329  1.00 29.81 ? 141  LYS A CD  1 
ATOM   1087 C  CE  . LYS A 1 142 ? -13.466 -9.351  -2.228  1.00 33.07 ? 141  LYS A CE  1 
ATOM   1088 N  NZ  . LYS A 1 142 ? -14.840 -9.396  -1.626  1.00 35.97 ? 141  LYS A NZ  1 
ATOM   1089 N  N   . LEU A 1 143 ? -8.039  -8.806  -4.909  1.00 17.34 ? 142  LEU A N   1 
ATOM   1090 C  CA  . LEU A 1 143 ? -7.209  -8.233  -5.965  1.00 17.28 ? 142  LEU A CA  1 
ATOM   1091 C  C   . LEU A 1 143 ? -6.089  -9.174  -6.392  1.00 16.19 ? 142  LEU A C   1 
ATOM   1092 O  O   . LEU A 1 143 ? -5.098  -8.737  -6.972  1.00 15.72 ? 142  LEU A O   1 
ATOM   1093 C  CB  . LEU A 1 143 ? -6.671  -6.845  -5.566  1.00 17.72 ? 142  LEU A CB  1 
ATOM   1094 C  CG  . LEU A 1 143 ? -7.798  -5.844  -5.321  1.00 19.49 ? 142  LEU A CG  1 
ATOM   1095 C  CD1 . LEU A 1 143 ? -7.328  -4.657  -4.513  1.00 21.80 ? 142  LEU A CD1 1 
ATOM   1096 C  CD2 . LEU A 1 143 ? -8.402  -5.391  -6.641  1.00 22.26 ? 142  LEU A CD2 1 
ATOM   1097 N  N   . ASN A 1 144 ? -6.277  -10.472 -6.139  1.00 14.91 ? 143  ASN A N   1 
ATOM   1098 C  CA  . ASN A 1 144 ? -5.429  -11.528 -6.685  1.00 14.89 ? 143  ASN A CA  1 
ATOM   1099 C  C   . ASN A 1 144 ? -4.033  -11.641 -6.057  1.00 13.53 ? 143  ASN A C   1 
ATOM   1100 O  O   . ASN A 1 144 ? -3.159  -12.315 -6.600  1.00 12.71 ? 143  ASN A O   1 
ATOM   1101 C  CB  . ASN A 1 144 ? -5.317  -11.400 -8.223  1.00 15.51 ? 143  ASN A CB  1 
ATOM   1102 C  CG  . ASN A 1 144 ? -4.900  -12.695 -8.892  1.00 18.14 ? 143  ASN A CG  1 
ATOM   1103 O  OD1 . ASN A 1 144 ? -5.426  -13.756 -8.571  1.00 20.39 ? 143  ASN A OD1 1 
ATOM   1104 N  ND2 . ASN A 1 144 ? -3.953  -12.609 -9.848  1.00 19.94 ? 143  ASN A ND2 1 
ATOM   1105 N  N   . PHE A 1 145 ? -3.826  -10.972 -4.929  1.00 13.22 ? 144  PHE A N   1 
ATOM   1106 C  CA  . PHE A 1 145 ? -2.686  -11.271 -4.056  1.00 13.30 ? 144  PHE A CA  1 
ATOM   1107 C  C   . PHE A 1 145 ? -2.864  -12.646 -3.427  1.00 14.16 ? 144  PHE A C   1 
ATOM   1108 O  O   . PHE A 1 145 ? -3.975  -13.039 -3.076  1.00 14.85 ? 144  PHE A O   1 
ATOM   1109 C  CB  . PHE A 1 145 ? -2.561  -10.223 -2.942  1.00 12.35 ? 144  PHE A CB  1 
ATOM   1110 C  CG  . PHE A 1 145 ? -2.037  -8.903  -3.409  1.00 12.43 ? 144  PHE A CG  1 
ATOM   1111 C  CD1 . PHE A 1 145 ? -0.664  -8.626  -3.349  1.00 11.74 ? 144  PHE A CD1 1 
ATOM   1112 C  CD2 . PHE A 1 145 ? -2.901  -7.922  -3.891  1.00 11.30 ? 144  PHE A CD2 1 
ATOM   1113 C  CE1 . PHE A 1 145 ? -0.156  -7.390  -3.782  1.00 11.38 ? 144  PHE A CE1 1 
ATOM   1114 C  CE2 . PHE A 1 145 ? -2.405  -6.691  -4.345  1.00 10.87 ? 144  PHE A CE2 1 
ATOM   1115 C  CZ  . PHE A 1 145 ? -1.028  -6.428  -4.281  1.00 12.10 ? 144  PHE A CZ  1 
ATOM   1116 N  N   . LYS A 1 146 ? -1.756  -13.369 -3.289  1.00 15.24 ? 145  LYS A N   1 
ATOM   1117 C  CA  . LYS A 1 146 ? -1.727  -14.670 -2.626  1.00 15.32 ? 145  LYS A CA  1 
ATOM   1118 C  C   . LYS A 1 146 ? -0.716  -14.620 -1.506  1.00 15.08 ? 145  LYS A C   1 
ATOM   1119 O  O   . LYS A 1 146 ? 0.322   -13.965 -1.633  1.00 13.85 ? 145  LYS A O   1 
ATOM   1120 C  CB  . LYS A 1 146 ? -1.273  -15.774 -3.589  1.00 16.16 ? 145  LYS A CB  1 
ATOM   1121 C  CG  . LYS A 1 146 ? -1.888  -15.759 -4.969  1.00 19.23 ? 145  LYS A CG  1 
ATOM   1122 C  CD  . LYS A 1 146 ? -3.381  -16.049 -4.912  1.00 23.76 ? 145  LYS A CD  1 
ATOM   1123 C  CE  . LYS A 1 146 ? -3.968  -16.192 -6.334  1.00 26.19 ? 145  LYS A CE  1 
ATOM   1124 N  NZ  . LYS A 1 146 ? -5.453  -16.192 -6.279  1.00 27.26 ? 145  LYS A NZ  1 
ATOM   1125 N  N   . LYS A 1 147 ? -1.012  -15.343 -0.432  1.00 14.98 ? 146  LYS A N   1 
ATOM   1126 C  CA  . LYS A 1 147 ? -0.069  -15.530 0.650   1.00 15.81 ? 146  LYS A CA  1 
ATOM   1127 C  C   . LYS A 1 147 ? 1.108   -16.336 0.123   1.00 16.87 ? 146  LYS A C   1 
ATOM   1128 O  O   . LYS A 1 147 ? 0.950   -17.458 -0.384  1.00 17.21 ? 146  LYS A O   1 
ATOM   1129 C  CB  . LYS A 1 147 ? -0.719  -16.231 1.853   1.00 15.95 ? 146  LYS A CB  1 
ATOM   1130 C  CG  . LYS A 1 147 ? -1.899  -15.495 2.439   1.00 15.86 ? 146  LYS A CG  1 
ATOM   1131 C  CD  . LYS A 1 147 ? -2.656  -16.394 3.426   1.00 19.52 ? 146  LYS A CD  1 
ATOM   1132 C  CE  . LYS A 1 147 ? -3.963  -15.768 3.831   1.00 22.08 ? 146  LYS A CE  1 
ATOM   1133 N  NZ  . LYS A 1 147 ? -4.716  -16.658 4.766   1.00 23.62 ? 146  LYS A NZ  1 
ATOM   1134 N  N   . VAL A 1 148 ? 2.279   -15.732 0.216   1.00 17.02 ? 147  VAL A N   1 
ATOM   1135 C  CA  . VAL A 1 148 ? 3.530   -16.347 -0.202  1.00 18.00 ? 147  VAL A CA  1 
ATOM   1136 C  C   . VAL A 1 148 ? 4.157   -17.074 0.984   1.00 17.95 ? 147  VAL A C   1 
ATOM   1137 O  O   . VAL A 1 148 ? 4.559   -18.226 0.877   1.00 18.03 ? 147  VAL A O   1 
ATOM   1138 C  CB  . VAL A 1 148 ? 4.501   -15.279 -0.770  1.00 18.00 ? 147  VAL A CB  1 
ATOM   1139 C  CG1 . VAL A 1 148 ? 5.935   -15.775 -0.795  1.00 20.39 ? 147  VAL A CG1 1 
ATOM   1140 C  CG2 . VAL A 1 148 ? 4.061   -14.895 -2.163  1.00 19.32 ? 147  VAL A CG2 1 
ATOM   1141 N  N   . LYS A 1 149 ? 4.218   -16.399 2.123   1.00 17.22 ? 148  LYS A N   1 
ATOM   1142 C  CA  . LYS A 1 149 ? 4.829   -17.000 3.289   1.00 16.73 ? 148  LYS A CA  1 
ATOM   1143 C  C   . LYS A 1 149 ? 4.505   -16.180 4.511   1.00 15.81 ? 148  LYS A C   1 
ATOM   1144 O  O   . LYS A 1 149 ? 4.029   -15.030 4.407   1.00 14.58 ? 148  LYS A O   1 
ATOM   1145 C  CB  . LYS A 1 149 ? 6.343   -17.131 3.105   1.00 17.98 ? 148  LYS A CB  1 
ATOM   1146 C  CG  . LYS A 1 149 ? 7.093   -15.820 2.958   1.00 19.57 ? 148  LYS A CG  1 
ATOM   1147 C  CD  . LYS A 1 149 ? 8.624   -16.047 2.975   1.00 23.29 ? 148  LYS A CD  1 
ATOM   1148 C  CE  . LYS A 1 149 ? 9.143   -16.493 4.325   1.00 25.29 ? 148  LYS A CE  1 
ATOM   1149 N  NZ  . LYS A 1 149 ? 10.638  -16.431 4.368   1.00 28.82 ? 148  LYS A NZ  1 
ATOM   1150 N  N   . VAL A 1 150 ? 4.758   -16.786 5.664   1.00 14.72 ? 149  VAL A N   1 
ATOM   1151 C  CA  . VAL A 1 150 ? 4.599   -16.109 6.933   1.00 13.69 ? 149  VAL A CA  1 
ATOM   1152 C  C   . VAL A 1 150 ? 5.972   -15.585 7.341   1.00 13.36 ? 149  VAL A C   1 
ATOM   1153 O  O   . VAL A 1 150 ? 6.944   -16.327 7.355   1.00 13.35 ? 149  VAL A O   1 
ATOM   1154 C  CB  . VAL A 1 150 ? 4.022   -17.058 7.994   1.00 14.07 ? 149  VAL A CB  1 
ATOM   1155 C  CG1 . VAL A 1 150 ? 4.029   -16.414 9.354   1.00 11.45 ? 149  VAL A CG1 1 
ATOM   1156 C  CG2 . VAL A 1 150 ? 2.624   -17.469 7.609   1.00 15.34 ? 149  VAL A CG2 1 
ATOM   1157 N  N   . LEU A 1 151 ? 6.037   -14.288 7.612   1.00 12.97 ? 150  LEU A N   1 
ATOM   1158 C  CA  . LEU A 1 151 ? 7.195   -13.643 8.191   1.00 12.75 ? 150  LEU A CA  1 
ATOM   1159 C  C   . LEU A 1 151 ? 6.946   -13.651 9.705   1.00 12.97 ? 150  LEU A C   1 
ATOM   1160 O  O   . LEU A 1 151 ? 6.107   -12.906 10.223  1.00 11.64 ? 150  LEU A O   1 
ATOM   1161 C  CB  . LEU A 1 151 ? 7.303   -12.211 7.673   1.00 12.28 ? 150  LEU A CB  1 
ATOM   1162 C  CG  . LEU A 1 151 ? 7.295   -12.061 6.134   1.00 13.37 ? 150  LEU A CG  1 
ATOM   1163 C  CD1 . LEU A 1 151 ? 7.409   -10.590 5.724   1.00 13.66 ? 150  LEU A CD1 1 
ATOM   1164 C  CD2 . LEU A 1 151 ? 8.405   -12.880 5.499   1.00 13.87 ? 150  LEU A CD2 1 
ATOM   1165 N  N   . LYS A 1 152 ? 7.647   -14.534 10.391  1.00 13.59 ? 151  LYS A N   1 
ATOM   1166 C  CA  . LYS A 1 152 ? 7.365   -14.780 11.804  1.00 14.81 ? 151  LYS A CA  1 
ATOM   1167 C  C   . LYS A 1 152 ? 7.835   -13.582 12.625  1.00 13.86 ? 151  LYS A C   1 
ATOM   1168 O  O   . LYS A 1 152 ? 8.936   -13.079 12.414  1.00 13.61 ? 151  LYS A O   1 
ATOM   1169 C  CB  . LYS A 1 152 ? 8.066   -16.047 12.268  1.00 15.30 ? 151  LYS A CB  1 
ATOM   1170 C  CG  . LYS A 1 152 ? 7.523   -17.352 11.659  1.00 19.01 ? 151  LYS A CG  1 
ATOM   1171 C  CD  . LYS A 1 152 ? 6.424   -17.968 12.529  1.00 24.02 ? 151  LYS A CD  1 
ATOM   1172 C  CE  . LYS A 1 152 ? 6.386   -19.478 12.279  1.00 29.71 ? 151  LYS A CE  1 
ATOM   1173 N  NZ  . LYS A 1 152 ? 5.795   -20.276 13.412  1.00 33.11 ? 151  LYS A NZ  1 
ATOM   1174 N  N   . GLY A 1 153 ? 6.985   -13.108 13.529  1.00 13.49 ? 152  GLY A N   1 
ATOM   1175 C  CA  . GLY A 1 153 ? 7.337   -11.997 14.404  1.00 12.57 ? 152  GLY A CA  1 
ATOM   1176 C  C   . GLY A 1 153 ? 7.704   -10.705 13.695  1.00 12.87 ? 152  GLY A C   1 
ATOM   1177 O  O   . GLY A 1 153 ? 8.465   -9.894  14.222  1.00 12.69 ? 152  GLY A O   1 
ATOM   1178 N  N   . TYR A 1 154 ? 7.168   -10.508 12.495  1.00 12.48 ? 153  TYR A N   1 
ATOM   1179 C  CA  . TYR A 1 154 ? 7.488   -9.332  11.719  1.00 12.03 ? 153  TYR A CA  1 
ATOM   1180 C  C   . TYR A 1 154 ? 7.169   -8.017  12.451  1.00 12.12 ? 153  TYR A C   1 
ATOM   1181 O  O   . TYR A 1 154 ? 7.957   -7.077  12.406  1.00 11.55 ? 153  TYR A O   1 
ATOM   1182 C  CB  . TYR A 1 154 ? 6.758   -9.405  10.372  1.00 11.80 ? 153  TYR A CB  1 
ATOM   1183 C  CG  . TYR A 1 154 ? 7.027   -8.247  9.471   1.00 13.39 ? 153  TYR A CG  1 
ATOM   1184 C  CD1 . TYR A 1 154 ? 8.150   -8.236  8.648   1.00 13.40 ? 153  TYR A CD1 1 
ATOM   1185 C  CD2 . TYR A 1 154 ? 6.145   -7.151  9.420   1.00 13.84 ? 153  TYR A CD2 1 
ATOM   1186 C  CE1 . TYR A 1 154 ? 8.403   -7.167  7.804   1.00 14.18 ? 153  TYR A CE1 1 
ATOM   1187 C  CE2 . TYR A 1 154 ? 6.406   -6.071  8.579   1.00 15.74 ? 153  TYR A CE2 1 
ATOM   1188 C  CZ  . TYR A 1 154 ? 7.534   -6.098  7.772   1.00 15.02 ? 153  TYR A CZ  1 
ATOM   1189 O  OH  . TYR A 1 154 ? 7.799   -5.028  6.944   1.00 17.78 ? 153  TYR A OH  1 
ATOM   1190 N  N   . TYR A 1 155 ? 6.026   -7.936  13.126  1.00 11.34 ? 154  TYR A N   1 
ATOM   1191 C  CA  . TYR A 1 155 ? 5.650   -6.658  13.738  1.00 12.07 ? 154  TYR A CA  1 
ATOM   1192 C  C   . TYR A 1 155 ? 6.307   -6.454  15.087  1.00 13.03 ? 154  TYR A C   1 
ATOM   1193 O  O   . TYR A 1 155 ? 6.672   -7.419  15.731  1.00 13.23 ? 154  TYR A O   1 
ATOM   1194 C  CB  . TYR A 1 155 ? 4.124   -6.508  13.787  1.00 11.33 ? 154  TYR A CB  1 
ATOM   1195 C  CG  . TYR A 1 155 ? 3.570   -6.426  12.385  1.00 11.48 ? 154  TYR A CG  1 
ATOM   1196 C  CD1 . TYR A 1 155 ? 3.612   -5.227  11.674  1.00 10.37 ? 154  TYR A CD1 1 
ATOM   1197 C  CD2 . TYR A 1 155 ? 3.092   -7.563  11.739  1.00 10.21 ? 154  TYR A CD2 1 
ATOM   1198 C  CE1 . TYR A 1 155 ? 3.143   -5.153  10.360  1.00 11.26 ? 154  TYR A CE1 1 
ATOM   1199 C  CE2 . TYR A 1 155 ? 2.622   -7.498  10.435  1.00 10.92 ? 154  TYR A CE2 1 
ATOM   1200 C  CZ  . TYR A 1 155 ? 2.642   -6.296  9.766   1.00 11.38 ? 154  TYR A CZ  1 
ATOM   1201 O  OH  . TYR A 1 155 ? 2.207   -6.234  8.480   1.00 12.15 ? 154  TYR A OH  1 
ATOM   1202 N  N   . ALA A 1 156 ? 6.465   -5.200  15.510  1.00 14.70 ? 155  ALA A N   1 
ATOM   1203 C  CA  . ALA A 1 156 ? 6.906   -4.935  16.882  1.00 16.67 ? 155  ALA A CA  1 
ATOM   1204 C  C   . ALA A 1 156 ? 5.887   -5.509  17.864  1.00 17.48 ? 155  ALA A C   1 
ATOM   1205 O  O   . ALA A 1 156 ? 4.677   -5.429  17.622  1.00 19.33 ? 155  ALA A O   1 
ATOM   1206 C  CB  . ALA A 1 156 ? 7.103   -3.457  17.108  1.00 16.86 ? 155  ALA A CB  1 
ATOM   1207 N  N   . ASP A 1 157 ? 6.371   -6.067  18.969  1.00 17.94 ? 156  ASP A N   1 
ATOM   1208 C  CA  . ASP A 1 157 ? 5.569   -6.879  19.921  1.00 17.64 ? 156  ASP A CA  1 
ATOM   1209 C  C   . ASP A 1 157 ? 5.551   -8.375  19.576  1.00 16.88 ? 156  ASP A C   1 
ATOM   1210 O  O   . ASP A 1 157 ? 5.443   -9.211  20.490  1.00 17.28 ? 156  ASP A O   1 
ATOM   1211 C  CB  . ASP A 1 157 ? 4.121   -6.372  20.122  1.00 18.91 ? 156  ASP A CB  1 
ATOM   1212 C  CG  . ASP A 1 157 ? 4.051   -4.947  20.669  1.00 21.10 ? 156  ASP A CG  1 
ATOM   1213 O  OD1 . ASP A 1 157 ? 5.117   -4.290  20.807  1.00 22.95 ? 156  ASP A OD1 1 
ATOM   1214 O  OD2 . ASP A 1 157 ? 2.915   -4.491  20.942  1.00 21.32 ? 156  ASP A OD2 1 
ATOM   1215 N  N   . GLY A 1 158 ? 5.644   -8.717  18.281  1.00 15.22 ? 157  GLY A N   1 
ATOM   1216 C  CA  . GLY A 1 158 ? 5.756   -10.124 17.855  1.00 12.82 ? 157  GLY A CA  1 
ATOM   1217 C  C   . GLY A 1 158 ? 4.752   -10.738 16.867  1.00 11.65 ? 157  GLY A C   1 
ATOM   1218 O  O   . GLY A 1 158 ? 4.900   -11.908 16.503  1.00 9.31  ? 157  GLY A O   1 
ATOM   1219 N  N   . GLU A 1 159 ? 3.754   -9.979  16.415  1.00 11.03 ? 158  GLU A N   1 
ATOM   1220 C  CA  . GLU A 1 159 ? 2.759   -10.539 15.486  1.00 11.18 ? 158  GLU A CA  1 
ATOM   1221 C  C   . GLU A 1 159 ? 3.350   -10.934 14.116  1.00 11.29 ? 158  GLU A C   1 
ATOM   1222 O  O   . GLU A 1 159 ? 4.077   -10.168 13.494  1.00 10.94 ? 158  GLU A O   1 
ATOM   1223 C  CB  . GLU A 1 159 ? 1.549   -9.628  15.285  1.00 11.44 ? 158  GLU A CB  1 
ATOM   1224 C  CG  . GLU A 1 159 ? 0.484   -10.273 14.352  1.00 13.67 ? 158  GLU A CG  1 
ATOM   1225 C  CD  . GLU A 1 159 ? -0.880  -9.632  14.417  1.00 16.98 ? 158  GLU A CD  1 
ATOM   1226 O  OE1 . GLU A 1 159 ? -1.852  -10.314 14.017  1.00 16.36 ? 158  GLU A OE1 1 
ATOM   1227 O  OE2 . GLU A 1 159 ? -0.998  -8.459  14.855  1.00 17.14 ? 158  GLU A OE2 1 
ATOM   1228 N  N   . ASP A 1 160 ? 3.024   -12.138 13.672  1.00 11.16 ? 159  ASP A N   1 
ATOM   1229 C  CA  . ASP A 1 160 ? 3.398   -12.608 12.331  1.00 11.77 ? 159  ASP A CA  1 
ATOM   1230 C  C   . ASP A 1 160 ? 2.760   -11.741 11.248  1.00 11.27 ? 159  ASP A C   1 
ATOM   1231 O  O   . ASP A 1 160 ? 1.687   -11.170 11.460  1.00 10.91 ? 159  ASP A O   1 
ATOM   1232 C  CB  . ASP A 1 160 ? 2.914   -14.054 12.118  1.00 11.69 ? 159  ASP A CB  1 
ATOM   1233 C  CG  . ASP A 1 160 ? 3.615   -15.069 13.022  1.00 14.50 ? 159  ASP A CG  1 
ATOM   1234 O  OD1 . ASP A 1 160 ? 4.648   -14.753 13.643  1.00 15.05 ? 159  ASP A OD1 1 
ATOM   1235 O  OD2 . ASP A 1 160 ? 3.125   -16.217 13.091  1.00 16.67 ? 159  ASP A OD2 1 
ATOM   1236 N  N   . ALA A 1 161 ? 3.425   -11.673 10.092  1.00 10.72 ? 160  ALA A N   1 
ATOM   1237 C  CA  . ALA A 1 161 ? 2.846   -11.106 8.885   1.00 11.16 ? 160  ALA A CA  1 
ATOM   1238 C  C   . ALA A 1 161 ? 2.719   -12.186 7.821   1.00 11.31 ? 160  ALA A C   1 
ATOM   1239 O  O   . ALA A 1 161 ? 3.500   -13.150 7.797   1.00 11.46 ? 160  ALA A O   1 
ATOM   1240 C  CB  . ALA A 1 161 ? 3.728   -9.966  8.341   1.00 11.12 ? 160  ALA A CB  1 
ATOM   1241 N  N   . TYR A 1 162 ? 1.724   -12.028 6.949   1.00 11.10 ? 161  TYR A N   1 
ATOM   1242 C  CA  . TYR A 1 162 ? 1.755   -12.702 5.658   1.00 11.13 ? 161  TYR A CA  1 
ATOM   1243 C  C   . TYR A 1 162 ? 2.435   -11.796 4.671   1.00 11.28 ? 161  TYR A C   1 
ATOM   1244 O  O   . TYR A 1 162 ? 2.072   -10.625 4.548   1.00 10.95 ? 161  TYR A O   1 
ATOM   1245 C  CB  . TYR A 1 162 ? 0.349   -12.982 5.124   1.00 11.54 ? 161  TYR A CB  1 
ATOM   1246 C  CG  . TYR A 1 162 ? -0.436  -13.978 5.933   1.00 12.51 ? 161  TYR A CG  1 
ATOM   1247 C  CD1 . TYR A 1 162 ? 0.020   -15.285 6.099   1.00 13.84 ? 161  TYR A CD1 1 
ATOM   1248 C  CD2 . TYR A 1 162 ? -1.651  -13.614 6.523   1.00 13.14 ? 161  TYR A CD2 1 
ATOM   1249 C  CE1 . TYR A 1 162 ? -0.714  -16.215 6.862   1.00 14.44 ? 161  TYR A CE1 1 
ATOM   1250 C  CE2 . TYR A 1 162 ? -2.377  -14.521 7.283   1.00 13.16 ? 161  TYR A CE2 1 
ATOM   1251 C  CZ  . TYR A 1 162 ? -1.903  -15.813 7.435   1.00 15.24 ? 161  TYR A CZ  1 
ATOM   1252 O  OH  . TYR A 1 162 ? -2.630  -16.703 8.159   1.00 17.01 ? 161  TYR A OH  1 
ATOM   1253 N  N   . LEU A 1 163 ? 3.422   -12.345 3.970   1.00 10.87 ? 162  LEU A N   1 
ATOM   1254 C  CA  . LEU A 1 163 ? 3.949   -11.736 2.777   1.00 11.30 ? 162  LEU A CA  1 
ATOM   1255 C  C   . LEU A 1 163 ? 2.981   -12.128 1.656   1.00 10.32 ? 162  LEU A C   1 
ATOM   1256 O  O   . LEU A 1 163 ? 2.765   -13.296 1.408   1.00 10.61 ? 162  LEU A O   1 
ATOM   1257 C  CB  . LEU A 1 163 ? 5.359   -12.287 2.491   1.00 11.67 ? 162  LEU A CB  1 
ATOM   1258 C  CG  . LEU A 1 163 ? 6.077   -11.622 1.312   1.00 13.46 ? 162  LEU A CG  1 
ATOM   1259 C  CD1 . LEU A 1 163 ? 6.464   -10.200 1.640   1.00 15.16 ? 162  LEU A CD1 1 
ATOM   1260 C  CD2 . LEU A 1 163 ? 7.330   -12.442 0.948   1.00 17.72 ? 162  LEU A CD2 1 
ATOM   1261 N  N   . MET A 1 164 ? 2.345   -11.154 1.027   1.00 10.33 ? 163  MET A N   1 
ATOM   1262 C  CA  . MET A 1 164 ? 1.398   -11.451 -0.066  1.00 10.77 ? 163  MET A CA  1 
ATOM   1263 C  C   . MET A 1 164 ? 1.886   -10.827 -1.361  1.00 10.97 ? 163  MET A C   1 
ATOM   1264 O  O   . MET A 1 164 ? 2.367   -9.698  -1.364  1.00 10.56 ? 163  MET A O   1 
ATOM   1265 C  CB  . MET A 1 164 ? -0.007  -10.957 0.282   1.00 10.93 ? 163  MET A CB  1 
ATOM   1266 C  CG  . MET A 1 164 ? -0.553  -11.533 1.608   1.00 11.02 ? 163  MET A CG  1 
ATOM   1267 S  SD  . MET A 1 164 ? -2.280  -11.113 1.877   1.00 16.21 ? 163  MET A SD  1 
ATOM   1268 C  CE  . MET A 1 164 ? -3.075  -11.892 0.462   1.00 12.65 ? 163  MET A CE  1 
ATOM   1269 N  N   . ALA A 1 165 ? 1.781   -11.562 -2.462  1.00 11.60 ? 164  ALA A N   1 
ATOM   1270 C  CA  . ALA A 1 165 ? 2.303   -11.066 -3.734  1.00 12.62 ? 164  ALA A CA  1 
ATOM   1271 C  C   . ALA A 1 165 ? 1.389   -11.432 -4.908  1.00 14.31 ? 164  ALA A C   1 
ATOM   1272 O  O   . ALA A 1 165 ? 0.629   -12.404 -4.859  1.00 12.50 ? 164  ALA A O   1 
ATOM   1273 C  CB  . ALA A 1 165 ? 3.711   -11.564 -3.973  1.00 12.18 ? 164  ALA A CB  1 
ATOM   1274 N  N   . ARG A 1 166 ? 1.477   -10.627 -5.957  1.00 16.88 ? 165  ARG A N   1 
ATOM   1275 C  CA  . ARG A 1 166 ? 0.543   -10.697 -7.072  1.00 20.21 ? 165  ARG A CA  1 
ATOM   1276 C  C   . ARG A 1 166 ? 1.403   -10.676 -8.336  1.00 21.87 ? 165  ARG A C   1 
ATOM   1277 O  O   . ARG A 1 166 ? 2.291   -9.824  -8.461  1.00 21.18 ? 165  ARG A O   1 
ATOM   1278 C  CB  . ARG A 1 166 ? -0.405  -9.489  -7.006  1.00 20.96 ? 165  ARG A CB  1 
ATOM   1279 C  CG  . ARG A 1 166 ? -1.363  -9.338  -8.157  1.00 24.05 ? 165  ARG A CG  1 
ATOM   1280 C  CD  . ARG A 1 166 ? -2.100  -8.020  -8.090  1.00 28.55 ? 165  ARG A CD  1 
ATOM   1281 N  NE  . ARG A 1 166 ? -2.557  -7.614  -9.421  1.00 33.49 ? 165  ARG A NE  1 
ATOM   1282 C  CZ  . ARG A 1 166 ? -3.831  -7.466  -9.781  1.00 36.05 ? 165  ARG A CZ  1 
ATOM   1283 N  NH1 . ARG A 1 166 ? -4.815  -7.664  -8.921  1.00 36.48 ? 165  ARG A NH1 1 
ATOM   1284 N  NH2 . ARG A 1 166 ? -4.128  -7.094  -11.017 1.00 38.11 ? 165  ARG A NH2 1 
ATOM   1285 N  N   . PRO A 1 167 ? 1.180   -11.642 -9.247  1.00 24.00 ? 166  PRO A N   1 
ATOM   1286 C  CA  . PRO A 1 167 ? 1.992   -11.679 -10.458 1.00 25.21 ? 166  PRO A CA  1 
ATOM   1287 C  C   . PRO A 1 167 ? 1.646   -10.519 -11.362 1.00 26.49 ? 166  PRO A C   1 
ATOM   1288 O  O   . PRO A 1 167 ? 2.018   -10.536 -12.534 1.00 28.92 ? 166  PRO A O   1 
ATOM   1289 C  CB  . PRO A 1 167 ? 1.593   -13.007 -11.103 1.00 25.29 ? 166  PRO A CB  1 
ATOM   1290 C  CG  . PRO A 1 167 ? 0.158   -13.218 -10.634 1.00 25.47 ? 166  PRO A CG  1 
ATOM   1291 C  CD  . PRO A 1 167 ? 0.223   -12.766 -9.194  1.00 24.19 ? 166  PRO A CD  1 
HETATM 1292 N  N1A . COA B 2 .   ? -14.619 -7.137  7.172   1.00 25.41 ? 201  COA A N1A 1 
HETATM 1293 C  C2A . COA B 2 .   ? -14.462 -8.111  6.212   1.00 23.87 ? 201  COA A C2A 1 
HETATM 1294 N  N3A . COA B 2 .   ? -13.941 -7.777  4.978   1.00 24.70 ? 201  COA A N3A 1 
HETATM 1295 C  C4A . COA B 2 .   ? -13.574 -6.501  4.702   1.00 22.84 ? 201  COA A C4A 1 
HETATM 1296 C  C5A . COA B 2 .   ? -13.718 -5.509  5.653   1.00 23.72 ? 201  COA A C5A 1 
HETATM 1297 C  C6A . COA B 2 .   ? -14.256 -5.830  6.901   1.00 24.88 ? 201  COA A C6A 1 
HETATM 1298 N  N6A . COA B 2 .   ? -14.584 -4.872  7.765   1.00 25.20 ? 201  COA A N6A 1 
HETATM 1299 N  N7A . COA B 2 .   ? -13.278 -4.342  5.104   1.00 23.28 ? 201  COA A N7A 1 
HETATM 1300 C  C8A . COA B 2 .   ? -12.869 -4.583  3.835   1.00 22.84 ? 201  COA A C8A 1 
HETATM 1301 N  N9A . COA B 2 .   ? -13.043 -5.917  3.573   1.00 24.02 ? 201  COA A N9A 1 
HETATM 1302 C  C1B . COA B 2 .   ? -12.673 -6.619  2.335   1.00 24.20 ? 201  COA A C1B 1 
HETATM 1303 C  C2B . COA B 2 .   ? -13.899 -7.162  1.622   1.00 27.22 ? 201  COA A C2B 1 
HETATM 1304 O  O2B . COA B 2 .   ? -13.527 -8.400  1.045   1.00 27.40 ? 201  COA A O2B 1 
HETATM 1305 C  C3B . COA B 2 .   ? -14.113 -6.123  0.534   1.00 27.71 ? 201  COA A C3B 1 
HETATM 1306 O  O3B . COA B 2 .   ? -14.761 -6.624  -0.596  1.00 31.81 ? 201  COA A O3B 1 
HETATM 1307 P  P3B . COA B 2 .   ? -16.373 -6.663  -0.647  1.00 36.33 ? 201  COA A P3B 1 
HETATM 1308 O  O7A . COA B 2 .   ? -16.993 -5.680  0.321   1.00 33.58 ? 201  COA A O7A 1 
HETATM 1309 O  O8A . COA B 2 .   ? -16.740 -8.075  -0.264  1.00 37.11 ? 201  COA A O8A 1 
HETATM 1310 O  O9A . COA B 2 .   ? -16.763 -6.400  -2.084  1.00 36.12 ? 201  COA A O9A 1 
HETATM 1311 C  C4B . COA B 2 .   ? -12.707 -5.691  0.176   1.00 25.09 ? 201  COA A C4B 1 
HETATM 1312 O  O4B . COA B 2 .   ? -12.064 -5.716  1.430   1.00 25.57 ? 201  COA A O4B 1 
HETATM 1313 C  C5B . COA B 2 .   ? -12.648 -4.303  -0.470  1.00 24.69 ? 201  COA A C5B 1 
HETATM 1314 O  O5B . COA B 2 .   ? -13.151 -3.361  0.446   1.00 22.26 ? 201  COA A O5B 1 
HETATM 1315 P  P1A . COA B 2 .   ? -12.959 -1.782  0.265   1.00 21.69 ? 201  COA A P1A 1 
HETATM 1316 O  O1A . COA B 2 .   ? -14.245 -1.075  0.646   1.00 21.98 ? 201  COA A O1A 1 
HETATM 1317 O  O2A . COA B 2 .   ? -12.376 -1.425  -1.070  1.00 19.13 ? 201  COA A O2A 1 
HETATM 1318 O  O3A . COA B 2 .   ? -11.925 -1.496  1.482   1.00 18.28 ? 201  COA A O3A 1 
HETATM 1319 P  P2A . COA B 2 .   ? -11.909 -0.257  2.481   1.00 16.88 ? 201  COA A P2A 1 
HETATM 1320 O  O4A . COA B 2 .   ? -11.988 0.985   1.633   1.00 16.02 ? 201  COA A O4A 1 
HETATM 1321 O  O5A . COA B 2 .   ? -12.906 -0.341  3.611   1.00 15.60 ? 201  COA A O5A 1 
HETATM 1322 O  O6A . COA B 2 .   ? -10.463 -0.317  3.195   1.00 15.62 ? 201  COA A O6A 1 
HETATM 1323 C  CBP . COA B 2 .   ? -8.771  -1.215  4.651   1.00 14.97 ? 201  COA A CBP 1 
HETATM 1324 C  CCP . COA B 2 .   ? -9.942  -1.522  3.710   1.00 14.43 ? 201  COA A CCP 1 
HETATM 1325 C  CDP . COA B 2 .   ? -7.766  -0.290  3.934   1.00 14.31 ? 201  COA A CDP 1 
HETATM 1326 C  CEP . COA B 2 .   ? -8.093  -2.516  5.045   1.00 14.64 ? 201  COA A CEP 1 
HETATM 1327 C  CAP . COA B 2 .   ? -9.365  -0.564  5.902   1.00 15.34 ? 201  COA A CAP 1 
HETATM 1328 O  OAP . COA B 2 .   ? -10.274 -1.390  6.613   1.00 15.66 ? 201  COA A OAP 1 
HETATM 1329 C  C9P . COA B 2 .   ? -8.408  0.136   6.815   1.00 14.59 ? 201  COA A C9P 1 
HETATM 1330 O  O9P . COA B 2 .   ? -8.178  1.489   6.564   1.00 16.58 ? 201  COA A O9P 1 
HETATM 1331 N  N8P . COA B 2 .   ? -7.854  -0.526  7.842   1.00 14.75 ? 201  COA A N8P 1 
HETATM 1332 C  C7P . COA B 2 .   ? -6.850  0.095   8.702   1.00 15.40 ? 201  COA A C7P 1 
HETATM 1333 C  C6P . COA B 2 .   ? -5.487  0.287   8.012   1.00 16.00 ? 201  COA A C6P 1 
HETATM 1334 C  C5P . COA B 2 .   ? -4.960  -1.038  7.500   1.00 17.87 ? 201  COA A C5P 1 
HETATM 1335 O  O5P . COA B 2 .   ? -5.126  -2.077  8.161   1.00 18.47 ? 201  COA A O5P 1 
HETATM 1336 N  N4P . COA B 2 .   ? -4.319  -1.039  6.324   1.00 18.57 ? 201  COA A N4P 1 
HETATM 1337 C  C3P . COA B 2 .   ? -3.606  -2.210  5.837   1.00 20.25 ? 201  COA A C3P 1 
HETATM 1338 C  C2P A COA B 2 .   ? -2.258  -2.482  6.500   0.50 22.34 ? 201  COA A C2P 1 
HETATM 1339 C  C2P B COA B 2 .   ? -2.225  -2.341  6.483   0.50 19.44 ? 201  COA A C2P 1 
HETATM 1340 S  S1P A COA B 2 .   ? -1.291  -3.758  5.638   0.50 25.62 ? 201  COA A S1P 1 
HETATM 1341 S  S1P B COA B 2 .   ? -1.015  -1.094  5.953   0.50 18.68 ? 201  COA A S1P 1 
HETATM 1342 CL CL  . CL  C 3 .   ? 2.775   -7.138  17.062  1.00 32.02 ? 202  CL  A CL  1 
HETATM 1343 O  O   . HOH D 4 .   ? -11.688 9.920   -9.425  1.00 31.22 ? 2001 HOH A O   1 
HETATM 1344 O  O   . HOH D 4 .   ? 3.723   17.608  -4.458  1.00 22.77 ? 2002 HOH A O   1 
HETATM 1345 O  O   . HOH D 4 .   ? -2.827  17.793  4.379   1.00 19.09 ? 2003 HOH A O   1 
HETATM 1346 O  O   . HOH D 4 .   ? 1.611   20.472  -2.384  1.00 31.17 ? 2004 HOH A O   1 
HETATM 1347 O  O   . HOH D 4 .   ? -0.671  15.643  10.852  1.00 21.29 ? 2005 HOH A O   1 
HETATM 1348 O  O   . HOH D 4 .   ? -4.080  11.083  13.929  1.00 19.22 ? 2006 HOH A O   1 
HETATM 1349 O  O   . HOH D 4 .   ? 2.928   8.519   11.100  1.00 23.22 ? 2007 HOH A O   1 
HETATM 1350 O  O   . HOH D 4 .   ? -0.291  -2.694  11.170  1.00 23.47 ? 2008 HOH A O   1 
HETATM 1351 O  O   . HOH D 4 .   ? 6.479   9.322   14.068  1.00 37.54 ? 2009 HOH A O   1 
HETATM 1352 O  O   . HOH D 4 .   ? -10.483 4.236   13.596  1.00 31.98 ? 2010 HOH A O   1 
HETATM 1353 O  O   . HOH D 4 .   ? -12.467 6.344   13.847  1.00 23.34 ? 2011 HOH A O   1 
HETATM 1354 O  O   . HOH D 4 .   ? 7.569   10.781  -7.932  1.00 24.27 ? 2012 HOH A O   1 
HETATM 1355 O  O   . HOH D 4 .   ? 13.147  1.727   -4.036  1.00 23.74 ? 2013 HOH A O   1 
HETATM 1356 O  O   . HOH D 4 .   ? 2.003   12.057  -6.411  1.00 17.14 ? 2014 HOH A O   1 
HETATM 1357 O  O   . HOH D 4 .   ? -0.118  8.057   -12.198 1.00 28.24 ? 2015 HOH A O   1 
HETATM 1358 O  O   . HOH D 4 .   ? -6.921  16.707  3.899   1.00 25.95 ? 2016 HOH A O   1 
HETATM 1359 O  O   . HOH D 4 .   ? 9.187   0.409   4.250   1.00 29.03 ? 2017 HOH A O   1 
HETATM 1360 O  O   . HOH D 4 .   ? 11.723  0.579   4.930   1.00 22.49 ? 2018 HOH A O   1 
HETATM 1361 O  O   . HOH D 4 .   ? 13.552  -14.847 -6.164  1.00 20.19 ? 2019 HOH A O   1 
HETATM 1362 O  O   . HOH D 4 .   ? -14.408 -2.055  7.924   1.00 24.20 ? 2020 HOH A O   1 
HETATM 1363 O  O   . HOH D 4 .   ? 13.694  -12.679 -13.476 1.00 25.89 ? 2021 HOH A O   1 
HETATM 1364 O  O   . HOH D 4 .   ? 17.844  -12.608 -12.492 1.00 22.46 ? 2022 HOH A O   1 
HETATM 1365 O  O   . HOH D 4 .   ? 12.989  1.316   -14.610 1.00 29.93 ? 2023 HOH A O   1 
HETATM 1366 O  O   . HOH D 4 .   ? 11.076  -8.242  -1.684  1.00 15.17 ? 2024 HOH A O   1 
HETATM 1367 O  O   . HOH D 4 .   ? 2.905   -3.731  3.101   1.00 22.26 ? 2025 HOH A O   1 
HETATM 1368 O  O   . HOH D 4 .   ? -10.359 5.940   10.976  1.00 24.55 ? 2026 HOH A O   1 
HETATM 1369 O  O   . HOH D 4 .   ? -11.925 7.919   11.920  1.00 28.08 ? 2027 HOH A O   1 
HETATM 1370 O  O   . HOH D 4 .   ? -7.900  1.374   11.588  1.00 22.11 ? 2028 HOH A O   1 
HETATM 1371 O  O   . HOH D 4 .   ? -14.228 2.244   1.280   1.00 17.87 ? 2029 HOH A O   1 
HETATM 1372 O  O   . HOH D 4 .   ? -13.585 -0.143  -6.931  1.00 32.59 ? 2030 HOH A O   1 
HETATM 1373 O  O   . HOH D 4 .   ? -8.775  2.821   -9.436  1.00 21.23 ? 2031 HOH A O   1 
HETATM 1374 O  O   . HOH D 4 .   ? -2.944  4.750   -12.160 1.00 21.88 ? 2032 HOH A O   1 
HETATM 1375 O  O   . HOH D 4 .   ? -7.285  2.448   -11.538 1.00 25.12 ? 2033 HOH A O   1 
HETATM 1376 O  O   . HOH D 4 .   ? 4.023   4.831   -19.204 1.00 21.18 ? 2034 HOH A O   1 
HETATM 1377 O  O   . HOH D 4 .   ? -0.841  5.532   -14.721 1.00 32.35 ? 2035 HOH A O   1 
HETATM 1378 O  O   . HOH D 4 .   ? 9.490   4.006   -17.350 1.00 23.43 ? 2036 HOH A O   1 
HETATM 1379 O  O   . HOH D 4 .   ? 6.835   7.045   -16.104 1.00 30.70 ? 2037 HOH A O   1 
HETATM 1380 O  O   . HOH D 4 .   ? 8.230   9.422   -10.865 1.00 38.97 ? 2038 HOH A O   1 
HETATM 1381 O  O   . HOH D 4 .   ? 11.580  3.102   -18.656 1.00 17.29 ? 2039 HOH A O   1 
HETATM 1382 O  O   . HOH D 4 .   ? 7.431   2.673   -18.427 1.00 19.68 ? 2040 HOH A O   1 
HETATM 1383 O  O   . HOH D 4 .   ? 10.749  -7.084  -14.050 1.00 15.90 ? 2041 HOH A O   1 
HETATM 1384 O  O   . HOH D 4 .   ? 6.817   -9.288  -5.117  1.00 30.79 ? 2042 HOH A O   1 
HETATM 1385 O  O   . HOH D 4 .   ? 8.695   -6.685  3.254   1.00 29.58 ? 2043 HOH A O   1 
HETATM 1386 O  O   . HOH D 4 .   ? 3.083   -3.473  16.574  1.00 21.83 ? 2044 HOH A O   1 
HETATM 1387 O  O   . HOH D 4 .   ? -2.364  -2.796  12.751  1.00 28.39 ? 2045 HOH A O   1 
HETATM 1388 O  O   . HOH D 4 .   ? -4.528  -15.370 9.742   1.00 19.86 ? 2046 HOH A O   1 
HETATM 1389 O  O   . HOH D 4 .   ? -4.524  -6.552  13.037  1.00 21.22 ? 2047 HOH A O   1 
HETATM 1390 O  O   . HOH D 4 .   ? -8.291  -3.192  8.741   1.00 14.71 ? 2048 HOH A O   1 
HETATM 1391 O  O   . HOH D 4 .   ? -1.594  -5.022  8.858   1.00 9.75  ? 2049 HOH A O   1 
HETATM 1392 O  O   . HOH D 4 .   ? -3.585  -4.607  11.064  1.00 29.28 ? 2050 HOH A O   1 
HETATM 1393 O  O   . HOH D 4 .   ? -9.546  -12.294 5.700   1.00 17.60 ? 2051 HOH A O   1 
HETATM 1394 O  O   . HOH D 4 .   ? -11.520 -11.733 -0.410  1.00 24.44 ? 2052 HOH A O   1 
HETATM 1395 O  O   . HOH D 4 .   ? -9.006  -9.059  -8.983  1.00 28.03 ? 2053 HOH A O   1 
HETATM 1396 O  O   . HOH D 4 .   ? -6.089  -14.016 -4.352  1.00 20.65 ? 2054 HOH A O   1 
HETATM 1397 O  O   . HOH D 4 .   ? -3.724  -16.538 -0.482  1.00 23.71 ? 2055 HOH A O   1 
HETATM 1398 O  O   . HOH D 4 .   ? 5.737   -19.479 5.445   1.00 20.55 ? 2056 HOH A O   1 
HETATM 1399 O  O   . HOH D 4 .   ? 10.180  -12.390 10.281  1.00 14.82 ? 2057 HOH A O   1 
HETATM 1400 O  O   . HOH D 4 .   ? 9.902   -16.146 9.266   1.00 18.63 ? 2058 HOH A O   1 
HETATM 1401 O  O   . HOH D 4 .   ? 9.231   -4.435  4.530   1.00 21.29 ? 2059 HOH A O   1 
HETATM 1402 O  O   . HOH D 4 .   ? 5.377   -2.958  14.317  1.00 18.72 ? 2060 HOH A O   1 
HETATM 1403 O  O   . HOH D 4 .   ? 5.934   -14.171 18.153  1.00 23.89 ? 2061 HOH A O   1 
HETATM 1404 O  O   . HOH D 4 .   ? -1.984  -12.677 15.417  1.00 16.16 ? 2062 HOH A O   1 
HETATM 1405 O  O   . HOH D 4 .   ? 1.444   -13.838 15.237  1.00 11.07 ? 2063 HOH A O   1 
HETATM 1406 O  O   . HOH D 4 .   ? 0.875   -17.033 12.050  1.00 24.26 ? 2064 HOH A O   1 
HETATM 1407 O  O   . HOH D 4 .   ? 4.460   -15.555 16.468  1.00 24.98 ? 2065 HOH A O   1 
HETATM 1408 O  O   . HOH D 4 .   ? -14.321 -10.089 3.528   1.00 35.89 ? 2066 HOH A O   1 
HETATM 1409 O  O   . HOH D 4 .   ? -12.948 -1.821  5.661   1.00 14.00 ? 2067 HOH A O   1 
# 
loop_
_pdbx_poly_seq_scheme.asym_id 
_pdbx_poly_seq_scheme.entity_id 
_pdbx_poly_seq_scheme.seq_id 
_pdbx_poly_seq_scheme.mon_id 
_pdbx_poly_seq_scheme.ndb_seq_num 
_pdbx_poly_seq_scheme.pdb_seq_num 
_pdbx_poly_seq_scheme.auth_seq_num 
_pdbx_poly_seq_scheme.pdb_mon_id 
_pdbx_poly_seq_scheme.auth_mon_id 
_pdbx_poly_seq_scheme.pdb_strand_id 
_pdbx_poly_seq_scheme.pdb_ins_code 
_pdbx_poly_seq_scheme.hetero 
A 1 1   GLY 1   0   ?   ?   ?   A . n 
A 1 2   MET 2   1   ?   ?   ?   A . n 
A 1 3   GLU 3   2   ?   ?   ?   A . n 
A 1 4   LEU 4   3   ?   ?   ?   A . n 
A 1 5   ALA 5   4   ?   ?   ?   A . n 
A 1 6   GLU 6   5   ?   ?   ?   A . n 
A 1 7   LYS 7   6   ?   ?   ?   A . n 
A 1 8   ASP 8   7   ?   ?   ?   A . n 
A 1 9   LYS 9   8   ?   ?   ?   A . n 
A 1 10  GLY 10  9   ?   ?   ?   A . n 
A 1 11  ARG 11  10  ?   ?   ?   A . n 
A 1 12  ASP 12  11  11  ASP ASP A . n 
A 1 13  PHE 13  12  12  PHE PHE A . n 
A 1 14  THR 14  13  13  THR THR A . n 
A 1 15  LEU 15  14  14  LEU LEU A . n 
A 1 16  ARG 16  15  15  ARG ARG A . n 
A 1 17  ASN 17  16  16  ASN ASN A . n 
A 1 18  ALA 18  17  17  ALA ALA A . n 
A 1 19  ARG 19  18  18  ARG ARG A . n 
A 1 20  MET 20  19  19  MET MET A . n 
A 1 21  ASP 21  20  20  ASP ASP A . n 
A 1 22  ASP 22  21  21  ASP ASP A . n 
A 1 23  ILE 23  22  22  ILE ILE A . n 
A 1 24  ASP 24  23  23  ASP ASP A . n 
A 1 25  GLN 25  24  24  GLN GLN A . n 
A 1 26  ILE 26  25  25  ILE ILE A . n 
A 1 27  ILE 27  26  26  ILE ILE A . n 
A 1 28  LYS 28  27  27  LYS LYS A . n 
A 1 29  ILE 29  28  28  ILE ILE A . n 
A 1 30  ASN 30  29  29  ASN ASN A . n 
A 1 31  ARG 31  30  30  ARG ARG A . n 
A 1 32  LEU 32  31  31  LEU LEU A . n 
A 1 33  THR 33  32  32  THR THR A . n 
A 1 34  LEU 34  33  33  LEU LEU A . n 
A 1 35  PRO 35  34  34  PRO PRO A . n 
A 1 36  GLU 36  35  35  GLU GLU A . n 
A 1 37  ASN 37  36  36  ASN ASN A . n 
A 1 38  TYR 38  37  37  TYR TYR A . n 
A 1 39  PRO 39  38  38  PRO PRO A . n 
A 1 40  TYR 40  39  39  TYR TYR A . n 
A 1 41  TYR 41  40  40  TYR TYR A . n 
A 1 42  PHE 42  41  41  PHE PHE A . n 
A 1 43  PHE 43  42  42  PHE PHE A . n 
A 1 44  VAL 44  43  43  VAL VAL A . n 
A 1 45  GLU 45  44  44  GLU GLU A . n 
A 1 46  HIS 46  45  45  HIS HIS A . n 
A 1 47  LEU 47  46  46  LEU LEU A . n 
A 1 48  LYS 48  47  47  LYS LYS A . n 
A 1 49  GLU 49  48  48  GLU GLU A . n 
A 1 50  TYR 50  49  49  TYR TYR A . n 
A 1 51  GLY 51  50  50  GLY GLY A . n 
A 1 52  LEU 52  51  51  LEU LEU A . n 
A 1 53  ALA 53  52  52  ALA ALA A . n 
A 1 54  PHE 54  53  53  PHE PHE A . n 
A 1 55  PHE 55  54  54  PHE PHE A . n 
A 1 56  VAL 56  55  55  VAL VAL A . n 
A 1 57  ALA 57  56  56  ALA ALA A . n 
A 1 58  ILE 58  57  57  ILE ILE A . n 
A 1 59  VAL 59  58  58  VAL VAL A . n 
A 1 60  ASP 60  59  59  ASP ASP A . n 
A 1 61  ASN 61  60  60  ASN ASN A . n 
A 1 62  SER 62  61  61  SER SER A . n 
A 1 63  VAL 63  62  62  VAL VAL A . n 
A 1 64  VAL 64  63  63  VAL VAL A . n 
A 1 65  GLY 65  64  64  GLY GLY A . n 
A 1 66  TYR 66  65  65  TYR TYR A . n 
A 1 67  ILE 67  66  66  ILE ILE A . n 
A 1 68  MET 68  67  67  MET MET A . n 
A 1 69  PRO 69  68  68  PRO PRO A . n 
A 1 70  ARG 70  69  69  ARG ARG A . n 
A 1 71  ILE 71  70  70  ILE ILE A . n 
A 1 72  GLU 72  71  71  GLU GLU A . n 
A 1 73  TRP 73  72  72  TRP TRP A . n 
A 1 74  GLY 74  73  73  GLY GLY A . n 
A 1 75  PHE 75  74  74  PHE PHE A . n 
A 1 76  SER 76  75  75  SER SER A . n 
A 1 77  ASN 77  76  76  ASN ASN A . n 
A 1 78  ILE 78  77  77  ILE ILE A . n 
A 1 79  LYS 79  78  78  LYS LYS A . n 
A 1 80  GLN 80  79  79  GLN GLN A . n 
A 1 81  LEU 81  80  80  LEU LEU A . n 
A 1 82  PRO 82  81  81  PRO PRO A . n 
A 1 83  SER 83  82  82  SER SER A . n 
A 1 84  LEU 84  83  83  LEU LEU A . n 
A 1 85  VAL 85  84  84  VAL VAL A . n 
A 1 86  ARG 86  85  85  ARG ARG A . n 
A 1 87  LYS 87  86  86  LYS LYS A . n 
A 1 88  GLY 88  87  87  GLY GLY A . n 
A 1 89  HIS 89  88  88  HIS HIS A . n 
A 1 90  VAL 90  89  89  VAL VAL A . n 
A 1 91  VAL 91  90  90  VAL VAL A . n 
A 1 92  SER 92  91  91  SER SER A . n 
A 1 93  ILE 93  92  92  ILE ILE A . n 
A 1 94  ALA 94  93  93  ALA ALA A . n 
A 1 95  VAL 95  94  94  VAL VAL A . n 
A 1 96  LEU 96  95  95  LEU LEU A . n 
A 1 97  GLU 97  96  96  GLU GLU A . n 
A 1 98  GLU 98  97  97  GLU GLU A . n 
A 1 99  TYR 99  98  98  TYR TYR A . n 
A 1 100 ARG 100 99  99  ARG ARG A . n 
A 1 101 ARG 101 100 100 ARG ARG A . n 
A 1 102 LYS 102 101 101 LYS LYS A . n 
A 1 103 GLY 103 102 102 GLY GLY A . n 
A 1 104 ILE 104 103 103 ILE ILE A . n 
A 1 105 ALA 105 104 104 ALA ALA A . n 
A 1 106 THR 106 105 105 THR THR A . n 
A 1 107 THR 107 106 106 THR THR A . n 
A 1 108 LEU 108 107 107 LEU LEU A . n 
A 1 109 LEU 109 108 108 LEU LEU A . n 
A 1 110 GLU 110 109 109 GLU GLU A . n 
A 1 111 ALA 111 110 110 ALA ALA A . n 
A 1 112 SER 112 111 111 SER SER A . n 
A 1 113 MET 113 112 112 MET MET A . n 
A 1 114 LYS 114 113 113 LYS LYS A . n 
A 1 115 SER 115 114 114 SER SER A . n 
A 1 116 MET 116 115 115 MET MET A . n 
A 1 117 LYS 117 116 116 LYS LYS A . n 
A 1 118 ASN 118 117 117 ASN ASN A . n 
A 1 119 ASP 119 118 118 ASP ASP A . n 
A 1 120 TYR 120 119 119 TYR TYR A . n 
A 1 121 ASN 121 120 120 ASN ASN A . n 
A 1 122 ALA 122 121 121 ALA ALA A . n 
A 1 123 GLU 123 122 122 GLU GLU A . n 
A 1 124 GLU 124 123 123 GLU GLU A . n 
A 1 125 ILE 125 124 124 ILE ILE A . n 
A 1 126 TYR 126 125 125 TYR TYR A . n 
A 1 127 LEU 127 126 126 LEU LEU A . n 
A 1 128 GLU 128 127 127 GLU GLU A . n 
A 1 129 VAL 129 128 128 VAL VAL A . n 
A 1 130 ARG 130 129 129 ARG ARG A . n 
A 1 131 VAL 131 130 130 VAL VAL A . n 
A 1 132 SER 132 131 131 SER SER A . n 
A 1 133 ASN 133 132 132 ASN ASN A . n 
A 1 134 TYR 134 133 133 TYR TYR A . n 
A 1 135 PRO 135 134 134 PRO PRO A . n 
A 1 136 ALA 136 135 135 ALA ALA A . n 
A 1 137 ILE 137 136 136 ILE ILE A . n 
A 1 138 ALA 138 137 137 ALA ALA A . n 
A 1 139 LEU 139 138 138 LEU LEU A . n 
A 1 140 TYR 140 139 139 TYR TYR A . n 
A 1 141 GLU 141 140 140 GLU GLU A . n 
A 1 142 LYS 142 141 141 LYS LYS A . n 
A 1 143 LEU 143 142 142 LEU LEU A . n 
A 1 144 ASN 144 143 143 ASN ASN A . n 
A 1 145 PHE 145 144 144 PHE PHE A . n 
A 1 146 LYS 146 145 145 LYS LYS A . n 
A 1 147 LYS 147 146 146 LYS LYS A . n 
A 1 148 VAL 148 147 147 VAL VAL A . n 
A 1 149 LYS 149 148 148 LYS LYS A . n 
A 1 150 VAL 150 149 149 VAL VAL A . n 
A 1 151 LEU 151 150 150 LEU LEU A . n 
A 1 152 LYS 152 151 151 LYS LYS A . n 
A 1 153 GLY 153 152 152 GLY GLY A . n 
A 1 154 TYR 154 153 153 TYR TYR A . n 
A 1 155 TYR 155 154 154 TYR TYR A . n 
A 1 156 ALA 156 155 155 ALA ALA A . n 
A 1 157 ASP 157 156 156 ASP ASP A . n 
A 1 158 GLY 158 157 157 GLY GLY A . n 
A 1 159 GLU 159 158 158 GLU GLU A . n 
A 1 160 ASP 160 159 159 ASP ASP A . n 
A 1 161 ALA 161 160 160 ALA ALA A . n 
A 1 162 TYR 162 161 161 TYR TYR A . n 
A 1 163 LEU 163 162 162 LEU LEU A . n 
A 1 164 MET 164 163 163 MET MET A . n 
A 1 165 ALA 165 164 164 ALA ALA A . n 
A 1 166 ARG 166 165 165 ARG ARG A . n 
A 1 167 PRO 167 166 166 PRO PRO A . n 
A 1 168 LEU 168 167 ?   ?   ?   A . n 
# 
loop_
_pdbx_nonpoly_scheme.asym_id 
_pdbx_nonpoly_scheme.entity_id 
_pdbx_nonpoly_scheme.mon_id 
_pdbx_nonpoly_scheme.ndb_seq_num 
_pdbx_nonpoly_scheme.pdb_seq_num 
_pdbx_nonpoly_scheme.auth_seq_num 
_pdbx_nonpoly_scheme.pdb_mon_id 
_pdbx_nonpoly_scheme.auth_mon_id 
_pdbx_nonpoly_scheme.pdb_strand_id 
_pdbx_nonpoly_scheme.pdb_ins_code 
B 2 COA 1  201  201  COA COA A . 
C 3 CL  1  202  202  CL  CL  A . 
D 4 HOH 1  2001 2001 HOH HOH A . 
D 4 HOH 2  2002 2002 HOH HOH A . 
D 4 HOH 3  2003 2003 HOH HOH A . 
D 4 HOH 4  2004 2004 HOH HOH A . 
D 4 HOH 5  2005 2005 HOH HOH A . 
D 4 HOH 6  2006 2006 HOH HOH A . 
D 4 HOH 7  2007 2007 HOH HOH A . 
D 4 HOH 8  2008 2008 HOH HOH A . 
D 4 HOH 9  2009 2009 HOH HOH A . 
D 4 HOH 10 2010 2010 HOH HOH A . 
D 4 HOH 11 2011 2011 HOH HOH A . 
D 4 HOH 12 2012 2012 HOH HOH A . 
D 4 HOH 13 2013 2013 HOH HOH A . 
D 4 HOH 14 2014 2014 HOH HOH A . 
D 4 HOH 15 2015 2015 HOH HOH A . 
D 4 HOH 16 2016 2016 HOH HOH A . 
D 4 HOH 17 2017 2017 HOH HOH A . 
D 4 HOH 18 2018 2018 HOH HOH A . 
D 4 HOH 19 2019 2019 HOH HOH A . 
D 4 HOH 20 2020 2020 HOH HOH A . 
D 4 HOH 21 2021 2021 HOH HOH A . 
D 4 HOH 22 2022 2022 HOH HOH A . 
D 4 HOH 23 2023 2023 HOH HOH A . 
D 4 HOH 24 2024 2024 HOH HOH A . 
D 4 HOH 25 2025 2025 HOH HOH A . 
D 4 HOH 26 2026 2026 HOH HOH A . 
D 4 HOH 27 2027 2027 HOH HOH A . 
D 4 HOH 28 2028 2028 HOH HOH A . 
D 4 HOH 29 2029 2029 HOH HOH A . 
D 4 HOH 30 2030 2030 HOH HOH A . 
D 4 HOH 31 2031 2031 HOH HOH A . 
D 4 HOH 32 2032 2032 HOH HOH A . 
D 4 HOH 33 2033 2033 HOH HOH A . 
D 4 HOH 34 2034 2034 HOH HOH A . 
D 4 HOH 35 2035 2035 HOH HOH A . 
D 4 HOH 36 2036 2036 HOH HOH A . 
D 4 HOH 37 2037 2037 HOH HOH A . 
D 4 HOH 38 2038 2038 HOH HOH A . 
D 4 HOH 39 2039 2039 HOH HOH A . 
D 4 HOH 40 2040 2040 HOH HOH A . 
D 4 HOH 41 2041 2041 HOH HOH A . 
D 4 HOH 42 2042 2042 HOH HOH A . 
D 4 HOH 43 2043 2043 HOH HOH A . 
D 4 HOH 44 2044 2044 HOH HOH A . 
D 4 HOH 45 2045 2045 HOH HOH A . 
D 4 HOH 46 2046 2046 HOH HOH A . 
D 4 HOH 47 2047 2047 HOH HOH A . 
D 4 HOH 48 2048 2048 HOH HOH A . 
D 4 HOH 49 2049 2049 HOH HOH A . 
D 4 HOH 50 2050 2050 HOH HOH A . 
D 4 HOH 51 2051 2051 HOH HOH A . 
D 4 HOH 52 2052 2052 HOH HOH A . 
D 4 HOH 53 2053 2053 HOH HOH A . 
D 4 HOH 54 2054 2054 HOH HOH A . 
D 4 HOH 55 2055 2055 HOH HOH A . 
D 4 HOH 56 2056 2056 HOH HOH A . 
D 4 HOH 57 2057 2057 HOH HOH A . 
D 4 HOH 58 2058 2058 HOH HOH A . 
D 4 HOH 59 2059 2059 HOH HOH A . 
D 4 HOH 60 2060 2060 HOH HOH A . 
D 4 HOH 61 2061 2061 HOH HOH A . 
D 4 HOH 62 2062 2062 HOH HOH A . 
D 4 HOH 63 2063 2063 HOH HOH A . 
D 4 HOH 64 2064 2064 HOH HOH A . 
D 4 HOH 65 2065 2065 HOH HOH A . 
D 4 HOH 66 2066 2066 HOH HOH A . 
D 4 HOH 67 2067 2067 HOH HOH A . 
# 
_pdbx_struct_assembly.id                   1 
_pdbx_struct_assembly.details              author_and_software_defined_assembly 
_pdbx_struct_assembly.method_details       PISA 
_pdbx_struct_assembly.oligomeric_details   monomeric 
_pdbx_struct_assembly.oligomeric_count     1 
# 
_pdbx_struct_assembly_gen.assembly_id       1 
_pdbx_struct_assembly_gen.oper_expression   1 
_pdbx_struct_assembly_gen.asym_id_list      A,B,C,D 
# 
_pdbx_struct_oper_list.id                   1 
_pdbx_struct_oper_list.type                 'identity operation' 
_pdbx_struct_oper_list.name                 1_555 
_pdbx_struct_oper_list.symmetry_operation   x,y,z 
_pdbx_struct_oper_list.matrix[1][1]         1.0000000000 
_pdbx_struct_oper_list.matrix[1][2]         0.0000000000 
_pdbx_struct_oper_list.matrix[1][3]         0.0000000000 
_pdbx_struct_oper_list.vector[1]            0.0000000000 
_pdbx_struct_oper_list.matrix[2][1]         0.0000000000 
_pdbx_struct_oper_list.matrix[2][2]         1.0000000000 
_pdbx_struct_oper_list.matrix[2][3]         0.0000000000 
_pdbx_struct_oper_list.vector[2]            0.0000000000 
_pdbx_struct_oper_list.matrix[3][1]         0.0000000000 
_pdbx_struct_oper_list.matrix[3][2]         0.0000000000 
_pdbx_struct_oper_list.matrix[3][3]         1.0000000000 
_pdbx_struct_oper_list.vector[3]            0.0000000000 
# 
loop_
_pdbx_audit_revision_history.ordinal 
_pdbx_audit_revision_history.data_content_type 
_pdbx_audit_revision_history.major_revision 
_pdbx_audit_revision_history.minor_revision 
_pdbx_audit_revision_history.revision_date 
1 'Structure model' 1 0 2010-07-21 
2 'Structure model' 1 1 2011-05-08 
3 'Structure model' 1 2 2011-07-13 
4 'Structure model' 1 3 2023-12-20 
# 
_pdbx_audit_revision_details.ordinal             1 
_pdbx_audit_revision_details.revision_ordinal    1 
_pdbx_audit_revision_details.data_content_type   'Structure model' 
_pdbx_audit_revision_details.provider            repository 
_pdbx_audit_revision_details.type                'Initial release' 
_pdbx_audit_revision_details.description         ? 
_pdbx_audit_revision_details.details             ? 
# 
loop_
_pdbx_audit_revision_group.ordinal 
_pdbx_audit_revision_group.revision_ordinal 
_pdbx_audit_revision_group.data_content_type 
_pdbx_audit_revision_group.group 
1 2 'Structure model' 'Version format compliance' 
2 3 'Structure model' 'Version format compliance' 
3 4 'Structure model' 'Data collection'           
4 4 'Structure model' 'Database references'       
5 4 'Structure model' 'Derived calculations'      
6 4 'Structure model' Other                       
7 4 'Structure model' 'Refinement description'    
# 
loop_
_pdbx_audit_revision_category.ordinal 
_pdbx_audit_revision_category.revision_ordinal 
_pdbx_audit_revision_category.data_content_type 
_pdbx_audit_revision_category.category 
1 4 'Structure model' chem_comp_atom                
2 4 'Structure model' chem_comp_bond                
3 4 'Structure model' database_2                    
4 4 'Structure model' pdbx_database_status          
5 4 'Structure model' pdbx_initial_refinement_model 
6 4 'Structure model' struct_site                   
# 
loop_
_pdbx_audit_revision_item.ordinal 
_pdbx_audit_revision_item.revision_ordinal 
_pdbx_audit_revision_item.data_content_type 
_pdbx_audit_revision_item.item 
1 4 'Structure model' '_database_2.pdbx_DOI'                 
2 4 'Structure model' '_database_2.pdbx_database_accession'  
3 4 'Structure model' '_pdbx_database_status.status_code_sf' 
4 4 'Structure model' '_struct_site.pdbx_auth_asym_id'       
5 4 'Structure model' '_struct_site.pdbx_auth_comp_id'       
6 4 'Structure model' '_struct_site.pdbx_auth_seq_id'        
# 
loop_
_software.name 
_software.classification 
_software.version 
_software.citation_id 
_software.pdbx_ordinal 
REFMAC refinement       5.5.0070 ? 1 
XDS    'data reduction' .        ? 2 
XSCALE 'data scaling'   .        ? 3 
MOLREP phasing          .        ? 4 
# 
_pdbx_validate_close_contact.id               1 
_pdbx_validate_close_contact.PDB_model_num    1 
_pdbx_validate_close_contact.auth_atom_id_1   OG 
_pdbx_validate_close_contact.auth_asym_id_1   A 
_pdbx_validate_close_contact.auth_comp_id_1   SER 
_pdbx_validate_close_contact.auth_seq_id_1    82 
_pdbx_validate_close_contact.PDB_ins_code_1   ? 
_pdbx_validate_close_contact.label_alt_id_1   ? 
_pdbx_validate_close_contact.auth_atom_id_2   O 
_pdbx_validate_close_contact.auth_asym_id_2   A 
_pdbx_validate_close_contact.auth_comp_id_2   HOH 
_pdbx_validate_close_contact.auth_seq_id_2    2021 
_pdbx_validate_close_contact.PDB_ins_code_2   ? 
_pdbx_validate_close_contact.label_alt_id_2   ? 
_pdbx_validate_close_contact.dist             2.17 
# 
_pdbx_validate_rmsd_angle.id                         1 
_pdbx_validate_rmsd_angle.PDB_model_num              1 
_pdbx_validate_rmsd_angle.auth_atom_id_1             NE 
_pdbx_validate_rmsd_angle.auth_asym_id_1             A 
_pdbx_validate_rmsd_angle.auth_comp_id_1             ARG 
_pdbx_validate_rmsd_angle.auth_seq_id_1              69 
_pdbx_validate_rmsd_angle.PDB_ins_code_1             ? 
_pdbx_validate_rmsd_angle.label_alt_id_1             ? 
_pdbx_validate_rmsd_angle.auth_atom_id_2             CZ 
_pdbx_validate_rmsd_angle.auth_asym_id_2             A 
_pdbx_validate_rmsd_angle.auth_comp_id_2             ARG 
_pdbx_validate_rmsd_angle.auth_seq_id_2              69 
_pdbx_validate_rmsd_angle.PDB_ins_code_2             ? 
_pdbx_validate_rmsd_angle.label_alt_id_2             ? 
_pdbx_validate_rmsd_angle.auth_atom_id_3             NH2 
_pdbx_validate_rmsd_angle.auth_asym_id_3             A 
_pdbx_validate_rmsd_angle.auth_comp_id_3             ARG 
_pdbx_validate_rmsd_angle.auth_seq_id_3              69 
_pdbx_validate_rmsd_angle.PDB_ins_code_3             ? 
_pdbx_validate_rmsd_angle.label_alt_id_3             ? 
_pdbx_validate_rmsd_angle.angle_value                117.24 
_pdbx_validate_rmsd_angle.angle_target_value         120.30 
_pdbx_validate_rmsd_angle.angle_deviation            -3.06 
_pdbx_validate_rmsd_angle.angle_standard_deviation   0.50 
_pdbx_validate_rmsd_angle.linker_flag                N 
# 
loop_
_pdbx_validate_torsion.id 
_pdbx_validate_torsion.PDB_model_num 
_pdbx_validate_torsion.auth_comp_id 
_pdbx_validate_torsion.auth_asym_id 
_pdbx_validate_torsion.auth_seq_id 
_pdbx_validate_torsion.PDB_ins_code 
_pdbx_validate_torsion.label_alt_id 
_pdbx_validate_torsion.phi 
_pdbx_validate_torsion.psi 
1 1 ASN A 60  ? ? 55.87 15.17  
2 1 ASP A 156 ? ? 89.56 -30.77 
# 
loop_
_pdbx_unobs_or_zero_occ_residues.id 
_pdbx_unobs_or_zero_occ_residues.PDB_model_num 
_pdbx_unobs_or_zero_occ_residues.polymer_flag 
_pdbx_unobs_or_zero_occ_residues.occupancy_flag 
_pdbx_unobs_or_zero_occ_residues.auth_asym_id 
_pdbx_unobs_or_zero_occ_residues.auth_comp_id 
_pdbx_unobs_or_zero_occ_residues.auth_seq_id 
_pdbx_unobs_or_zero_occ_residues.PDB_ins_code 
_pdbx_unobs_or_zero_occ_residues.label_asym_id 
_pdbx_unobs_or_zero_occ_residues.label_comp_id 
_pdbx_unobs_or_zero_occ_residues.label_seq_id 
1  1 Y 1 A GLY 0   ? A GLY 1   
2  1 Y 1 A MET 1   ? A MET 2   
3  1 Y 1 A GLU 2   ? A GLU 3   
4  1 Y 1 A LEU 3   ? A LEU 4   
5  1 Y 1 A ALA 4   ? A ALA 5   
6  1 Y 1 A GLU 5   ? A GLU 6   
7  1 Y 1 A LYS 6   ? A LYS 7   
8  1 Y 1 A ASP 7   ? A ASP 8   
9  1 Y 1 A LYS 8   ? A LYS 9   
10 1 Y 1 A GLY 9   ? A GLY 10  
11 1 Y 1 A ARG 10  ? A ARG 11  
12 1 Y 1 A LEU 167 ? A LEU 168 
# 
loop_
_chem_comp_atom.comp_id 
_chem_comp_atom.atom_id 
_chem_comp_atom.type_symbol 
_chem_comp_atom.pdbx_aromatic_flag 
_chem_comp_atom.pdbx_stereo_config 
_chem_comp_atom.pdbx_ordinal 
ALA N    N  N N 1   
ALA CA   C  N S 2   
ALA C    C  N N 3   
ALA O    O  N N 4   
ALA CB   C  N N 5   
ALA OXT  O  N N 6   
ALA H    H  N N 7   
ALA H2   H  N N 8   
ALA HA   H  N N 9   
ALA HB1  H  N N 10  
ALA HB2  H  N N 11  
ALA HB3  H  N N 12  
ALA HXT  H  N N 13  
ARG N    N  N N 14  
ARG CA   C  N S 15  
ARG C    C  N N 16  
ARG O    O  N N 17  
ARG CB   C  N N 18  
ARG CG   C  N N 19  
ARG CD   C  N N 20  
ARG NE   N  N N 21  
ARG CZ   C  N N 22  
ARG NH1  N  N N 23  
ARG NH2  N  N N 24  
ARG OXT  O  N N 25  
ARG H    H  N N 26  
ARG H2   H  N N 27  
ARG HA   H  N N 28  
ARG HB2  H  N N 29  
ARG HB3  H  N N 30  
ARG HG2  H  N N 31  
ARG HG3  H  N N 32  
ARG HD2  H  N N 33  
ARG HD3  H  N N 34  
ARG HE   H  N N 35  
ARG HH11 H  N N 36  
ARG HH12 H  N N 37  
ARG HH21 H  N N 38  
ARG HH22 H  N N 39  
ARG HXT  H  N N 40  
ASN N    N  N N 41  
ASN CA   C  N S 42  
ASN C    C  N N 43  
ASN O    O  N N 44  
ASN CB   C  N N 45  
ASN CG   C  N N 46  
ASN OD1  O  N N 47  
ASN ND2  N  N N 48  
ASN OXT  O  N N 49  
ASN H    H  N N 50  
ASN H2   H  N N 51  
ASN HA   H  N N 52  
ASN HB2  H  N N 53  
ASN HB3  H  N N 54  
ASN HD21 H  N N 55  
ASN HD22 H  N N 56  
ASN HXT  H  N N 57  
ASP N    N  N N 58  
ASP CA   C  N S 59  
ASP C    C  N N 60  
ASP O    O  N N 61  
ASP CB   C  N N 62  
ASP CG   C  N N 63  
ASP OD1  O  N N 64  
ASP OD2  O  N N 65  
ASP OXT  O  N N 66  
ASP H    H  N N 67  
ASP H2   H  N N 68  
ASP HA   H  N N 69  
ASP HB2  H  N N 70  
ASP HB3  H  N N 71  
ASP HD2  H  N N 72  
ASP HXT  H  N N 73  
CL  CL   CL N N 74  
COA N1A  N  Y N 75  
COA C2A  C  Y N 76  
COA N3A  N  Y N 77  
COA C4A  C  Y N 78  
COA C5A  C  Y N 79  
COA C6A  C  Y N 80  
COA N6A  N  N N 81  
COA N7A  N  Y N 82  
COA C8A  C  Y N 83  
COA N9A  N  Y N 84  
COA C1B  C  N R 85  
COA C2B  C  N R 86  
COA O2B  O  N N 87  
COA C3B  C  N S 88  
COA O3B  O  N N 89  
COA P3B  P  N N 90  
COA O7A  O  N N 91  
COA O8A  O  N N 92  
COA O9A  O  N N 93  
COA C4B  C  N R 94  
COA O4B  O  N N 95  
COA C5B  C  N N 96  
COA O5B  O  N N 97  
COA P1A  P  N S 98  
COA O1A  O  N N 99  
COA O2A  O  N N 100 
COA O3A  O  N N 101 
COA P2A  P  N S 102 
COA O4A  O  N N 103 
COA O5A  O  N N 104 
COA O6A  O  N N 105 
COA CBP  C  N N 106 
COA CCP  C  N N 107 
COA CDP  C  N N 108 
COA CEP  C  N N 109 
COA CAP  C  N R 110 
COA OAP  O  N N 111 
COA C9P  C  N N 112 
COA O9P  O  N N 113 
COA N8P  N  N N 114 
COA C7P  C  N N 115 
COA C6P  C  N N 116 
COA C5P  C  N N 117 
COA O5P  O  N N 118 
COA N4P  N  N N 119 
COA C3P  C  N N 120 
COA C2P  C  N N 121 
COA S1P  S  N N 122 
COA H2A  H  N N 123 
COA H61A H  N N 124 
COA H62A H  N N 125 
COA H8A  H  N N 126 
COA H1B  H  N N 127 
COA H2B  H  N N 128 
COA HO2A H  N N 129 
COA H3B  H  N N 130 
COA HOA8 H  N N 131 
COA HOA9 H  N N 132 
COA H4B  H  N N 133 
COA H51A H  N N 134 
COA H52A H  N N 135 
COA HOA2 H  N N 136 
COA HOA5 H  N N 137 
COA H121 H  N N 138 
COA H122 H  N N 139 
COA H131 H  N N 140 
COA H132 H  N N 141 
COA H133 H  N N 142 
COA H141 H  N N 143 
COA H142 H  N N 144 
COA H143 H  N N 145 
COA H10  H  N N 146 
COA HO1  H  N N 147 
COA HN8  H  N N 148 
COA H71  H  N N 149 
COA H72  H  N N 150 
COA H61  H  N N 151 
COA H62  H  N N 152 
COA HN4  H  N N 153 
COA H31  H  N N 154 
COA H32  H  N N 155 
COA H21  H  N N 156 
COA H22  H  N N 157 
COA HS1  H  N N 158 
GLN N    N  N N 159 
GLN CA   C  N S 160 
GLN C    C  N N 161 
GLN O    O  N N 162 
GLN CB   C  N N 163 
GLN CG   C  N N 164 
GLN CD   C  N N 165 
GLN OE1  O  N N 166 
GLN NE2  N  N N 167 
GLN OXT  O  N N 168 
GLN H    H  N N 169 
GLN H2   H  N N 170 
GLN HA   H  N N 171 
GLN HB2  H  N N 172 
GLN HB3  H  N N 173 
GLN HG2  H  N N 174 
GLN HG3  H  N N 175 
GLN HE21 H  N N 176 
GLN HE22 H  N N 177 
GLN HXT  H  N N 178 
GLU N    N  N N 179 
GLU CA   C  N S 180 
GLU C    C  N N 181 
GLU O    O  N N 182 
GLU CB   C  N N 183 
GLU CG   C  N N 184 
GLU CD   C  N N 185 
GLU OE1  O  N N 186 
GLU OE2  O  N N 187 
GLU OXT  O  N N 188 
GLU H    H  N N 189 
GLU H2   H  N N 190 
GLU HA   H  N N 191 
GLU HB2  H  N N 192 
GLU HB3  H  N N 193 
GLU HG2  H  N N 194 
GLU HG3  H  N N 195 
GLU HE2  H  N N 196 
GLU HXT  H  N N 197 
GLY N    N  N N 198 
GLY CA   C  N N 199 
GLY C    C  N N 200 
GLY O    O  N N 201 
GLY OXT  O  N N 202 
GLY H    H  N N 203 
GLY H2   H  N N 204 
GLY HA2  H  N N 205 
GLY HA3  H  N N 206 
GLY HXT  H  N N 207 
HIS N    N  N N 208 
HIS CA   C  N S 209 
HIS C    C  N N 210 
HIS O    O  N N 211 
HIS CB   C  N N 212 
HIS CG   C  Y N 213 
HIS ND1  N  Y N 214 
HIS CD2  C  Y N 215 
HIS CE1  C  Y N 216 
HIS NE2  N  Y N 217 
HIS OXT  O  N N 218 
HIS H    H  N N 219 
HIS H2   H  N N 220 
HIS HA   H  N N 221 
HIS HB2  H  N N 222 
HIS HB3  H  N N 223 
HIS HD1  H  N N 224 
HIS HD2  H  N N 225 
HIS HE1  H  N N 226 
HIS HE2  H  N N 227 
HIS HXT  H  N N 228 
HOH O    O  N N 229 
HOH H1   H  N N 230 
HOH H2   H  N N 231 
ILE N    N  N N 232 
ILE CA   C  N S 233 
ILE C    C  N N 234 
ILE O    O  N N 235 
ILE CB   C  N S 236 
ILE CG1  C  N N 237 
ILE CG2  C  N N 238 
ILE CD1  C  N N 239 
ILE OXT  O  N N 240 
ILE H    H  N N 241 
ILE H2   H  N N 242 
ILE HA   H  N N 243 
ILE HB   H  N N 244 
ILE HG12 H  N N 245 
ILE HG13 H  N N 246 
ILE HG21 H  N N 247 
ILE HG22 H  N N 248 
ILE HG23 H  N N 249 
ILE HD11 H  N N 250 
ILE HD12 H  N N 251 
ILE HD13 H  N N 252 
ILE HXT  H  N N 253 
LEU N    N  N N 254 
LEU CA   C  N S 255 
LEU C    C  N N 256 
LEU O    O  N N 257 
LEU CB   C  N N 258 
LEU CG   C  N N 259 
LEU CD1  C  N N 260 
LEU CD2  C  N N 261 
LEU OXT  O  N N 262 
LEU H    H  N N 263 
LEU H2   H  N N 264 
LEU HA   H  N N 265 
LEU HB2  H  N N 266 
LEU HB3  H  N N 267 
LEU HG   H  N N 268 
LEU HD11 H  N N 269 
LEU HD12 H  N N 270 
LEU HD13 H  N N 271 
LEU HD21 H  N N 272 
LEU HD22 H  N N 273 
LEU HD23 H  N N 274 
LEU HXT  H  N N 275 
LYS N    N  N N 276 
LYS CA   C  N S 277 
LYS C    C  N N 278 
LYS O    O  N N 279 
LYS CB   C  N N 280 
LYS CG   C  N N 281 
LYS CD   C  N N 282 
LYS CE   C  N N 283 
LYS NZ   N  N N 284 
LYS OXT  O  N N 285 
LYS H    H  N N 286 
LYS H2   H  N N 287 
LYS HA   H  N N 288 
LYS HB2  H  N N 289 
LYS HB3  H  N N 290 
LYS HG2  H  N N 291 
LYS HG3  H  N N 292 
LYS HD2  H  N N 293 
LYS HD3  H  N N 294 
LYS HE2  H  N N 295 
LYS HE3  H  N N 296 
LYS HZ1  H  N N 297 
LYS HZ2  H  N N 298 
LYS HZ3  H  N N 299 
LYS HXT  H  N N 300 
MET N    N  N N 301 
MET CA   C  N S 302 
MET C    C  N N 303 
MET O    O  N N 304 
MET CB   C  N N 305 
MET CG   C  N N 306 
MET SD   S  N N 307 
MET CE   C  N N 308 
MET OXT  O  N N 309 
MET H    H  N N 310 
MET H2   H  N N 311 
MET HA   H  N N 312 
MET HB2  H  N N 313 
MET HB3  H  N N 314 
MET HG2  H  N N 315 
MET HG3  H  N N 316 
MET HE1  H  N N 317 
MET HE2  H  N N 318 
MET HE3  H  N N 319 
MET HXT  H  N N 320 
PHE N    N  N N 321 
PHE CA   C  N S 322 
PHE C    C  N N 323 
PHE O    O  N N 324 
PHE CB   C  N N 325 
PHE CG   C  Y N 326 
PHE CD1  C  Y N 327 
PHE CD2  C  Y N 328 
PHE CE1  C  Y N 329 
PHE CE2  C  Y N 330 
PHE CZ   C  Y N 331 
PHE OXT  O  N N 332 
PHE H    H  N N 333 
PHE H2   H  N N 334 
PHE HA   H  N N 335 
PHE HB2  H  N N 336 
PHE HB3  H  N N 337 
PHE HD1  H  N N 338 
PHE HD2  H  N N 339 
PHE HE1  H  N N 340 
PHE HE2  H  N N 341 
PHE HZ   H  N N 342 
PHE HXT  H  N N 343 
PRO N    N  N N 344 
PRO CA   C  N S 345 
PRO C    C  N N 346 
PRO O    O  N N 347 
PRO CB   C  N N 348 
PRO CG   C  N N 349 
PRO CD   C  N N 350 
PRO OXT  O  N N 351 
PRO H    H  N N 352 
PRO HA   H  N N 353 
PRO HB2  H  N N 354 
PRO HB3  H  N N 355 
PRO HG2  H  N N 356 
PRO HG3  H  N N 357 
PRO HD2  H  N N 358 
PRO HD3  H  N N 359 
PRO HXT  H  N N 360 
SER N    N  N N 361 
SER CA   C  N S 362 
SER C    C  N N 363 
SER O    O  N N 364 
SER CB   C  N N 365 
SER OG   O  N N 366 
SER OXT  O  N N 367 
SER H    H  N N 368 
SER H2   H  N N 369 
SER HA   H  N N 370 
SER HB2  H  N N 371 
SER HB3  H  N N 372 
SER HG   H  N N 373 
SER HXT  H  N N 374 
THR N    N  N N 375 
THR CA   C  N S 376 
THR C    C  N N 377 
THR O    O  N N 378 
THR CB   C  N R 379 
THR OG1  O  N N 380 
THR CG2  C  N N 381 
THR OXT  O  N N 382 
THR H    H  N N 383 
THR H2   H  N N 384 
THR HA   H  N N 385 
THR HB   H  N N 386 
THR HG1  H  N N 387 
THR HG21 H  N N 388 
THR HG22 H  N N 389 
THR HG23 H  N N 390 
THR HXT  H  N N 391 
TRP N    N  N N 392 
TRP CA   C  N S 393 
TRP C    C  N N 394 
TRP O    O  N N 395 
TRP CB   C  N N 396 
TRP CG   C  Y N 397 
TRP CD1  C  Y N 398 
TRP CD2  C  Y N 399 
TRP NE1  N  Y N 400 
TRP CE2  C  Y N 401 
TRP CE3  C  Y N 402 
TRP CZ2  C  Y N 403 
TRP CZ3  C  Y N 404 
TRP CH2  C  Y N 405 
TRP OXT  O  N N 406 
TRP H    H  N N 407 
TRP H2   H  N N 408 
TRP HA   H  N N 409 
TRP HB2  H  N N 410 
TRP HB3  H  N N 411 
TRP HD1  H  N N 412 
TRP HE1  H  N N 413 
TRP HE3  H  N N 414 
TRP HZ2  H  N N 415 
TRP HZ3  H  N N 416 
TRP HH2  H  N N 417 
TRP HXT  H  N N 418 
TYR N    N  N N 419 
TYR CA   C  N S 420 
TYR C    C  N N 421 
TYR O    O  N N 422 
TYR CB   C  N N 423 
TYR CG   C  Y N 424 
TYR CD1  C  Y N 425 
TYR CD2  C  Y N 426 
TYR CE1  C  Y N 427 
TYR CE2  C  Y N 428 
TYR CZ   C  Y N 429 
TYR OH   O  N N 430 
TYR OXT  O  N N 431 
TYR H    H  N N 432 
TYR H2   H  N N 433 
TYR HA   H  N N 434 
TYR HB2  H  N N 435 
TYR HB3  H  N N 436 
TYR HD1  H  N N 437 
TYR HD2  H  N N 438 
TYR HE1  H  N N 439 
TYR HE2  H  N N 440 
TYR HH   H  N N 441 
TYR HXT  H  N N 442 
VAL N    N  N N 443 
VAL CA   C  N S 444 
VAL C    C  N N 445 
VAL O    O  N N 446 
VAL CB   C  N N 447 
VAL CG1  C  N N 448 
VAL CG2  C  N N 449 
VAL OXT  O  N N 450 
VAL H    H  N N 451 
VAL H2   H  N N 452 
VAL HA   H  N N 453 
VAL HB   H  N N 454 
VAL HG11 H  N N 455 
VAL HG12 H  N N 456 
VAL HG13 H  N N 457 
VAL HG21 H  N N 458 
VAL HG22 H  N N 459 
VAL HG23 H  N N 460 
VAL HXT  H  N N 461 
# 
loop_
_chem_comp_bond.comp_id 
_chem_comp_bond.atom_id_1 
_chem_comp_bond.atom_id_2 
_chem_comp_bond.value_order 
_chem_comp_bond.pdbx_aromatic_flag 
_chem_comp_bond.pdbx_stereo_config 
_chem_comp_bond.pdbx_ordinal 
ALA N   CA   sing N N 1   
ALA N   H    sing N N 2   
ALA N   H2   sing N N 3   
ALA CA  C    sing N N 4   
ALA CA  CB   sing N N 5   
ALA CA  HA   sing N N 6   
ALA C   O    doub N N 7   
ALA C   OXT  sing N N 8   
ALA CB  HB1  sing N N 9   
ALA CB  HB2  sing N N 10  
ALA CB  HB3  sing N N 11  
ALA OXT HXT  sing N N 12  
ARG N   CA   sing N N 13  
ARG N   H    sing N N 14  
ARG N   H2   sing N N 15  
ARG CA  C    sing N N 16  
ARG CA  CB   sing N N 17  
ARG CA  HA   sing N N 18  
ARG C   O    doub N N 19  
ARG C   OXT  sing N N 20  
ARG CB  CG   sing N N 21  
ARG CB  HB2  sing N N 22  
ARG CB  HB3  sing N N 23  
ARG CG  CD   sing N N 24  
ARG CG  HG2  sing N N 25  
ARG CG  HG3  sing N N 26  
ARG CD  NE   sing N N 27  
ARG CD  HD2  sing N N 28  
ARG CD  HD3  sing N N 29  
ARG NE  CZ   sing N N 30  
ARG NE  HE   sing N N 31  
ARG CZ  NH1  sing N N 32  
ARG CZ  NH2  doub N N 33  
ARG NH1 HH11 sing N N 34  
ARG NH1 HH12 sing N N 35  
ARG NH2 HH21 sing N N 36  
ARG NH2 HH22 sing N N 37  
ARG OXT HXT  sing N N 38  
ASN N   CA   sing N N 39  
ASN N   H    sing N N 40  
ASN N   H2   sing N N 41  
ASN CA  C    sing N N 42  
ASN CA  CB   sing N N 43  
ASN CA  HA   sing N N 44  
ASN C   O    doub N N 45  
ASN C   OXT  sing N N 46  
ASN CB  CG   sing N N 47  
ASN CB  HB2  sing N N 48  
ASN CB  HB3  sing N N 49  
ASN CG  OD1  doub N N 50  
ASN CG  ND2  sing N N 51  
ASN ND2 HD21 sing N N 52  
ASN ND2 HD22 sing N N 53  
ASN OXT HXT  sing N N 54  
ASP N   CA   sing N N 55  
ASP N   H    sing N N 56  
ASP N   H2   sing N N 57  
ASP CA  C    sing N N 58  
ASP CA  CB   sing N N 59  
ASP CA  HA   sing N N 60  
ASP C   O    doub N N 61  
ASP C   OXT  sing N N 62  
ASP CB  CG   sing N N 63  
ASP CB  HB2  sing N N 64  
ASP CB  HB3  sing N N 65  
ASP CG  OD1  doub N N 66  
ASP CG  OD2  sing N N 67  
ASP OD2 HD2  sing N N 68  
ASP OXT HXT  sing N N 69  
COA N1A C2A  sing Y N 70  
COA N1A C6A  doub Y N 71  
COA C2A N3A  doub Y N 72  
COA C2A H2A  sing N N 73  
COA N3A C4A  sing Y N 74  
COA C4A C5A  doub Y N 75  
COA C4A N9A  sing Y N 76  
COA C5A C6A  sing Y N 77  
COA C5A N7A  sing Y N 78  
COA C6A N6A  sing N N 79  
COA N6A H61A sing N N 80  
COA N6A H62A sing N N 81  
COA N7A C8A  doub Y N 82  
COA C8A N9A  sing Y N 83  
COA C8A H8A  sing N N 84  
COA N9A C1B  sing N N 85  
COA C1B C2B  sing N N 86  
COA C1B O4B  sing N N 87  
COA C1B H1B  sing N N 88  
COA C2B O2B  sing N N 89  
COA C2B C3B  sing N N 90  
COA C2B H2B  sing N N 91  
COA O2B HO2A sing N N 92  
COA C3B O3B  sing N N 93  
COA C3B C4B  sing N N 94  
COA C3B H3B  sing N N 95  
COA O3B P3B  sing N N 96  
COA P3B O7A  doub N N 97  
COA P3B O8A  sing N N 98  
COA P3B O9A  sing N N 99  
COA O8A HOA8 sing N N 100 
COA O9A HOA9 sing N N 101 
COA C4B O4B  sing N N 102 
COA C4B C5B  sing N N 103 
COA C4B H4B  sing N N 104 
COA C5B O5B  sing N N 105 
COA C5B H51A sing N N 106 
COA C5B H52A sing N N 107 
COA O5B P1A  sing N N 108 
COA P1A O1A  doub N N 109 
COA P1A O2A  sing N N 110 
COA P1A O3A  sing N N 111 
COA O2A HOA2 sing N N 112 
COA O3A P2A  sing N N 113 
COA P2A O4A  doub N N 114 
COA P2A O5A  sing N N 115 
COA P2A O6A  sing N N 116 
COA O5A HOA5 sing N N 117 
COA O6A CCP  sing N N 118 
COA CBP CCP  sing N N 119 
COA CBP CDP  sing N N 120 
COA CBP CEP  sing N N 121 
COA CBP CAP  sing N N 122 
COA CCP H121 sing N N 123 
COA CCP H122 sing N N 124 
COA CDP H131 sing N N 125 
COA CDP H132 sing N N 126 
COA CDP H133 sing N N 127 
COA CEP H141 sing N N 128 
COA CEP H142 sing N N 129 
COA CEP H143 sing N N 130 
COA CAP OAP  sing N N 131 
COA CAP C9P  sing N N 132 
COA CAP H10  sing N N 133 
COA OAP HO1  sing N N 134 
COA C9P O9P  doub N N 135 
COA C9P N8P  sing N N 136 
COA N8P C7P  sing N N 137 
COA N8P HN8  sing N N 138 
COA C7P C6P  sing N N 139 
COA C7P H71  sing N N 140 
COA C7P H72  sing N N 141 
COA C6P C5P  sing N N 142 
COA C6P H61  sing N N 143 
COA C6P H62  sing N N 144 
COA C5P O5P  doub N N 145 
COA C5P N4P  sing N N 146 
COA N4P C3P  sing N N 147 
COA N4P HN4  sing N N 148 
COA C3P C2P  sing N N 149 
COA C3P H31  sing N N 150 
COA C3P H32  sing N N 151 
COA C2P S1P  sing N N 152 
COA C2P H21  sing N N 153 
COA C2P H22  sing N N 154 
COA S1P HS1  sing N N 155 
GLN N   CA   sing N N 156 
GLN N   H    sing N N 157 
GLN N   H2   sing N N 158 
GLN CA  C    sing N N 159 
GLN CA  CB   sing N N 160 
GLN CA  HA   sing N N 161 
GLN C   O    doub N N 162 
GLN C   OXT  sing N N 163 
GLN CB  CG   sing N N 164 
GLN CB  HB2  sing N N 165 
GLN CB  HB3  sing N N 166 
GLN CG  CD   sing N N 167 
GLN CG  HG2  sing N N 168 
GLN CG  HG3  sing N N 169 
GLN CD  OE1  doub N N 170 
GLN CD  NE2  sing N N 171 
GLN NE2 HE21 sing N N 172 
GLN NE2 HE22 sing N N 173 
GLN OXT HXT  sing N N 174 
GLU N   CA   sing N N 175 
GLU N   H    sing N N 176 
GLU N   H2   sing N N 177 
GLU CA  C    sing N N 178 
GLU CA  CB   sing N N 179 
GLU CA  HA   sing N N 180 
GLU C   O    doub N N 181 
GLU C   OXT  sing N N 182 
GLU CB  CG   sing N N 183 
GLU CB  HB2  sing N N 184 
GLU CB  HB3  sing N N 185 
GLU CG  CD   sing N N 186 
GLU CG  HG2  sing N N 187 
GLU CG  HG3  sing N N 188 
GLU CD  OE1  doub N N 189 
GLU CD  OE2  sing N N 190 
GLU OE2 HE2  sing N N 191 
GLU OXT HXT  sing N N 192 
GLY N   CA   sing N N 193 
GLY N   H    sing N N 194 
GLY N   H2   sing N N 195 
GLY CA  C    sing N N 196 
GLY CA  HA2  sing N N 197 
GLY CA  HA3  sing N N 198 
GLY C   O    doub N N 199 
GLY C   OXT  sing N N 200 
GLY OXT HXT  sing N N 201 
HIS N   CA   sing N N 202 
HIS N   H    sing N N 203 
HIS N   H2   sing N N 204 
HIS CA  C    sing N N 205 
HIS CA  CB   sing N N 206 
HIS CA  HA   sing N N 207 
HIS C   O    doub N N 208 
HIS C   OXT  sing N N 209 
HIS CB  CG   sing N N 210 
HIS CB  HB2  sing N N 211 
HIS CB  HB3  sing N N 212 
HIS CG  ND1  sing Y N 213 
HIS CG  CD2  doub Y N 214 
HIS ND1 CE1  doub Y N 215 
HIS ND1 HD1  sing N N 216 
HIS CD2 NE2  sing Y N 217 
HIS CD2 HD2  sing N N 218 
HIS CE1 NE2  sing Y N 219 
HIS CE1 HE1  sing N N 220 
HIS NE2 HE2  sing N N 221 
HIS OXT HXT  sing N N 222 
HOH O   H1   sing N N 223 
HOH O   H2   sing N N 224 
ILE N   CA   sing N N 225 
ILE N   H    sing N N 226 
ILE N   H2   sing N N 227 
ILE CA  C    sing N N 228 
ILE CA  CB   sing N N 229 
ILE CA  HA   sing N N 230 
ILE C   O    doub N N 231 
ILE C   OXT  sing N N 232 
ILE CB  CG1  sing N N 233 
ILE CB  CG2  sing N N 234 
ILE CB  HB   sing N N 235 
ILE CG1 CD1  sing N N 236 
ILE CG1 HG12 sing N N 237 
ILE CG1 HG13 sing N N 238 
ILE CG2 HG21 sing N N 239 
ILE CG2 HG22 sing N N 240 
ILE CG2 HG23 sing N N 241 
ILE CD1 HD11 sing N N 242 
ILE CD1 HD12 sing N N 243 
ILE CD1 HD13 sing N N 244 
ILE OXT HXT  sing N N 245 
LEU N   CA   sing N N 246 
LEU N   H    sing N N 247 
LEU N   H2   sing N N 248 
LEU CA  C    sing N N 249 
LEU CA  CB   sing N N 250 
LEU CA  HA   sing N N 251 
LEU C   O    doub N N 252 
LEU C   OXT  sing N N 253 
LEU CB  CG   sing N N 254 
LEU CB  HB2  sing N N 255 
LEU CB  HB3  sing N N 256 
LEU CG  CD1  sing N N 257 
LEU CG  CD2  sing N N 258 
LEU CG  HG   sing N N 259 
LEU CD1 HD11 sing N N 260 
LEU CD1 HD12 sing N N 261 
LEU CD1 HD13 sing N N 262 
LEU CD2 HD21 sing N N 263 
LEU CD2 HD22 sing N N 264 
LEU CD2 HD23 sing N N 265 
LEU OXT HXT  sing N N 266 
LYS N   CA   sing N N 267 
LYS N   H    sing N N 268 
LYS N   H2   sing N N 269 
LYS CA  C    sing N N 270 
LYS CA  CB   sing N N 271 
LYS CA  HA   sing N N 272 
LYS C   O    doub N N 273 
LYS C   OXT  sing N N 274 
LYS CB  CG   sing N N 275 
LYS CB  HB2  sing N N 276 
LYS CB  HB3  sing N N 277 
LYS CG  CD   sing N N 278 
LYS CG  HG2  sing N N 279 
LYS CG  HG3  sing N N 280 
LYS CD  CE   sing N N 281 
LYS CD  HD2  sing N N 282 
LYS CD  HD3  sing N N 283 
LYS CE  NZ   sing N N 284 
LYS CE  HE2  sing N N 285 
LYS CE  HE3  sing N N 286 
LYS NZ  HZ1  sing N N 287 
LYS NZ  HZ2  sing N N 288 
LYS NZ  HZ3  sing N N 289 
LYS OXT HXT  sing N N 290 
MET N   CA   sing N N 291 
MET N   H    sing N N 292 
MET N   H2   sing N N 293 
MET CA  C    sing N N 294 
MET CA  CB   sing N N 295 
MET CA  HA   sing N N 296 
MET C   O    doub N N 297 
MET C   OXT  sing N N 298 
MET CB  CG   sing N N 299 
MET CB  HB2  sing N N 300 
MET CB  HB3  sing N N 301 
MET CG  SD   sing N N 302 
MET CG  HG2  sing N N 303 
MET CG  HG3  sing N N 304 
MET SD  CE   sing N N 305 
MET CE  HE1  sing N N 306 
MET CE  HE2  sing N N 307 
MET CE  HE3  sing N N 308 
MET OXT HXT  sing N N 309 
PHE N   CA   sing N N 310 
PHE N   H    sing N N 311 
PHE N   H2   sing N N 312 
PHE CA  C    sing N N 313 
PHE CA  CB   sing N N 314 
PHE CA  HA   sing N N 315 
PHE C   O    doub N N 316 
PHE C   OXT  sing N N 317 
PHE CB  CG   sing N N 318 
PHE CB  HB2  sing N N 319 
PHE CB  HB3  sing N N 320 
PHE CG  CD1  doub Y N 321 
PHE CG  CD2  sing Y N 322 
PHE CD1 CE1  sing Y N 323 
PHE CD1 HD1  sing N N 324 
PHE CD2 CE2  doub Y N 325 
PHE CD2 HD2  sing N N 326 
PHE CE1 CZ   doub Y N 327 
PHE CE1 HE1  sing N N 328 
PHE CE2 CZ   sing Y N 329 
PHE CE2 HE2  sing N N 330 
PHE CZ  HZ   sing N N 331 
PHE OXT HXT  sing N N 332 
PRO N   CA   sing N N 333 
PRO N   CD   sing N N 334 
PRO N   H    sing N N 335 
PRO CA  C    sing N N 336 
PRO CA  CB   sing N N 337 
PRO CA  HA   sing N N 338 
PRO C   O    doub N N 339 
PRO C   OXT  sing N N 340 
PRO CB  CG   sing N N 341 
PRO CB  HB2  sing N N 342 
PRO CB  HB3  sing N N 343 
PRO CG  CD   sing N N 344 
PRO CG  HG2  sing N N 345 
PRO CG  HG3  sing N N 346 
PRO CD  HD2  sing N N 347 
PRO CD  HD3  sing N N 348 
PRO OXT HXT  sing N N 349 
SER N   CA   sing N N 350 
SER N   H    sing N N 351 
SER N   H2   sing N N 352 
SER CA  C    sing N N 353 
SER CA  CB   sing N N 354 
SER CA  HA   sing N N 355 
SER C   O    doub N N 356 
SER C   OXT  sing N N 357 
SER CB  OG   sing N N 358 
SER CB  HB2  sing N N 359 
SER CB  HB3  sing N N 360 
SER OG  HG   sing N N 361 
SER OXT HXT  sing N N 362 
THR N   CA   sing N N 363 
THR N   H    sing N N 364 
THR N   H2   sing N N 365 
THR CA  C    sing N N 366 
THR CA  CB   sing N N 367 
THR CA  HA   sing N N 368 
THR C   O    doub N N 369 
THR C   OXT  sing N N 370 
THR CB  OG1  sing N N 371 
THR CB  CG2  sing N N 372 
THR CB  HB   sing N N 373 
THR OG1 HG1  sing N N 374 
THR CG2 HG21 sing N N 375 
THR CG2 HG22 sing N N 376 
THR CG2 HG23 sing N N 377 
THR OXT HXT  sing N N 378 
TRP N   CA   sing N N 379 
TRP N   H    sing N N 380 
TRP N   H2   sing N N 381 
TRP CA  C    sing N N 382 
TRP CA  CB   sing N N 383 
TRP CA  HA   sing N N 384 
TRP C   O    doub N N 385 
TRP C   OXT  sing N N 386 
TRP CB  CG   sing N N 387 
TRP CB  HB2  sing N N 388 
TRP CB  HB3  sing N N 389 
TRP CG  CD1  doub Y N 390 
TRP CG  CD2  sing Y N 391 
TRP CD1 NE1  sing Y N 392 
TRP CD1 HD1  sing N N 393 
TRP CD2 CE2  doub Y N 394 
TRP CD2 CE3  sing Y N 395 
TRP NE1 CE2  sing Y N 396 
TRP NE1 HE1  sing N N 397 
TRP CE2 CZ2  sing Y N 398 
TRP CE3 CZ3  doub Y N 399 
TRP CE3 HE3  sing N N 400 
TRP CZ2 CH2  doub Y N 401 
TRP CZ2 HZ2  sing N N 402 
TRP CZ3 CH2  sing Y N 403 
TRP CZ3 HZ3  sing N N 404 
TRP CH2 HH2  sing N N 405 
TRP OXT HXT  sing N N 406 
TYR N   CA   sing N N 407 
TYR N   H    sing N N 408 
TYR N   H2   sing N N 409 
TYR CA  C    sing N N 410 
TYR CA  CB   sing N N 411 
TYR CA  HA   sing N N 412 
TYR C   O    doub N N 413 
TYR C   OXT  sing N N 414 
TYR CB  CG   sing N N 415 
TYR CB  HB2  sing N N 416 
TYR CB  HB3  sing N N 417 
TYR CG  CD1  doub Y N 418 
TYR CG  CD2  sing Y N 419 
TYR CD1 CE1  sing Y N 420 
TYR CD1 HD1  sing N N 421 
TYR CD2 CE2  doub Y N 422 
TYR CD2 HD2  sing N N 423 
TYR CE1 CZ   doub Y N 424 
TYR CE1 HE1  sing N N 425 
TYR CE2 CZ   sing Y N 426 
TYR CE2 HE2  sing N N 427 
TYR CZ  OH   sing N N 428 
TYR OH  HH   sing N N 429 
TYR OXT HXT  sing N N 430 
VAL N   CA   sing N N 431 
VAL N   H    sing N N 432 
VAL N   H2   sing N N 433 
VAL CA  C    sing N N 434 
VAL CA  CB   sing N N 435 
VAL CA  HA   sing N N 436 
VAL C   O    doub N N 437 
VAL C   OXT  sing N N 438 
VAL CB  CG1  sing N N 439 
VAL CB  CG2  sing N N 440 
VAL CB  HB   sing N N 441 
VAL CG1 HG11 sing N N 442 
VAL CG1 HG12 sing N N 443 
VAL CG1 HG13 sing N N 444 
VAL CG2 HG21 sing N N 445 
VAL CG2 HG22 sing N N 446 
VAL CG2 HG23 sing N N 447 
VAL OXT HXT  sing N N 448 
# 
loop_
_pdbx_entity_nonpoly.entity_id 
_pdbx_entity_nonpoly.name 
_pdbx_entity_nonpoly.comp_id 
2 'COENZYME A'   COA 
3 'CHLORIDE ION' CL  
4 water          HOH 
# 
_pdbx_initial_refinement_model.id               1 
_pdbx_initial_refinement_model.entity_id_list   ? 
_pdbx_initial_refinement_model.type             'experimental model' 
_pdbx_initial_refinement_model.source_name      PDB 
_pdbx_initial_refinement_model.accession_code   2OB0 
_pdbx_initial_refinement_model.details          'PDB ENTRY 2OB0' 
# 
